data_1P4P
# 
_entry.id   1P4P 
# 
_audit_conform.dict_name       mmcif_pdbx.dic 
_audit_conform.dict_version    5.376 
_audit_conform.dict_location   http://mmcif.pdb.org/dictionaries/ascii/mmcif_pdbx.dic 
# 
loop_
_database_2.database_id 
_database_2.database_code 
_database_2.pdbx_database_accession 
_database_2.pdbx_DOI 
PDB   1P4P         pdb_00001p4p 10.2210/pdb1p4p/pdb 
RCSB  RCSB019003   ?            ?                   
WWPDB D_1000019003 ?            ?                   
# 
loop_
_pdbx_database_related.db_name 
_pdbx_database_related.db_id 
_pdbx_database_related.details 
_pdbx_database_related.content_type 
PDB 1OSP 'OspA + an Fab' unspecified 
PDB 1FJ1 'OspA + an Fab' unspecified 
PDB 1GGQ OspC            unspecified 
# 
_pdbx_database_status.status_code                     REL 
_pdbx_database_status.entry_id                        1P4P 
_pdbx_database_status.recvd_initial_deposition_date   2003-04-23 
_pdbx_database_status.deposit_site                    RCSB 
_pdbx_database_status.process_site                    RCSB 
_pdbx_database_status.status_code_sf                  REL 
_pdbx_database_status.status_code_mr                  ? 
_pdbx_database_status.SG_entry                        ? 
_pdbx_database_status.pdb_format_compatible           Y 
_pdbx_database_status.status_code_cs                  ? 
_pdbx_database_status.status_code_nmr_data            ? 
_pdbx_database_status.methods_development_category    ? 
# 
loop_
_audit_author.name 
_audit_author.pdbx_ordinal 
'Becker, M.'    1 
'Bunikis, J.'   2 
'Lade, B.D.'    3 
'Dunn, J.J.'    4 
'Barbour, A.G.' 5 
'Lawson, C.L.'  6 
# 
_citation.id                        primary 
_citation.title                     'Structural Investigation of Borrelia burgdorferi OspB, a BactericidalFab Target.' 
_citation.journal_abbrev            J.Biol.Chem. 
_citation.journal_volume            280 
_citation.page_first                17363 
_citation.page_last                 17370 
_citation.year                      2005 
_citation.journal_id_ASTM           JBCHA3 
_citation.country                   US 
_citation.journal_id_ISSN           0021-9258 
_citation.journal_id_CSD            0071 
_citation.book_publisher            ? 
_citation.pdbx_database_id_PubMed   15713683 
_citation.pdbx_database_id_DOI      10.1074/jbc.M412842200 
# 
loop_
_citation_author.citation_id 
_citation_author.name 
_citation_author.ordinal 
_citation_author.identifier_ORCID 
primary 'Becker, M.'    1 ? 
primary 'Bunikis, J.'   2 ? 
primary 'Lade, B.D.'    3 ? 
primary 'Dunn, J.J.'    4 ? 
primary 'Barbour, A.G.' 5 ? 
primary 'Lawson, C.L.'  6 ? 
# 
_cell.entry_id           1P4P 
_cell.length_a           30.800 
_cell.length_b           51.660 
_cell.length_c           158.820 
_cell.angle_alpha        90.00 
_cell.angle_beta         90.00 
_cell.angle_gamma        90.00 
_cell.Z_PDB              8 
_cell.pdbx_unique_axis   ? 
# 
_symmetry.entry_id                         1P4P 
_symmetry.space_group_name_H-M             'C 2 2 21' 
_symmetry.pdbx_full_space_group_name_H-M   ? 
_symmetry.cell_setting                     ? 
_symmetry.Int_Tables_number                20 
_symmetry.space_group_name_Hall            ? 
# 
loop_
_entity.id 
_entity.type 
_entity.src_method 
_entity.pdbx_description 
_entity.formula_weight 
_entity.pdbx_number_of_molecules 
_entity.pdbx_ec 
_entity.pdbx_mutation 
_entity.pdbx_fragment 
_entity.details 
1 polymer man 'Outer surface protein B' 15653.579 1   ? ? 'OspB C-terminal fragment' ? 
2 water   nat water                     18.015    118 ? ? ?                          ? 
# 
_entity_name_com.entity_id   1 
_entity_name_com.name        OSPB 
# 
_entity_poly.entity_id                      1 
_entity_poly.type                           'polypeptide(L)' 
_entity_poly.nstd_linkage                   no 
_entity_poly.nstd_monomer                   no 
_entity_poly.pdbx_seq_one_letter_code       
;ANKLDSKKLTRSNGTTLEYSQITDADNATKAVETLKNSIKLEGSLVVGKTTVEIKEGTVTLKREIEKDGKVKVFLNDTAG
SNKKTGKWEDSTSTLTISADSKKTKDLVFLTDGTITVQQYNTAGTSLEGSASEIKNLSELKNALK
;
_entity_poly.pdbx_seq_one_letter_code_can   
;ANKLDSKKLTRSNGTTLEYSQITDADNATKAVETLKNSIKLEGSLVVGKTTVEIKEGTVTLKREIEKDGKVKVFLNDTAG
SNKKTGKWEDSTSTLTISADSKKTKDLVFLTDGTITVQQYNTAGTSLEGSASEIKNLSELKNALK
;
_entity_poly.pdbx_strand_id                 A 
_entity_poly.pdbx_target_identifier         ? 
# 
loop_
_entity_poly_seq.entity_id 
_entity_poly_seq.num 
_entity_poly_seq.mon_id 
_entity_poly_seq.hetero 
1 1   ALA n 
1 2   ASN n 
1 3   LYS n 
1 4   LEU n 
1 5   ASP n 
1 6   SER n 
1 7   LYS n 
1 8   LYS n 
1 9   LEU n 
1 10  THR n 
1 11  ARG n 
1 12  SER n 
1 13  ASN n 
1 14  GLY n 
1 15  THR n 
1 16  THR n 
1 17  LEU n 
1 18  GLU n 
1 19  TYR n 
1 20  SER n 
1 21  GLN n 
1 22  ILE n 
1 23  THR n 
1 24  ASP n 
1 25  ALA n 
1 26  ASP n 
1 27  ASN n 
1 28  ALA n 
1 29  THR n 
1 30  LYS n 
1 31  ALA n 
1 32  VAL n 
1 33  GLU n 
1 34  THR n 
1 35  LEU n 
1 36  LYS n 
1 37  ASN n 
1 38  SER n 
1 39  ILE n 
1 40  LYS n 
1 41  LEU n 
1 42  GLU n 
1 43  GLY n 
1 44  SER n 
1 45  LEU n 
1 46  VAL n 
1 47  VAL n 
1 48  GLY n 
1 49  LYS n 
1 50  THR n 
1 51  THR n 
1 52  VAL n 
1 53  GLU n 
1 54  ILE n 
1 55  LYS n 
1 56  GLU n 
1 57  GLY n 
1 58  THR n 
1 59  VAL n 
1 60  THR n 
1 61  LEU n 
1 62  LYS n 
1 63  ARG n 
1 64  GLU n 
1 65  ILE n 
1 66  GLU n 
1 67  LYS n 
1 68  ASP n 
1 69  GLY n 
1 70  LYS n 
1 71  VAL n 
1 72  LYS n 
1 73  VAL n 
1 74  PHE n 
1 75  LEU n 
1 76  ASN n 
1 77  ASP n 
1 78  THR n 
1 79  ALA n 
1 80  GLY n 
1 81  SER n 
1 82  ASN n 
1 83  LYS n 
1 84  LYS n 
1 85  THR n 
1 86  GLY n 
1 87  LYS n 
1 88  TRP n 
1 89  GLU n 
1 90  ASP n 
1 91  SER n 
1 92  THR n 
1 93  SER n 
1 94  THR n 
1 95  LEU n 
1 96  THR n 
1 97  ILE n 
1 98  SER n 
1 99  ALA n 
1 100 ASP n 
1 101 SER n 
1 102 LYS n 
1 103 LYS n 
1 104 THR n 
1 105 LYS n 
1 106 ASP n 
1 107 LEU n 
1 108 VAL n 
1 109 PHE n 
1 110 LEU n 
1 111 THR n 
1 112 ASP n 
1 113 GLY n 
1 114 THR n 
1 115 ILE n 
1 116 THR n 
1 117 VAL n 
1 118 GLN n 
1 119 GLN n 
1 120 TYR n 
1 121 ASN n 
1 122 THR n 
1 123 ALA n 
1 124 GLY n 
1 125 THR n 
1 126 SER n 
1 127 LEU n 
1 128 GLU n 
1 129 GLY n 
1 130 SER n 
1 131 ALA n 
1 132 SER n 
1 133 GLU n 
1 134 ILE n 
1 135 LYS n 
1 136 ASN n 
1 137 LEU n 
1 138 SER n 
1 139 GLU n 
1 140 LEU n 
1 141 LYS n 
1 142 ASN n 
1 143 ALA n 
1 144 LEU n 
1 145 LYS n 
# 
_entity_src_gen.entity_id                          1 
_entity_src_gen.pdbx_src_id                        1 
_entity_src_gen.pdbx_alt_source_flag               sample 
_entity_src_gen.pdbx_seq_type                      ? 
_entity_src_gen.pdbx_beg_seq_num                   ? 
_entity_src_gen.pdbx_end_seq_num                   ? 
_entity_src_gen.gene_src_common_name               'Lyme disease spirochete' 
_entity_src_gen.gene_src_genus                     Borrelia 
_entity_src_gen.pdbx_gene_src_gene                 OSPB 
_entity_src_gen.gene_src_species                   ? 
_entity_src_gen.gene_src_strain                    ? 
_entity_src_gen.gene_src_tissue                    ? 
_entity_src_gen.gene_src_tissue_fraction           ? 
_entity_src_gen.gene_src_details                   ? 
_entity_src_gen.pdbx_gene_src_fragment             ? 
_entity_src_gen.pdbx_gene_src_scientific_name      'Borrelia burgdorferi' 
_entity_src_gen.pdbx_gene_src_ncbi_taxonomy_id     139 
_entity_src_gen.pdbx_gene_src_variant              ? 
_entity_src_gen.pdbx_gene_src_cell_line            ? 
_entity_src_gen.pdbx_gene_src_atcc                 ? 
_entity_src_gen.pdbx_gene_src_organ                ? 
_entity_src_gen.pdbx_gene_src_organelle            ? 
_entity_src_gen.pdbx_gene_src_cell                 ? 
_entity_src_gen.pdbx_gene_src_cellular_location    ? 
_entity_src_gen.host_org_common_name               ? 
_entity_src_gen.pdbx_host_org_scientific_name      'Escherichia coli' 
_entity_src_gen.pdbx_host_org_ncbi_taxonomy_id     562 
_entity_src_gen.host_org_genus                     Escherichia 
_entity_src_gen.pdbx_host_org_gene                 ? 
_entity_src_gen.pdbx_host_org_organ                ? 
_entity_src_gen.host_org_species                   ? 
_entity_src_gen.pdbx_host_org_tissue               ? 
_entity_src_gen.pdbx_host_org_tissue_fraction      ? 
_entity_src_gen.pdbx_host_org_strain               'BL2(DE3)/pLysS' 
_entity_src_gen.pdbx_host_org_variant              ? 
_entity_src_gen.pdbx_host_org_cell_line            ? 
_entity_src_gen.pdbx_host_org_atcc                 ? 
_entity_src_gen.pdbx_host_org_culture_collection   ? 
_entity_src_gen.pdbx_host_org_cell                 ? 
_entity_src_gen.pdbx_host_org_organelle            ? 
_entity_src_gen.pdbx_host_org_cellular_location    ? 
_entity_src_gen.pdbx_host_org_vector_type          PLASMID 
_entity_src_gen.pdbx_host_org_vector               ? 
_entity_src_gen.host_org_details                   ? 
_entity_src_gen.expression_system_id               ? 
_entity_src_gen.plasmid_name                       pET9c 
_entity_src_gen.plasmid_details                    ? 
_entity_src_gen.pdbx_description                   ? 
# 
_struct_ref.id                         1 
_struct_ref.db_name                    UNP 
_struct_ref.db_code                    OSPB1_BORBU 
_struct_ref.pdbx_db_accession          P17739 
_struct_ref.entity_id                  1 
_struct_ref.pdbx_seq_one_letter_code   
;ANKLDSKKLTRSNGTTLEYSQITDADNATKAVETLKNSIKLEGSLVVGKTTVEIKEGTVTLKREIEKDGKVKVFLNDTAG
SNKKTGKWEDSTSTLTISADSKKTKDLVFLTDGTITVQQYNTAGTSLEGSASEIKNLSELKNALK
;
_struct_ref.pdbx_align_begin           152 
_struct_ref.pdbx_db_isoform            ? 
# 
_struct_ref_seq.align_id                      1 
_struct_ref_seq.ref_id                        1 
_struct_ref_seq.pdbx_PDB_id_code              1P4P 
_struct_ref_seq.pdbx_strand_id                A 
_struct_ref_seq.seq_align_beg                 1 
_struct_ref_seq.pdbx_seq_align_beg_ins_code   ? 
_struct_ref_seq.seq_align_end                 145 
_struct_ref_seq.pdbx_seq_align_end_ins_code   ? 
_struct_ref_seq.pdbx_db_accession             P17739 
_struct_ref_seq.db_align_beg                  152 
_struct_ref_seq.pdbx_db_align_beg_ins_code    ? 
_struct_ref_seq.db_align_end                  296 
_struct_ref_seq.pdbx_db_align_end_ins_code    ? 
_struct_ref_seq.pdbx_auth_seq_align_beg       152 
_struct_ref_seq.pdbx_auth_seq_align_end       296 
# 
loop_
_chem_comp.id 
_chem_comp.type 
_chem_comp.mon_nstd_flag 
_chem_comp.name 
_chem_comp.pdbx_synonyms 
_chem_comp.formula 
_chem_comp.formula_weight 
ALA 'L-peptide linking' y ALANINE         ? 'C3 H7 N O2'     89.093  
ARG 'L-peptide linking' y ARGININE        ? 'C6 H15 N4 O2 1' 175.209 
ASN 'L-peptide linking' y ASPARAGINE      ? 'C4 H8 N2 O3'    132.118 
ASP 'L-peptide linking' y 'ASPARTIC ACID' ? 'C4 H7 N O4'     133.103 
GLN 'L-peptide linking' y GLUTAMINE       ? 'C5 H10 N2 O3'   146.144 
GLU 'L-peptide linking' y 'GLUTAMIC ACID' ? 'C5 H9 N O4'     147.129 
GLY 'peptide linking'   y GLYCINE         ? 'C2 H5 N O2'     75.067  
HOH non-polymer         . WATER           ? 'H2 O'           18.015  
ILE 'L-peptide linking' y ISOLEUCINE      ? 'C6 H13 N O2'    131.173 
LEU 'L-peptide linking' y LEUCINE         ? 'C6 H13 N O2'    131.173 
LYS 'L-peptide linking' y LYSINE          ? 'C6 H15 N2 O2 1' 147.195 
PHE 'L-peptide linking' y PHENYLALANINE   ? 'C9 H11 N O2'    165.189 
SER 'L-peptide linking' y SERINE          ? 'C3 H7 N O3'     105.093 
THR 'L-peptide linking' y THREONINE       ? 'C4 H9 N O3'     119.119 
TRP 'L-peptide linking' y TRYPTOPHAN      ? 'C11 H12 N2 O2'  204.225 
TYR 'L-peptide linking' y TYROSINE        ? 'C9 H11 N O3'    181.189 
VAL 'L-peptide linking' y VALINE          ? 'C5 H11 N O2'    117.146 
# 
_exptl.entry_id          1P4P 
_exptl.method            'X-RAY DIFFRACTION' 
_exptl.crystals_number   1 
# 
_exptl_crystal.id                    1 
_exptl_crystal.density_meas          ? 
_exptl_crystal.density_Matthews      2.02 
_exptl_crystal.density_percent_sol   39.05 
_exptl_crystal.description           ? 
_exptl_crystal.F_000                 ? 
_exptl_crystal.preparation           ? 
# 
_exptl_crystal_grow.crystal_id      1 
_exptl_crystal_grow.method          'VAPOR DIFFUSION, HANGING DROP' 
_exptl_crystal_grow.temp            295 
_exptl_crystal_grow.temp_details    ? 
_exptl_crystal_grow.pH              9.5 
_exptl_crystal_grow.pdbx_details    
'PEG550MME, Bicine, sodium bromide, sodium citrate, pH 9.5, VAPOR DIFFUSION, HANGING DROP, temperature 295K' 
_exptl_crystal_grow.pdbx_pH_range   . 
# 
_diffrn.id                     1 
_diffrn.ambient_temp           283 
_diffrn.ambient_temp_details   ? 
_diffrn.crystal_id             1 
# 
_diffrn_detector.diffrn_id              1 
_diffrn_detector.detector               'IMAGE PLATE' 
_diffrn_detector.type                   MARRESEARCH 
_diffrn_detector.pdbx_collection_date   1997-03-01 
_diffrn_detector.details                'focusing mirror' 
# 
_diffrn_radiation.diffrn_id                        1 
_diffrn_radiation.wavelength_id                    1 
_diffrn_radiation.pdbx_monochromatic_or_laue_m_l   M 
_diffrn_radiation.monochromator                    'two-crystal Si (111)' 
_diffrn_radiation.pdbx_diffrn_protocol             'SINGLE WAVELENGTH' 
_diffrn_radiation.pdbx_scattering_type             x-ray 
# 
loop_
_diffrn_radiation_wavelength.id 
_diffrn_radiation_wavelength.wavelength 
_diffrn_radiation_wavelength.wt 
1 0.979 1.0 
2 1.073 1.0 
# 
_diffrn_source.diffrn_id                   1 
_diffrn_source.source                      SYNCHROTRON 
_diffrn_source.type                        'NSLS BEAMLINE X12B' 
_diffrn_source.pdbx_synchrotron_site       NSLS 
_diffrn_source.pdbx_synchrotron_beamline   X12B 
_diffrn_source.pdbx_wavelength             ? 
_diffrn_source.pdbx_wavelength_list        '0.979, 1.073' 
# 
_reflns.entry_id                     1P4P 
_reflns.observed_criterion_sigma_F   -10.0 
_reflns.observed_criterion_sigma_I   -10.0 
_reflns.d_resolution_high            2.00 
_reflns.d_resolution_low             50.0 
_reflns.number_all                   9012 
_reflns.number_obs                   8090 
_reflns.percent_possible_obs         89.8 
_reflns.pdbx_Rmerge_I_obs            0.063 
_reflns.pdbx_Rsym_value              ? 
_reflns.pdbx_netI_over_sigmaI        34.1 
_reflns.B_iso_Wilson_estimate        ? 
_reflns.pdbx_redundancy              23.7 
_reflns.R_free_details               ? 
_reflns.limit_h_max                  ? 
_reflns.limit_h_min                  ? 
_reflns.limit_k_max                  ? 
_reflns.limit_k_min                  ? 
_reflns.limit_l_max                  ? 
_reflns.limit_l_min                  ? 
_reflns.observed_criterion_F_max     ? 
_reflns.observed_criterion_F_min     ? 
_reflns.pdbx_chi_squared             ? 
_reflns.pdbx_scaling_rejects         ? 
_reflns.pdbx_diffrn_id               1 
_reflns.pdbx_ordinal                 1 
# 
_reflns_shell.d_res_high             2.00 
_reflns_shell.d_res_low              2.03 
_reflns_shell.percent_possible_all   77.9 
_reflns_shell.Rmerge_I_obs           0.206 
_reflns_shell.pdbx_Rsym_value        ? 
_reflns_shell.meanI_over_sigI_obs    12.6 
_reflns_shell.pdbx_redundancy        ? 
_reflns_shell.percent_possible_obs   ? 
_reflns_shell.number_unique_all      ? 
_reflns_shell.number_measured_all    ? 
_reflns_shell.number_measured_obs    ? 
_reflns_shell.number_unique_obs      ? 
_reflns_shell.pdbx_chi_squared       ? 
_reflns_shell.pdbx_diffrn_id         ? 
_reflns_shell.pdbx_ordinal           1 
# 
_refine.entry_id                                 1P4P 
_refine.ls_d_res_high                            2.00 
_refine.ls_d_res_low                             30 
_refine.pdbx_ls_sigma_F                          0.0 
_refine.pdbx_ls_sigma_I                          ? 
_refine.ls_number_reflns_all                     7983 
_refine.ls_number_reflns_obs                     7983 
_refine.ls_number_reflns_R_free                  848 
_refine.ls_percent_reflns_obs                    89.0 
_refine.ls_R_factor_all                          ? 
_refine.ls_R_factor_obs                          ? 
_refine.ls_R_factor_R_work                       0.2107 
_refine.ls_R_factor_R_free                       0.2603 
_refine.ls_redundancy_reflns_obs                 ? 
_refine.pdbx_data_cutoff_high_absF               ? 
_refine.pdbx_data_cutoff_low_absF                ? 
_refine.ls_number_parameters                     ? 
_refine.ls_number_restraints                     ? 
_refine.ls_percent_reflns_R_free                 ? 
_refine.ls_R_factor_R_free_error                 ? 
_refine.ls_R_factor_R_free_error_details         ? 
_refine.pdbx_method_to_determine_struct          'MOLECULAR REPLACEMENT' 
_refine.pdbx_starting_model                      'PDB ENTRY 1OSP' 
_refine.pdbx_ls_cross_valid_method               THROUGHOUT 
_refine.pdbx_R_Free_selection_details            RANDOM 
_refine.pdbx_stereochem_target_val_spec_case     ? 
_refine.pdbx_stereochemistry_target_values       'Engh & Huber' 
_refine.solvent_model_details                    ? 
_refine.solvent_model_param_bsol                 ? 
_refine.solvent_model_param_ksol                 ? 
_refine.occupancy_max                            ? 
_refine.occupancy_min                            ? 
_refine.pdbx_isotropic_thermal_model             anisotropic 
_refine.B_iso_mean                               32.3 
_refine.aniso_B[1][1]                            5.19 
_refine.aniso_B[1][2]                            0.00 
_refine.aniso_B[1][3]                            0.00 
_refine.aniso_B[2][2]                            -10.8 
_refine.aniso_B[2][3]                            0.00 
_refine.aniso_B[3][3]                            5.63 
_refine.details                                  
;Used CNS for simulated annealing,    
followed by conjugate gradient minimization    
against the maximum likelihood function.    
Then ran Refmac, and followed with 1 step of    
B-factor refinement in CNS.
The loop from residue 218 to residue 221 (LYS ASP GLY LYS)
is poorly ordered (is not clearly defined in the density).
;
_refine.B_iso_min                                ? 
_refine.B_iso_max                                ? 
_refine.correlation_coeff_Fo_to_Fc               ? 
_refine.correlation_coeff_Fo_to_Fc_free          ? 
_refine.pdbx_solvent_vdw_probe_radii             ? 
_refine.pdbx_solvent_ion_probe_radii             ? 
_refine.pdbx_solvent_shrinkage_radii             ? 
_refine.overall_SU_R_Cruickshank_DPI             ? 
_refine.overall_SU_R_free                        ? 
_refine.overall_SU_B                             ? 
_refine.overall_SU_ML                            ? 
_refine.pdbx_overall_ESU_R                       ? 
_refine.pdbx_overall_ESU_R_Free                  ? 
_refine.pdbx_data_cutoff_high_rms_absF           ? 
_refine.ls_wR_factor_R_free                      ? 
_refine.ls_wR_factor_R_work                      ? 
_refine.overall_FOM_free_R_set                   ? 
_refine.overall_FOM_work_R_set                   ? 
_refine.pdbx_refine_id                           'X-RAY DIFFRACTION' 
_refine.pdbx_diffrn_id                           1 
_refine.pdbx_TLS_residual_ADP_flag               ? 
_refine.pdbx_overall_phase_error                 ? 
_refine.pdbx_overall_SU_R_free_Cruickshank_DPI   ? 
_refine.pdbx_overall_SU_R_Blow_DPI               ? 
_refine.pdbx_overall_SU_R_free_Blow_DPI          ? 
# 
_refine_analyze.entry_id                        1P4P 
_refine_analyze.Luzzati_coordinate_error_obs    0.247 
_refine_analyze.Luzzati_sigma_a_obs             ? 
_refine_analyze.Luzzati_d_res_low_obs           ? 
_refine_analyze.Luzzati_coordinate_error_free   ? 
_refine_analyze.Luzzati_sigma_a_free            ? 
_refine_analyze.Luzzati_d_res_low_free          ? 
_refine_analyze.number_disordered_residues      ? 
_refine_analyze.occupancy_sum_non_hydrogen      ? 
_refine_analyze.occupancy_sum_hydrogen          ? 
_refine_analyze.pdbx_Luzzati_d_res_high_obs     ? 
_refine_analyze.pdbx_refine_id                  'X-RAY DIFFRACTION' 
# 
_refine_hist.pdbx_refine_id                   'X-RAY DIFFRACTION' 
_refine_hist.cycle_id                         LAST 
_refine_hist.pdbx_number_atoms_protein        1059 
_refine_hist.pdbx_number_atoms_nucleic_acid   0 
_refine_hist.pdbx_number_atoms_ligand         0 
_refine_hist.number_atoms_solvent             118 
_refine_hist.number_atoms_total               1177 
_refine_hist.d_res_high                       2.00 
_refine_hist.d_res_low                        30 
# 
loop_
_refine_ls_restr.type 
_refine_ls_restr.dev_ideal 
_refine_ls_restr.dev_ideal_target 
_refine_ls_restr.weight 
_refine_ls_restr.number 
_refine_ls_restr.pdbx_refine_id 
_refine_ls_restr.pdbx_restraint_function 
c_bond_d    0.008 ? ? ? 'X-RAY DIFFRACTION' ? 
c_angle_deg 1.4   ? ? ? 'X-RAY DIFFRACTION' ? 
# 
_struct.entry_id                  1P4P 
_struct.title                     'Outer Surface Protein B of B. burgdorferi: crystal structure of the C-terminal fragment' 
_struct.pdbx_model_details        ? 
_struct.pdbx_CASP_flag            ? 
_struct.pdbx_model_type_details   ? 
# 
_struct_keywords.entry_id        1P4P 
_struct_keywords.pdbx_keywords   'MEMBRANE PROTEIN' 
_struct_keywords.text            'INTERMOLECULAR BETA SHEET, EXTENDED BETA SHEET, MEMBRANE PROTEIN' 
# 
loop_
_struct_asym.id 
_struct_asym.pdbx_blank_PDB_chainid_flag 
_struct_asym.pdbx_modified 
_struct_asym.entity_id 
_struct_asym.details 
A N N 1 ? 
B N N 2 ? 
# 
_struct_biol.id                    1 
_struct_biol.pdbx_parent_biol_id   ? 
_struct_biol.details               ? 
# 
_struct_conf.conf_type_id            HELX_P 
_struct_conf.id                      HELX_P1 
_struct_conf.pdbx_PDB_helix_id       1 
_struct_conf.beg_label_comp_id       ASN 
_struct_conf.beg_label_asym_id       A 
_struct_conf.beg_label_seq_id        136 
_struct_conf.pdbx_beg_PDB_ins_code   ? 
_struct_conf.end_label_comp_id       LEU 
_struct_conf.end_label_asym_id       A 
_struct_conf.end_label_seq_id        144 
_struct_conf.pdbx_end_PDB_ins_code   ? 
_struct_conf.beg_auth_comp_id        ASN 
_struct_conf.beg_auth_asym_id        A 
_struct_conf.beg_auth_seq_id         287 
_struct_conf.end_auth_comp_id        LEU 
_struct_conf.end_auth_asym_id        A 
_struct_conf.end_auth_seq_id         295 
_struct_conf.pdbx_PDB_helix_class    1 
_struct_conf.details                 ? 
_struct_conf.pdbx_PDB_helix_length   9 
# 
_struct_conf_type.id          HELX_P 
_struct_conf_type.criteria    ? 
_struct_conf_type.reference   ? 
# 
loop_
_struct_sheet.id 
_struct_sheet.type 
_struct_sheet.number_strands 
_struct_sheet.details 
A ? 7 ? 
B ? 5 ? 
# 
loop_
_struct_sheet_order.sheet_id 
_struct_sheet_order.range_id_1 
_struct_sheet_order.range_id_2 
_struct_sheet_order.offset 
_struct_sheet_order.sense 
A 1 2 ? anti-parallel 
A 2 3 ? anti-parallel 
A 3 4 ? anti-parallel 
A 4 5 ? anti-parallel 
A 5 6 ? anti-parallel 
A 6 7 ? anti-parallel 
B 1 2 ? anti-parallel 
B 2 3 ? anti-parallel 
B 3 4 ? anti-parallel 
B 4 5 ? anti-parallel 
# 
loop_
_struct_sheet_range.sheet_id 
_struct_sheet_range.id 
_struct_sheet_range.beg_label_comp_id 
_struct_sheet_range.beg_label_asym_id 
_struct_sheet_range.beg_label_seq_id 
_struct_sheet_range.pdbx_beg_PDB_ins_code 
_struct_sheet_range.end_label_comp_id 
_struct_sheet_range.end_label_asym_id 
_struct_sheet_range.end_label_seq_id 
_struct_sheet_range.pdbx_end_PDB_ins_code 
_struct_sheet_range.beg_auth_comp_id 
_struct_sheet_range.beg_auth_asym_id 
_struct_sheet_range.beg_auth_seq_id 
_struct_sheet_range.end_auth_comp_id 
_struct_sheet_range.end_auth_asym_id 
_struct_sheet_range.end_auth_seq_id 
A 1 LYS A 7   ? THR A 10  ? LYS A 158 THR A 161 
A 2 THR A 16  ? ILE A 22  ? THR A 167 ILE A 173 
A 3 ALA A 28  ? LEU A 35  ? ALA A 179 LEU A 186 
A 4 ILE A 39  ? VAL A 46  ? ILE A 190 VAL A 197 
A 5 LYS A 49  ? GLU A 56  ? LYS A 200 GLU A 207 
A 6 VAL A 59  ? ILE A 65  ? VAL A 210 ILE A 216 
A 7 VAL A 71  ? ASP A 77  ? VAL A 222 ASP A 228 
B 1 LYS A 84  ? GLU A 89  ? LYS A 235 GLU A 240 
B 2 THR A 94  ? ALA A 99  ? THR A 245 ALA A 250 
B 3 LYS A 102 ? PHE A 109 ? LYS A 253 PHE A 260 
B 4 ILE A 115 ? GLN A 119 ? ILE A 266 GLN A 270 
B 5 SER A 132 ? GLU A 133 ? SER A 283 GLU A 284 
# 
loop_
_pdbx_struct_sheet_hbond.sheet_id 
_pdbx_struct_sheet_hbond.range_id_1 
_pdbx_struct_sheet_hbond.range_id_2 
_pdbx_struct_sheet_hbond.range_1_label_atom_id 
_pdbx_struct_sheet_hbond.range_1_label_comp_id 
_pdbx_struct_sheet_hbond.range_1_label_asym_id 
_pdbx_struct_sheet_hbond.range_1_label_seq_id 
_pdbx_struct_sheet_hbond.range_1_PDB_ins_code 
_pdbx_struct_sheet_hbond.range_1_auth_atom_id 
_pdbx_struct_sheet_hbond.range_1_auth_comp_id 
_pdbx_struct_sheet_hbond.range_1_auth_asym_id 
_pdbx_struct_sheet_hbond.range_1_auth_seq_id 
_pdbx_struct_sheet_hbond.range_2_label_atom_id 
_pdbx_struct_sheet_hbond.range_2_label_comp_id 
_pdbx_struct_sheet_hbond.range_2_label_asym_id 
_pdbx_struct_sheet_hbond.range_2_label_seq_id 
_pdbx_struct_sheet_hbond.range_2_PDB_ins_code 
_pdbx_struct_sheet_hbond.range_2_auth_atom_id 
_pdbx_struct_sheet_hbond.range_2_auth_comp_id 
_pdbx_struct_sheet_hbond.range_2_auth_asym_id 
_pdbx_struct_sheet_hbond.range_2_auth_seq_id 
A 1 2 N LYS A 7   ? N LYS A 158 O TYR A 19  ? O TYR A 170 
A 2 3 N GLU A 18  ? N GLU A 169 O VAL A 32  ? O VAL A 183 
A 3 4 N ALA A 28  ? N ALA A 179 O LEU A 45  ? O LEU A 196 
A 4 5 N SER A 44  ? N SER A 195 O THR A 51  ? O THR A 202 
A 5 6 N THR A 50  ? N THR A 201 O ILE A 65  ? O ILE A 216 
A 6 7 N GLU A 64  ? N GLU A 215 O LYS A 72  ? O LYS A 223 
B 1 2 N GLU A 89  ? N GLU A 240 O THR A 94  ? O THR A 245 
B 2 3 N LEU A 95  ? N LEU A 246 O LEU A 107 ? O LEU A 258 
B 3 4 N ASP A 106 ? N ASP A 257 O GLN A 118 ? O GLN A 269 
B 4 5 N VAL A 117 ? N VAL A 268 O SER A 132 ? O SER A 283 
# 
_atom_sites.entry_id                    1P4P 
_atom_sites.fract_transf_matrix[1][1]   -0.00674324 
_atom_sites.fract_transf_matrix[1][2]   0.00413425 
_atom_sites.fract_transf_matrix[1][3]   0.03148980 
_atom_sites.fract_transf_matrix[2][1]   0.01854032 
_atom_sites.fract_transf_matrix[2][2]   -0.00338536 
_atom_sites.fract_transf_matrix[2][3]   0.00441469 
_atom_sites.fract_transf_matrix[3][1]   0.00125078 
_atom_sites.fract_transf_matrix[3][2]   0.00614691 
_atom_sites.fract_transf_matrix[3][3]   -0.00053918 
_atom_sites.fract_transf_vector[1]      0.089112 
_atom_sites.fract_transf_vector[2]      0.101310 
_atom_sites.fract_transf_vector[3]      0.386797 
# 
loop_
_atom_type.symbol 
C 
N 
O 
# 
loop_
_atom_site.group_PDB 
_atom_site.id 
_atom_site.type_symbol 
_atom_site.label_atom_id 
_atom_site.label_alt_id 
_atom_site.label_comp_id 
_atom_site.label_asym_id 
_atom_site.label_entity_id 
_atom_site.label_seq_id 
_atom_site.pdbx_PDB_ins_code 
_atom_site.Cartn_x 
_atom_site.Cartn_y 
_atom_site.Cartn_z 
_atom_site.occupancy 
_atom_site.B_iso_or_equiv 
_atom_site.pdbx_formal_charge 
_atom_site.auth_seq_id 
_atom_site.auth_comp_id 
_atom_site.auth_asym_id 
_atom_site.auth_atom_id 
_atom_site.pdbx_PDB_model_num 
ATOM   1    N N   . SER A 1 6   ? -4.926  -22.524 -9.287  1.00 32.56 ? 157 SER A N   1 
ATOM   2    C CA  . SER A 1 6   ? -5.010  -21.276 -8.460  1.00 31.37 ? 157 SER A CA  1 
ATOM   3    C C   . SER A 1 6   ? -4.875  -21.604 -6.980  1.00 32.29 ? 157 SER A C   1 
ATOM   4    O O   . SER A 1 6   ? -5.016  -22.759 -6.566  1.00 31.71 ? 157 SER A O   1 
ATOM   5    C CB  . SER A 1 6   ? -6.325  -20.554 -8.706  1.00 30.65 ? 157 SER A CB  1 
ATOM   6    O OG  . SER A 1 6   ? -7.413  -21.321 -8.255  1.00 36.00 ? 157 SER A OG  1 
ATOM   7    N N   . LYS A 1 7   ? -4.593  -20.579 -6.189  1.00 30.11 ? 158 LYS A N   1 
ATOM   8    C CA  . LYS A 1 7   ? -4.405  -20.702 -4.758  1.00 31.32 ? 158 LYS A CA  1 
ATOM   9    C C   . LYS A 1 7   ? -5.016  -19.469 -4.088  1.00 33.32 ? 158 LYS A C   1 
ATOM   10   O O   . LYS A 1 7   ? -4.685  -18.335 -4.449  1.00 31.53 ? 158 LYS A O   1 
ATOM   11   C CB  . LYS A 1 7   ? -2.907  -20.789 -4.447  1.00 34.57 ? 158 LYS A CB  1 
ATOM   12   C CG  . LYS A 1 7   ? -2.579  -20.770 -2.996  1.00 39.68 ? 158 LYS A CG  1 
ATOM   13   C CD  . LYS A 1 7   ? -1.089  -20.554 -2.759  1.00 44.24 ? 158 LYS A CD  1 
ATOM   14   C CE  . LYS A 1 7   ? -0.303  -21.853 -3.035  1.00 48.18 ? 158 LYS A CE  1 
ATOM   15   N NZ  . LYS A 1 7   ? 1.158   -21.636 -2.722  1.00 49.54 ? 158 LYS A NZ  1 
ATOM   16   N N   . LYS A 1 8   ? -5.930  -19.691 -3.150  1.00 32.17 ? 159 LYS A N   1 
ATOM   17   C CA  . LYS A 1 8   ? -6.591  -18.611 -2.431  1.00 34.34 ? 159 LYS A CA  1 
ATOM   18   C C   . LYS A 1 8   ? -6.377  -18.693 -0.911  1.00 36.15 ? 159 LYS A C   1 
ATOM   19   O O   . LYS A 1 8   ? -6.655  -19.731 -0.277  1.00 33.92 ? 159 LYS A O   1 
ATOM   20   C CB  . LYS A 1 8   ? -8.087  -18.575 -2.761  1.00 33.54 ? 159 LYS A CB  1 
ATOM   21   C CG  . LYS A 1 8   ? -8.821  -17.427 -2.091  1.00 37.91 ? 159 LYS A CG  1 
ATOM   22   C CD  . LYS A 1 8   ? -10.299 -17.337 -2.498  1.00 37.98 ? 159 LYS A CD  1 
ATOM   23   C CE  . LYS A 1 8   ? -10.837 -15.897 -2.277  1.00 41.26 ? 159 LYS A CE  1 
ATOM   24   N NZ  . LYS A 1 8   ? -12.335 -15.742 -2.430  1.00 40.93 ? 159 LYS A NZ  1 
ATOM   25   N N   . LEU A 1 9   ? -5.901  -17.586 -0.340  1.00 33.46 ? 160 LEU A N   1 
ATOM   26   C CA  . LEU A 1 9   ? -5.609  -17.481 1.085   1.00 32.28 ? 160 LEU A CA  1 
ATOM   27   C C   . LEU A 1 9   ? -6.509  -16.452 1.713   1.00 31.41 ? 160 LEU A C   1 
ATOM   28   O O   . LEU A 1 9   ? -6.465  -15.279 1.325   1.00 28.34 ? 160 LEU A O   1 
ATOM   29   C CB  . LEU A 1 9   ? -4.140  -17.071 1.329   1.00 31.70 ? 160 LEU A CB  1 
ATOM   30   C CG  . LEU A 1 9   ? -3.032  -18.039 0.886   1.00 36.77 ? 160 LEU A CG  1 
ATOM   31   C CD1 . LEU A 1 9   ? -3.080  -18.308 -0.625  1.00 36.00 ? 160 LEU A CD1 1 
ATOM   32   C CD2 . LEU A 1 9   ? -1.626  -17.539 1.298   1.00 37.02 ? 160 LEU A CD2 1 
ATOM   33   N N   . THR A 1 10  ? -7.298  -16.878 2.701   1.00 30.43 ? 161 THR A N   1 
ATOM   34   C CA  . THR A 1 10  ? -8.194  -15.975 3.428   1.00 34.59 ? 161 THR A CA  1 
ATOM   35   C C   . THR A 1 10  ? -7.629  -15.760 4.806   1.00 37.97 ? 161 THR A C   1 
ATOM   36   O O   . THR A 1 10  ? -7.502  -16.735 5.562   1.00 38.73 ? 161 THR A O   1 
ATOM   37   C CB  . THR A 1 10  ? -9.645  -16.540 3.547   1.00 33.19 ? 161 THR A CB  1 
ATOM   38   O OG1 . THR A 1 10  ? -10.258 -16.578 2.257   1.00 35.87 ? 161 THR A OG1 1 
ATOM   39   C CG2 . THR A 1 10  ? -10.520 -15.552 4.279   1.00 31.84 ? 161 THR A CG2 1 
ATOM   40   N N   . ARG A 1 11  ? -7.306  -14.501 5.138   1.00 36.55 ? 162 ARG A N   1 
ATOM   41   C CA  . ARG A 1 11  ? -6.666  -14.183 6.413   1.00 36.24 ? 162 ARG A CA  1 
ATOM   42   C C   . ARG A 1 11  ? -7.676  -14.225 7.541   1.00 36.57 ? 162 ARG A C   1 
ATOM   43   O O   . ARG A 1 11  ? -8.895  -14.106 7.294   1.00 36.75 ? 162 ARG A O   1 
ATOM   44   C CB  . ARG A 1 11  ? -6.037  -12.784 6.378   1.00 36.62 ? 162 ARG A CB  1 
ATOM   45   C CG  . ARG A 1 11  ? -4.971  -12.559 5.319   1.00 37.58 ? 162 ARG A CG  1 
ATOM   46   C CD  . ARG A 1 11  ? -4.131  -11.313 5.610   1.00 37.22 ? 162 ARG A CD  1 
ATOM   47   N NE  . ARG A 1 11  ? -3.068  -11.068 4.635   1.00 37.06 ? 162 ARG A NE  1 
ATOM   48   C CZ  . ARG A 1 11  ? -3.227  -10.324 3.545   1.00 36.05 ? 162 ARG A CZ  1 
ATOM   49   N NH1 . ARG A 1 11  ? -2.212  -10.158 2.705   1.00 37.52 ? 162 ARG A NH1 1 
ATOM   50   N NH2 . ARG A 1 11  ? -4.411  -9.795  3.273   1.00 33.05 ? 162 ARG A NH2 1 
ATOM   51   N N   . SER A 1 12  ? -7.168  -14.348 8.775   1.00 35.40 ? 163 SER A N   1 
ATOM   52   C CA  . SER A 1 12  ? -8.019  -14.242 9.979   1.00 38.22 ? 163 SER A CA  1 
ATOM   53   C C   . SER A 1 12  ? -8.962  -13.031 9.940   1.00 37.45 ? 163 SER A C   1 
ATOM   54   O O   . SER A 1 12  ? -10.157 -13.185 10.208  1.00 38.47 ? 163 SER A O   1 
ATOM   55   C CB  . SER A 1 12  ? -7.141  -14.198 11.244  1.00 40.89 ? 163 SER A CB  1 
ATOM   56   O OG  . SER A 1 12  ? -6.764  -12.865 11.599  1.00 45.58 ? 163 SER A OG  1 
ATOM   57   N N   . ASN A 1 13  ? -8.432  -11.850 9.558   1.00 33.98 ? 164 ASN A N   1 
ATOM   58   C CA  . ASN A 1 13  ? -9.213  -10.600 9.542   1.00 31.07 ? 164 ASN A CA  1 
ATOM   59   C C   . ASN A 1 13  ? -10.202 -10.513 8.403   1.00 31.73 ? 164 ASN A C   1 
ATOM   60   O O   . ASN A 1 13  ? -10.882 -9.508  8.256   1.00 34.20 ? 164 ASN A O   1 
ATOM   61   C CB  . ASN A 1 13  ? -8.289  -9.344  9.547   1.00 29.02 ? 164 ASN A CB  1 
ATOM   62   C CG  . ASN A 1 13  ? -7.416  -9.222  8.261   1.00 29.54 ? 164 ASN A CG  1 
ATOM   63   O OD1 . ASN A 1 13  ? -7.727  -9.808  7.192   1.00 24.28 ? 164 ASN A OD1 1 
ATOM   64   N ND2 . ASN A 1 13  ? -6.324  -8.456  8.370   1.00 28.91 ? 164 ASN A ND2 1 
ATOM   65   N N   . GLY A 1 14  ? -10.263 -11.554 7.580   1.00 33.13 ? 165 GLY A N   1 
ATOM   66   C CA  . GLY A 1 14  ? -11.171 -11.596 6.443   1.00 32.58 ? 165 GLY A CA  1 
ATOM   67   C C   . GLY A 1 14  ? -10.615 -11.133 5.100   1.00 34.45 ? 165 GLY A C   1 
ATOM   68   O O   . GLY A 1 14  ? -11.312 -11.240 4.075   1.00 34.98 ? 165 GLY A O   1 
ATOM   69   N N   . THR A 1 15  ? -9.410  -10.555 5.095   1.00 32.96 ? 166 THR A N   1 
ATOM   70   C CA  . THR A 1 15  ? -8.832  -10.065 3.828   1.00 29.89 ? 166 THR A CA  1 
ATOM   71   C C   . THR A 1 15  ? -8.243  -11.252 3.074   1.00 28.73 ? 166 THR A C   1 
ATOM   72   O O   . THR A 1 15  ? -7.789  -12.189 3.714   1.00 26.03 ? 166 THR A O   1 
ATOM   73   C CB  . THR A 1 15  ? -7.712  -9.035  4.058   1.00 28.91 ? 166 THR A CB  1 
ATOM   74   O OG1 . THR A 1 15  ? -6.650  -9.632  4.835   1.00 30.65 ? 166 THR A OG1 1 
ATOM   75   C CG2 . THR A 1 15  ? -8.214  -7.869  4.873   1.00 27.36 ? 166 THR A CG2 1 
ATOM   76   N N   . THR A 1 16  ? -8.201  -11.184 1.736   1.00 26.97 ? 167 THR A N   1 
ATOM   77   C CA  . THR A 1 16  ? -7.717  -12.319 0.933   1.00 27.22 ? 167 THR A CA  1 
ATOM   78   C C   . THR A 1 16  ? -6.589  -12.014 -0.030  1.00 26.33 ? 167 THR A C   1 
ATOM   79   O O   . THR A 1 16  ? -6.328  -10.863 -0.408  1.00 24.83 ? 167 THR A O   1 
ATOM   80   C CB  . THR A 1 16  ? -8.853  -12.941 0.106   1.00 28.67 ? 167 THR A CB  1 
ATOM   81   O OG1 . THR A 1 16  ? -9.378  -11.952 -0.788  1.00 29.75 ? 167 THR A OG1 1 
ATOM   82   C CG2 . THR A 1 16  ? -10.058 -13.369 0.986   1.00 29.20 ? 167 THR A CG2 1 
ATOM   83   N N   . LEU A 1 17  ? -5.928  -13.084 -0.428  1.00 25.95 ? 168 LEU A N   1 
ATOM   84   C CA  . LEU A 1 17  ? -4.820  -13.061 -1.352  1.00 26.45 ? 168 LEU A CA  1 
ATOM   85   C C   . LEU A 1 17  ? -5.074  -14.225 -2.300  1.00 28.38 ? 168 LEU A C   1 
ATOM   86   O O   . LEU A 1 17  ? -5.347  -15.343 -1.857  1.00 25.28 ? 168 LEU A O   1 
ATOM   87   C CB  . LEU A 1 17  ? -3.534  -13.219 -0.550  1.00 31.03 ? 168 LEU A CB  1 
ATOM   88   C CG  . LEU A 1 17  ? -2.194  -13.118 -1.225  1.00 35.35 ? 168 LEU A CG  1 
ATOM   89   C CD1 . LEU A 1 17  ? -2.025  -11.739 -1.784  1.00 36.91 ? 168 LEU A CD1 1 
ATOM   90   C CD2 . LEU A 1 17  ? -1.091  -13.425 -0.185  1.00 38.28 ? 168 LEU A CD2 1 
ATOM   91   N N   . GLU A 1 18  ? -5.075  -13.943 -3.599  1.00 32.10 ? 169 GLU A N   1 
ATOM   92   C CA  . GLU A 1 18  ? -5.407  -14.948 -4.633  1.00 34.19 ? 169 GLU A CA  1 
ATOM   93   C C   . GLU A 1 18  ? -4.326  -14.999 -5.686  1.00 34.52 ? 169 GLU A C   1 
ATOM   94   O O   . GLU A 1 18  ? -3.963  -13.971 -6.271  1.00 33.08 ? 169 GLU A O   1 
ATOM   95   C CB  . GLU A 1 18  ? -6.723  -14.616 -5.306  1.00 37.28 ? 169 GLU A CB  1 
ATOM   96   C CG  . GLU A 1 18  ? -7.858  -14.453 -4.333  1.00 44.34 ? 169 GLU A CG  1 
ATOM   97   C CD  . GLU A 1 18  ? -9.117  -13.963 -5.015  1.00 47.66 ? 169 GLU A CD  1 
ATOM   98   O OE1 . GLU A 1 18  ? -9.894  -14.825 -5.491  1.00 51.07 ? 169 GLU A OE1 1 
ATOM   99   O OE2 . GLU A 1 18  ? -9.331  -12.727 -5.079  1.00 49.99 ? 169 GLU A OE2 1 
ATOM   100  N N   . TYR A 1 19  ? -3.774  -16.187 -5.889  1.00 31.59 ? 170 TYR A N   1 
ATOM   101  C CA  . TYR A 1 19  ? -2.746  -16.387 -6.878  1.00 33.07 ? 170 TYR A CA  1 
ATOM   102  C C   . TYR A 1 19  ? -3.329  -17.258 -8.005  1.00 34.75 ? 170 TYR A C   1 
ATOM   103  O O   . TYR A 1 19  ? -3.997  -18.269 -7.735  1.00 32.49 ? 170 TYR A O   1 
ATOM   104  C CB  . TYR A 1 19  ? -1.556  -17.095 -6.262  1.00 34.17 ? 170 TYR A CB  1 
ATOM   105  C CG  . TYR A 1 19  ? -0.865  -16.344 -5.169  1.00 38.05 ? 170 TYR A CG  1 
ATOM   106  C CD1 . TYR A 1 19  ? 0.144   -15.424 -5.468  1.00 36.50 ? 170 TYR A CD1 1 
ATOM   107  C CD2 . TYR A 1 19  ? -1.179  -16.588 -3.816  1.00 39.05 ? 170 TYR A CD2 1 
ATOM   108  C CE1 . TYR A 1 19  ? 0.800   -14.745 -4.468  1.00 37.76 ? 170 TYR A CE1 1 
ATOM   109  C CE2 . TYR A 1 19  ? -0.510  -15.918 -2.798  1.00 38.85 ? 170 TYR A CE2 1 
ATOM   110  C CZ  . TYR A 1 19  ? 0.478   -14.993 -3.129  1.00 38.71 ? 170 TYR A CZ  1 
ATOM   111  O OH  . TYR A 1 19  ? 1.149   -14.317 -2.126  1.00 38.06 ? 170 TYR A OH  1 
ATOM   112  N N   . SER A 1 20  ? -3.054  -16.853 -9.246  1.00 32.41 ? 171 SER A N   1 
ATOM   113  C CA  . SER A 1 20  ? -3.546  -17.492 -10.459 1.00 35.04 ? 171 SER A CA  1 
ATOM   114  C C   . SER A 1 20  ? -2.427  -17.592 -11.495 1.00 34.96 ? 171 SER A C   1 
ATOM   115  O O   . SER A 1 20  ? -1.365  -16.974 -11.328 1.00 34.06 ? 171 SER A O   1 
ATOM   116  C CB  . SER A 1 20  ? -4.699  -16.671 -11.050 1.00 36.18 ? 171 SER A CB  1 
ATOM   117  O OG  . SER A 1 20  ? -5.843  -16.802 -10.239 1.00 42.98 ? 171 SER A OG  1 
ATOM   118  N N   . GLN A 1 21  ? -2.656  -18.390 -12.549 1.00 37.65 ? 172 GLN A N   1 
ATOM   119  C CA  . GLN A 1 21  ? -1.675  -18.588 -13.618 1.00 38.25 ? 172 GLN A CA  1 
ATOM   120  C C   . GLN A 1 21  ? -0.316  -18.857 -13.017 1.00 38.82 ? 172 GLN A C   1 
ATOM   121  O O   . GLN A 1 21  ? 0.661   -18.175 -13.326 1.00 35.50 ? 172 GLN A O   1 
ATOM   122  C CB  . GLN A 1 21  ? -1.587  -17.361 -14.543 1.00 39.09 ? 172 GLN A CB  1 
ATOM   123  C CG  . GLN A 1 21  ? -2.922  -16.835 -14.993 1.00 41.22 ? 172 GLN A CG  1 
ATOM   124  C CD  . GLN A 1 21  ? -2.813  -15.607 -15.860 1.00 43.56 ? 172 GLN A CD  1 
ATOM   125  O OE1 . GLN A 1 21  ? -3.814  -14.933 -16.114 1.00 47.03 ? 172 GLN A OE1 1 
ATOM   126  N NE2 . GLN A 1 21  ? -1.605  -15.313 -16.334 1.00 43.67 ? 172 GLN A NE2 1 
ATOM   127  N N   . ILE A 1 22  ? -0.278  -19.868 -12.162 1.00 43.92 ? 173 ILE A N   1 
ATOM   128  C CA  . ILE A 1 22  ? 0.919   -20.261 -11.440 1.00 49.71 ? 173 ILE A CA  1 
ATOM   129  C C   . ILE A 1 22  ? 1.825   -21.082 -12.343 1.00 54.38 ? 173 ILE A C   1 
ATOM   130  O O   . ILE A 1 22  ? 1.345   -21.845 -13.193 1.00 54.72 ? 173 ILE A O   1 
ATOM   131  C CB  . ILE A 1 22  ? 0.535   -21.083 -10.174 1.00 50.76 ? 173 ILE A CB  1 
ATOM   132  C CG1 . ILE A 1 22  ? -0.676  -20.447 -9.467  1.00 51.66 ? 173 ILE A CG1 1 
ATOM   133  C CG2 . ILE A 1 22  ? 1.728   -21.182 -9.229  1.00 50.87 ? 173 ILE A CG2 1 
ATOM   134  C CD1 . ILE A 1 22  ? -1.160  -21.165 -8.199  1.00 50.64 ? 173 ILE A CD1 1 
ATOM   135  N N   . THR A 1 23  ? 3.134   -20.925 -12.155 1.00 57.61 ? 174 THR A N   1 
ATOM   136  C CA  . THR A 1 23  ? 4.104   -21.681 -12.931 1.00 61.31 ? 174 THR A CA  1 
ATOM   137  C C   . THR A 1 23  ? 4.816   -22.699 -12.045 1.00 64.11 ? 174 THR A C   1 
ATOM   138  O O   . THR A 1 23  ? 4.778   -23.895 -12.326 1.00 66.51 ? 174 THR A O   1 
ATOM   139  C CB  . THR A 1 23  ? 5.101   -20.746 -13.678 1.00 60.61 ? 174 THR A CB  1 
ATOM   140  O OG1 . THR A 1 23  ? 5.881   -20.025 -12.727 1.00 61.53 ? 174 THR A OG1 1 
ATOM   141  C CG2 . THR A 1 23  ? 4.349   -19.630 -14.441 1.00 58.78 ? 174 THR A CG2 1 
ATOM   142  N N   . ASP A 1 24  ? 5.442   -22.235 -10.970 1.00 66.78 ? 175 ASP A N   1 
ATOM   143  C CA  . ASP A 1 24  ? 6.123   -23.131 -10.030 1.00 69.42 ? 175 ASP A CA  1 
ATOM   144  C C   . ASP A 1 24  ? 5.784   -22.824 -8.563  1.00 70.53 ? 175 ASP A C   1 
ATOM   145  O O   . ASP A 1 24  ? 6.351   -23.430 -7.642  1.00 72.14 ? 175 ASP A O   1 
ATOM   146  C CB  . ASP A 1 24  ? 7.645   -23.121 -10.264 1.00 70.44 ? 175 ASP A CB  1 
ATOM   147  C CG  . ASP A 1 24  ? 8.357   -21.990 -9.523  1.00 71.97 ? 175 ASP A CG  1 
ATOM   148  O OD1 . ASP A 1 24  ? 7.691   -21.155 -8.869  1.00 71.87 ? 175 ASP A OD1 1 
ATOM   149  O OD2 . ASP A 1 24  ? 9.602   -21.865 -9.526  1.00 74.14 ? 175 ASP A OD2 1 
ATOM   150  N N   . ALA A 1 25  ? 4.876   -21.869 -8.353  1.00 70.19 ? 176 ALA A N   1 
ATOM   151  C CA  . ALA A 1 25  ? 4.410   -21.485 -7.007  1.00 70.32 ? 176 ALA A CA  1 
ATOM   152  C C   . ALA A 1 25  ? 5.463   -20.782 -6.115  1.00 69.62 ? 176 ALA A C   1 
ATOM   153  O O   . ALA A 1 25  ? 5.274   -20.640 -4.904  1.00 69.54 ? 176 ALA A O   1 
ATOM   154  C CB  . ALA A 1 25  ? 3.749   -22.691 -6.279  1.00 70.32 ? 176 ALA A CB  1 
ATOM   155  N N   . ASP A 1 26  ? 6.563   -20.351 -6.728  1.00 67.57 ? 177 ASP A N   1 
ATOM   156  C CA  . ASP A 1 26  ? 7.488   -19.357 -6.122  1.00 64.64 ? 177 ASP A CA  1 
ATOM   157  C C   . ASP A 1 26  ? 7.283   -18.140 -7.003  1.00 60.32 ? 177 ASP A C   1 
ATOM   158  O O   . ASP A 1 26  ? 7.677   -17.008 -6.681  1.00 57.44 ? 177 ASP A O   1 
ATOM   159  C CB  . ASP A 1 26  ? 8.939   -19.828 -6.249  1.00 67.94 ? 177 ASP A CB  1 
ATOM   160  C CG  . ASP A 1 26  ? 9.501   -20.261 -4.932  1.00 71.70 ? 177 ASP A CG  1 
ATOM   161  O OD1 . ASP A 1 26  ? 9.114   -21.371 -4.477  1.00 73.62 ? 177 ASP A OD1 1 
ATOM   162  O OD2 . ASP A 1 26  ? 10.323  -19.556 -4.270  1.00 72.93 ? 177 ASP A OD2 1 
ATOM   163  N N   . ASN A 1 27  ? 6.665   -18.444 -8.145  1.00 57.45 ? 178 ASN A N   1 
ATOM   164  C CA  . ASN A 1 27  ? 6.375   -17.505 -9.192  1.00 53.97 ? 178 ASN A CA  1 
ATOM   165  C C   . ASN A 1 27  ? 4.965   -17.789 -9.641  1.00 51.11 ? 178 ASN A C   1 
ATOM   166  O O   . ASN A 1 27  ? 4.626   -18.933 -9.951  1.00 49.56 ? 178 ASN A O   1 
ATOM   167  C CB  . ASN A 1 27  ? 7.332   -17.697 -10.363 1.00 56.18 ? 178 ASN A CB  1 
ATOM   168  C CG  . ASN A 1 27  ? 8.784   -17.537 -9.962  1.00 58.88 ? 178 ASN A CG  1 
ATOM   169  O OD1 . ASN A 1 27  ? 9.227   -16.446 -9.576  1.00 60.20 ? 178 ASN A OD1 1 
ATOM   170  N ND2 . ASN A 1 27  ? 9.538   -18.626 -10.053 1.00 59.29 ? 178 ASN A ND2 1 
ATOM   171  N N   . ALA A 1 28  ? 4.145   -16.744 -9.643  1.00 46.94 ? 179 ALA A N   1 
ATOM   172  C CA  . ALA A 1 28  ? 2.798   -16.806 -10.181 1.00 45.80 ? 179 ALA A CA  1 
ATOM   173  C C   . ALA A 1 28  ? 2.571   -15.492 -10.926 1.00 44.55 ? 179 ALA A C   1 
ATOM   174  O O   . ALA A 1 28  ? 2.935   -14.426 -10.419 1.00 41.01 ? 179 ALA A O   1 
ATOM   175  C CB  . ALA A 1 28  ? 1.753   -16.974 -9.043  1.00 41.47 ? 179 ALA A CB  1 
ATOM   176  N N   . THR A 1 29  ? 1.950   -15.556 -12.107 1.00 44.66 ? 180 THR A N   1 
ATOM   177  C CA  . THR A 1 29  ? 1.868   -14.352 -12.940 1.00 45.22 ? 180 THR A CA  1 
ATOM   178  C C   . THR A 1 29  ? 0.803   -13.400 -12.412 1.00 43.00 ? 180 THR A C   1 
ATOM   179  O O   . THR A 1 29  ? 0.888   -12.187 -12.626 1.00 41.09 ? 180 THR A O   1 
ATOM   180  C CB  . THR A 1 29  ? 1.688   -14.679 -14.478 1.00 46.73 ? 180 THR A CB  1 
ATOM   181  O OG1 . THR A 1 29  ? 2.147   -13.570 -15.276 1.00 46.62 ? 180 THR A OG1 1 
ATOM   182  C CG2 . THR A 1 29  ? 0.241   -14.754 -14.845 1.00 46.90 ? 180 THR A CG2 1 
ATOM   183  N N   . LYS A 1 30  ? -0.187  -13.950 -11.707 1.00 39.32 ? 181 LYS A N   1 
ATOM   184  C CA  . LYS A 1 30  ? -1.264  -13.109 -11.201 1.00 39.96 ? 181 LYS A CA  1 
ATOM   185  C C   . LYS A 1 30  ? -1.454  -13.219 -9.687  1.00 39.11 ? 181 LYS A C   1 
ATOM   186  O O   . LYS A 1 30  ? -1.466  -14.322 -9.136  1.00 41.97 ? 181 LYS A O   1 
ATOM   187  C CB  . LYS A 1 30  ? -2.558  -13.391 -11.952 1.00 39.10 ? 181 LYS A CB  1 
ATOM   188  C CG  . LYS A 1 30  ? -3.573  -12.311 -11.797 1.00 41.56 ? 181 LYS A CG  1 
ATOM   189  C CD  . LYS A 1 30  ? -4.885  -12.710 -12.444 1.00 45.01 ? 181 LYS A CD  1 
ATOM   190  C CE  . LYS A 1 30  ? -5.733  -11.488 -12.742 1.00 48.22 ? 181 LYS A CE  1 
ATOM   191  N NZ  . LYS A 1 30  ? -5.992  -10.689 -11.502 1.00 51.89 ? 181 LYS A NZ  1 
ATOM   192  N N   . ALA A 1 31  ? -1.570  -12.075 -9.015  1.00 35.45 ? 182 ALA A N   1 
ATOM   193  C CA  . ALA A 1 31  ? -1.757  -12.040 -7.556  1.00 32.55 ? 182 ALA A CA  1 
ATOM   194  C C   . ALA A 1 31  ? -2.686  -10.887 -7.223  1.00 30.86 ? 182 ALA A C   1 
ATOM   195  O O   . ALA A 1 31  ? -2.431  -9.758  -7.631  1.00 28.41 ? 182 ALA A O   1 
ATOM   196  C CB  . ALA A 1 31  ? -0.420  -11.868 -6.845  1.00 30.63 ? 182 ALA A CB  1 
ATOM   197  N N   . VAL A 1 32  ? -3.773  -11.171 -6.511  1.00 29.15 ? 183 VAL A N   1 
ATOM   198  C CA  . VAL A 1 32  ? -4.749  -10.136 -6.147  1.00 29.82 ? 183 VAL A CA  1 
ATOM   199  C C   . VAL A 1 32  ? -4.958  -10.125 -4.643  1.00 29.58 ? 183 VAL A C   1 
ATOM   200  O O   . VAL A 1 32  ? -5.249  -11.171 -4.031  1.00 27.20 ? 183 VAL A O   1 
ATOM   201  C CB  . VAL A 1 32  ? -6.095  -10.345 -6.838  1.00 32.65 ? 183 VAL A CB  1 
ATOM   202  C CG1 . VAL A 1 32  ? -7.137  -9.466  -6.223  1.00 30.24 ? 183 VAL A CG1 1 
ATOM   203  C CG2 . VAL A 1 32  ? -5.976  -10.031 -8.327  1.00 38.82 ? 183 VAL A CG2 1 
ATOM   204  N N   . GLU A 1 33  ? -4.805  -8.944  -4.049  1.00 25.12 ? 184 GLU A N   1 
ATOM   205  C CA  . GLU A 1 33  ? -5.087  -8.770  -2.643  1.00 24.23 ? 184 GLU A CA  1 
ATOM   206  C C   . GLU A 1 33  ? -6.322  -7.925  -2.478  1.00 25.69 ? 184 GLU A C   1 
ATOM   207  O O   . GLU A 1 33  ? -6.431  -6.818  -3.042  1.00 23.24 ? 184 GLU A O   1 
ATOM   208  C CB  . GLU A 1 33  ? -3.919  -8.125  -1.914  1.00 23.87 ? 184 GLU A CB  1 
ATOM   209  C CG  . GLU A 1 33  ? -4.147  -7.988  -0.405  1.00 23.97 ? 184 GLU A CG  1 
ATOM   210  C CD  . GLU A 1 33  ? -2.934  -7.433  0.306   1.00 25.04 ? 184 GLU A CD  1 
ATOM   211  O OE1 . GLU A 1 33  ? -2.373  -6.433  -0.169  1.00 25.83 ? 184 GLU A OE1 1 
ATOM   212  O OE2 . GLU A 1 33  ? -2.539  -7.978  1.348   1.00 27.64 ? 184 GLU A OE2 1 
ATOM   213  N N   . THR A 1 34  ? -7.237  -8.424  -1.676  1.00 24.62 ? 185 THR A N   1 
ATOM   214  C CA  . THR A 1 34  ? -8.448  -7.682  -1.350  1.00 26.09 ? 185 THR A CA  1 
ATOM   215  C C   . THR A 1 34  ? -8.497  -7.370  0.134   1.00 23.71 ? 185 THR A C   1 
ATOM   216  O O   . THR A 1 34  ? -8.632  -8.266  0.965   1.00 21.02 ? 185 THR A O   1 
ATOM   217  C CB  . THR A 1 34  ? -9.709  -8.494  -1.769  1.00 30.38 ? 185 THR A CB  1 
ATOM   218  O OG1 . THR A 1 34  ? -9.589  -8.944  -3.136  1.00 28.55 ? 185 THR A OG1 1 
ATOM   219  C CG2 . THR A 1 34  ? -10.933 -7.594  -1.739  1.00 31.37 ? 185 THR A CG2 1 
ATOM   220  N N   . LEU A 1 35  ? -8.388  -6.079  0.463   1.00 24.95 ? 186 LEU A N   1 
ATOM   221  C CA  . LEU A 1 35  ? -8.439  -5.617  1.849   1.00 22.81 ? 186 LEU A CA  1 
ATOM   222  C C   . LEU A 1 35  ? -9.882  -5.189  2.095   1.00 26.32 ? 186 LEU A C   1 
ATOM   223  O O   . LEU A 1 35  ? -10.728 -5.267  1.169   1.00 24.42 ? 186 LEU A O   1 
ATOM   224  C CB  . LEU A 1 35  ? -7.503  -4.396  2.032   1.00 20.06 ? 186 LEU A CB  1 
ATOM   225  C CG  . LEU A 1 35  ? -6.031  -4.702  1.690   1.00 21.49 ? 186 LEU A CG  1 
ATOM   226  C CD1 . LEU A 1 35  ? -5.128  -3.474  1.691   1.00 21.54 ? 186 LEU A CD1 1 
ATOM   227  C CD2 . LEU A 1 35  ? -5.506  -5.735  2.657   1.00 17.94 ? 186 LEU A CD2 1 
ATOM   228  N N   . LYS A 1 36  ? -10.158 -4.699  3.301   1.00 25.22 ? 187 LYS A N   1 
ATOM   229  C CA  . LYS A 1 36  ? -11.490 -4.214  3.646   1.00 27.70 ? 187 LYS A CA  1 
ATOM   230  C C   . LYS A 1 36  ? -11.939 -3.080  2.735   1.00 27.26 ? 187 LYS A C   1 
ATOM   231  O O   . LYS A 1 36  ? -11.124 -2.444  2.045   1.00 29.20 ? 187 LYS A O   1 
ATOM   232  C CB  . LYS A 1 36  ? -11.551 -3.760  5.119   1.00 29.73 ? 187 LYS A CB  1 
ATOM   233  C CG  . LYS A 1 36  ? -11.390 -4.868  6.152   1.00 31.57 ? 187 LYS A CG  1 
ATOM   234  C CD  . LYS A 1 36  ? -12.628 -5.768  6.198   1.00 33.51 ? 187 LYS A CD  1 
ATOM   235  C CE  . LYS A 1 36  ? -12.392 -7.087  6.972   1.00 38.03 ? 187 LYS A CE  1 
ATOM   236  N NZ  . LYS A 1 36  ? -12.055 -6.913  8.434   1.00 38.65 ? 187 LYS A NZ  1 
ATOM   237  N N   . ASN A 1 37  ? -13.241 -2.844  2.711   1.00 25.99 ? 188 ASN A N   1 
ATOM   238  C CA  . ASN A 1 37  ? -13.845 -1.799  1.891   1.00 29.89 ? 188 ASN A CA  1 
ATOM   239  C C   . ASN A 1 37  ? -13.654 -2.024  0.403   1.00 34.75 ? 188 ASN A C   1 
ATOM   240  O O   . ASN A 1 37  ? -13.785 -1.076  -0.392  1.00 36.00 ? 188 ASN A O   1 
ATOM   241  C CB  . ASN A 1 37  ? -13.324 -0.411  2.280   1.00 33.25 ? 188 ASN A CB  1 
ATOM   242  C CG  . ASN A 1 37  ? -13.705 -0.018  3.697   1.00 35.30 ? 188 ASN A CG  1 
ATOM   243  O OD1 . ASN A 1 37  ? -14.852 -0.178  4.109   1.00 34.11 ? 188 ASN A OD1 1 
ATOM   244  N ND2 . ASN A 1 37  ? -12.734 0.479   4.458   1.00 35.50 ? 188 ASN A ND2 1 
ATOM   245  N N   . SER A 1 38  ? -13.334 -3.270  0.029   1.00 35.68 ? 189 SER A N   1 
ATOM   246  C CA  . SER A 1 38  ? -13.160 -3.653  -1.382  1.00 40.12 ? 189 SER A CA  1 
ATOM   247  C C   . SER A 1 38  ? -12.018 -2.892  -2.054  1.00 39.98 ? 189 SER A C   1 
ATOM   248  O O   . SER A 1 38  ? -12.099 -2.534  -3.251  1.00 41.38 ? 189 SER A O   1 
ATOM   249  C CB  . SER A 1 38  ? -14.466 -3.492  -2.207  1.00 41.48 ? 189 SER A CB  1 
ATOM   250  O OG  . SER A 1 38  ? -15.356 -4.576  -1.913  1.00 44.70 ? 189 SER A OG  1 
ATOM   251  N N   . ILE A 1 39  ? -10.962 -2.635  -1.288  1.00 34.34 ? 190 ILE A N   1 
ATOM   252  C CA  . ILE A 1 39  ? -9.766  -2.085  -1.878  1.00 30.52 ? 190 ILE A CA  1 
ATOM   253  C C   . ILE A 1 39  ? -8.939  -3.258  -2.429  1.00 28.97 ? 190 ILE A C   1 
ATOM   254  O O   . ILE A 1 39  ? -8.385  -4.085  -1.698  1.00 30.57 ? 190 ILE A O   1 
ATOM   255  C CB  . ILE A 1 39  ? -9.032  -1.165  -0.874  1.00 28.30 ? 190 ILE A CB  1 
ATOM   256  C CG1 . ILE A 1 39  ? -9.930  0.072   -0.537  1.00 25.43 ? 190 ILE A CG1 1 
ATOM   257  C CG2 . ILE A 1 39  ? -7.686  -0.696  -1.447  1.00 23.96 ? 190 ILE A CG2 1 
ATOM   258  C CD1 . ILE A 1 39  ? -9.558  0.737   0.716   1.00 27.86 ? 190 ILE A CD1 1 
ATOM   259  N N   . LYS A 1 40  ? -8.868  -3.328  -3.743  1.00 27.29 ? 191 LYS A N   1 
ATOM   260  C CA  . LYS A 1 40  ? -8.105  -4.363  -4.377  1.00 27.88 ? 191 LYS A CA  1 
ATOM   261  C C   . LYS A 1 40  ? -6.848  -3.834  -5.026  1.00 27.65 ? 191 LYS A C   1 
ATOM   262  O O   . LYS A 1 40  ? -6.876  -2.817  -5.715  1.00 26.79 ? 191 LYS A O   1 
ATOM   263  C CB  . LYS A 1 40  ? -8.949  -5.081  -5.430  1.00 35.59 ? 191 LYS A CB  1 
ATOM   264  C CG  . LYS A 1 40  ? -10.062 -5.955  -4.834  1.00 42.92 ? 191 LYS A CG  1 
ATOM   265  C CD  . LYS A 1 40  ? -10.774 -6.803  -5.905  1.00 47.53 ? 191 LYS A CD  1 
ATOM   266  C CE  . LYS A 1 40  ? -11.498 -5.897  -6.913  1.00 52.25 ? 191 LYS A CE  1 
ATOM   267  N NZ  . LYS A 1 40  ? -10.511 -5.245  -7.870  1.00 54.74 ? 191 LYS A NZ  1 
ATOM   268  N N   . LEU A 1 41  ? -5.748  -4.551  -4.794  1.00 24.59 ? 192 LEU A N   1 
ATOM   269  C CA  . LEU A 1 41  ? -4.477  -4.276  -5.425  1.00 22.25 ? 192 LEU A CA  1 
ATOM   270  C C   . LEU A 1 41  ? -4.110  -5.500  -6.221  1.00 25.47 ? 192 LEU A C   1 
ATOM   271  O O   . LEU A 1 41  ? -4.330  -6.635  -5.755  1.00 25.71 ? 192 LEU A O   1 
ATOM   272  C CB  . LEU A 1 41  ? -3.418  -3.998  -4.346  1.00 24.56 ? 192 LEU A CB  1 
ATOM   273  C CG  . LEU A 1 41  ? -3.660  -2.875  -3.312  1.00 24.53 ? 192 LEU A CG  1 
ATOM   274  C CD1 . LEU A 1 41  ? -4.441  -3.361  -2.162  1.00 24.04 ? 192 LEU A CD1 1 
ATOM   275  C CD2 . LEU A 1 41  ? -2.336  -2.311  -2.822  1.00 29.57 ? 192 LEU A CD2 1 
ATOM   276  N N   . GLU A 1 42  ? -3.505  -5.290  -7.393  1.00 26.59 ? 193 GLU A N   1 
ATOM   277  C CA  . GLU A 1 42  ? -3.097  -6.371  -8.313  1.00 27.28 ? 193 GLU A CA  1 
ATOM   278  C C   . GLU A 1 42  ? -1.619  -6.359  -8.638  1.00 27.04 ? 193 GLU A C   1 
ATOM   279  O O   . GLU A 1 42  ? -0.977  -5.297  -8.697  1.00 26.73 ? 193 GLU A O   1 
ATOM   280  C CB  . GLU A 1 42  ? -3.885  -6.281  -9.610  1.00 31.64 ? 193 GLU A CB  1 
ATOM   281  C CG  . GLU A 1 42  ? -5.395  -6.324  -9.409  1.00 38.05 ? 193 GLU A CG  1 
ATOM   282  C CD  . GLU A 1 42  ? -6.161  -6.523  -10.713 1.00 44.34 ? 193 GLU A CD  1 
ATOM   283  O OE1 . GLU A 1 42  ? -7.412  -6.531  -10.674 1.00 48.92 ? 193 GLU A OE1 1 
ATOM   284  O OE2 . GLU A 1 42  ? -5.523  -6.704  -11.780 1.00 45.03 ? 193 GLU A OE2 1 
ATOM   285  N N   . GLY A 1 43  ? -1.055  -7.546  -8.833  1.00 25.03 ? 194 GLY A N   1 
ATOM   286  C CA  . GLY A 1 43  ? 0.363   -7.670  -9.086  1.00 23.39 ? 194 GLY A CA  1 
ATOM   287  C C   . GLY A 1 43  ? 0.701   -9.106  -9.467  1.00 25.12 ? 194 GLY A C   1 
ATOM   288  O O   . GLY A 1 43  ? -0.037  -9.739  -10.188 1.00 24.30 ? 194 GLY A O   1 
ATOM   289  N N   . SER A 1 44  ? 1.823   -9.601  -8.980  1.00 24.64 ? 195 SER A N   1 
ATOM   290  C CA  . SER A 1 44  ? 2.248   -10.953 -9.294  1.00 31.04 ? 195 SER A CA  1 
ATOM   291  C C   . SER A 1 44  ? 3.156   -11.493 -8.179  1.00 31.30 ? 195 SER A C   1 
ATOM   292  O O   . SER A 1 44  ? 3.426   -10.819 -7.192  1.00 29.65 ? 195 SER A O   1 
ATOM   293  C CB  . SER A 1 44  ? 2.989   -10.975 -10.636 1.00 31.14 ? 195 SER A CB  1 
ATOM   294  O OG  . SER A 1 44  ? 4.082   -10.088 -10.605 1.00 33.76 ? 195 SER A OG  1 
ATOM   295  N N   . LEU A 1 45  ? 3.613   -12.722 -8.362  1.00 33.41 ? 196 LEU A N   1 
ATOM   296  C CA  . LEU A 1 45  ? 4.494   -13.388 -7.422  1.00 37.66 ? 196 LEU A CA  1 
ATOM   297  C C   . LEU A 1 45  ? 5.691   -13.821 -8.245  1.00 39.63 ? 196 LEU A C   1 
ATOM   298  O O   . LEU A 1 45  ? 5.532   -14.525 -9.249  1.00 37.84 ? 196 LEU A O   1 
ATOM   299  C CB  . LEU A 1 45  ? 3.783   -14.613 -6.827  1.00 38.97 ? 196 LEU A CB  1 
ATOM   300  C CG  . LEU A 1 45  ? 4.619   -15.621 -6.014  1.00 39.06 ? 196 LEU A CG  1 
ATOM   301  C CD1 . LEU A 1 45  ? 5.234   -14.965 -4.756  1.00 40.91 ? 196 LEU A CD1 1 
ATOM   302  C CD2 . LEU A 1 45  ? 3.745   -16.802 -5.663  1.00 39.69 ? 196 LEU A CD2 1 
ATOM   303  N N   . VAL A 1 46  ? 6.867   -13.348 -7.845  1.00 42.08 ? 197 VAL A N   1 
ATOM   304  C CA  . VAL A 1 46  ? 8.128   -13.684 -8.519  1.00 45.71 ? 197 VAL A CA  1 
ATOM   305  C C   . VAL A 1 46  ? 9.292   -13.800 -7.524  1.00 45.81 ? 197 VAL A C   1 
ATOM   306  O O   . VAL A 1 46  ? 9.603   -12.843 -6.809  1.00 44.96 ? 197 VAL A O   1 
ATOM   307  C CB  . VAL A 1 46  ? 8.513   -12.659 -9.638  1.00 46.99 ? 197 VAL A CB  1 
ATOM   308  C CG1 . VAL A 1 46  ? 7.684   -12.873 -10.907 1.00 48.03 ? 197 VAL A CG1 1 
ATOM   309  C CG2 . VAL A 1 46  ? 8.351   -11.238 -9.157  1.00 47.79 ? 197 VAL A CG2 1 
ATOM   310  N N   . VAL A 1 47  ? 9.943   -14.973 -7.519  1.00 48.68 ? 198 VAL A N   1 
ATOM   311  C CA  . VAL A 1 47  ? 11.089  -15.276 -6.640  1.00 46.84 ? 198 VAL A CA  1 
ATOM   312  C C   . VAL A 1 47  ? 10.597  -15.370 -5.192  1.00 45.71 ? 198 VAL A C   1 
ATOM   313  O O   . VAL A 1 47  ? 11.317  -15.006 -4.257  1.00 47.23 ? 198 VAL A O   1 
ATOM   314  C CB  . VAL A 1 47  ? 12.264  -14.238 -6.807  1.00 47.96 ? 198 VAL A CB  1 
ATOM   315  C CG1 . VAL A 1 47  ? 13.519  -14.650 -6.027  1.00 48.06 ? 198 VAL A CG1 1 
ATOM   316  C CG2 . VAL A 1 47  ? 12.611  -14.040 -8.289  1.00 49.05 ? 198 VAL A CG2 1 
ATOM   317  N N   . GLY A 1 48  ? 9.362   -15.850 -5.010  1.00 42.90 ? 199 GLY A N   1 
ATOM   318  C CA  . GLY A 1 48  ? 8.779   -15.988 -3.676  1.00 39.43 ? 199 GLY A CA  1 
ATOM   319  C C   . GLY A 1 48  ? 8.287   -14.695 -2.998  1.00 37.99 ? 199 GLY A C   1 
ATOM   320  O O   . GLY A 1 48  ? 7.738   -14.725 -1.891  1.00 37.43 ? 199 GLY A O   1 
ATOM   321  N N   . LYS A 1 49  ? 8.482   -13.557 -3.649  1.00 36.93 ? 200 LYS A N   1 
ATOM   322  C CA  . LYS A 1 49  ? 7.954   -12.304 -3.132  1.00 37.28 ? 200 LYS A CA  1 
ATOM   323  C C   . LYS A 1 49  ? 6.735   -11.877 -3.924  1.00 34.09 ? 200 LYS A C   1 
ATOM   324  O O   . LYS A 1 49  ? 6.808   -11.731 -5.156  1.00 33.22 ? 200 LYS A O   1 
ATOM   325  C CB  . LYS A 1 49  ? 9.021   -11.205 -3.174  1.00 41.98 ? 200 LYS A CB  1 
ATOM   326  C CG  . LYS A 1 49  ? 8.496   -9.832  -2.780  1.00 46.45 ? 200 LYS A CG  1 
ATOM   327  C CD  . LYS A 1 49  ? 9.623   -8.848  -2.529  1.00 51.16 ? 200 LYS A CD  1 
ATOM   328  C CE  . LYS A 1 49  ? 9.501   -8.330  -1.108  1.00 55.08 ? 200 LYS A CE  1 
ATOM   329  N NZ  . LYS A 1 49  ? 10.303  -7.058  -0.811  1.00 58.70 ? 200 LYS A NZ  1 
ATOM   330  N N   . THR A 1 50  ? 5.636   -11.629 -3.211  1.00 31.41 ? 201 THR A N   1 
ATOM   331  C CA  . THR A 1 50  ? 4.407   -11.082 -3.803  1.00 28.66 ? 201 THR A CA  1 
ATOM   332  C C   . THR A 1 50  ? 4.391   -9.550  -3.824  1.00 28.13 ? 201 THR A C   1 
ATOM   333  O O   . THR A 1 50  ? 4.481   -8.926  -2.762  1.00 25.18 ? 201 THR A O   1 
ATOM   334  C CB  . THR A 1 50  ? 3.211   -11.568 -3.021  1.00 28.30 ? 201 THR A CB  1 
ATOM   335  O OG1 . THR A 1 50  ? 3.103   -12.985 -3.164  1.00 31.21 ? 201 THR A OG1 1 
ATOM   336  C CG2 . THR A 1 50  ? 1.897   -11.017 -3.619  1.00 27.38 ? 201 THR A CG2 1 
ATOM   337  N N   . THR A 1 51  ? 4.244   -8.963  -5.024  1.00 24.66 ? 202 THR A N   1 
ATOM   338  C CA  . THR A 1 51  ? 4.101   -7.520  -5.155  1.00 25.88 ? 202 THR A CA  1 
ATOM   339  C C   . THR A 1 51  ? 2.734   -7.128  -5.738  1.00 24.51 ? 202 THR A C   1 
ATOM   340  O O   . THR A 1 51  ? 2.344   -7.566  -6.816  1.00 24.99 ? 202 THR A O   1 
ATOM   341  C CB  . THR A 1 51  ? 5.184   -6.938  -6.040  1.00 29.11 ? 202 THR A CB  1 
ATOM   342  O OG1 . THR A 1 51  ? 6.469   -7.122  -5.423  1.00 31.50 ? 202 THR A OG1 1 
ATOM   343  C CG2 . THR A 1 51  ? 5.008   -5.411  -6.152  1.00 26.50 ? 202 THR A CG2 1 
ATOM   344  N N   . VAL A 1 52  ? 2.016   -6.293  -5.015  1.00 22.01 ? 203 VAL A N   1 
ATOM   345  C CA  . VAL A 1 52  ? 0.694   -5.895  -5.457  1.00 24.85 ? 203 VAL A CA  1 
ATOM   346  C C   . VAL A 1 52  ? 0.674   -4.348  -5.515  1.00 22.32 ? 203 VAL A C   1 
ATOM   347  O O   . VAL A 1 52  ? 1.334   -3.700  -4.712  1.00 19.01 ? 203 VAL A O   1 
ATOM   348  C CB  . VAL A 1 52  ? -0.357  -6.518  -4.486  1.00 28.47 ? 203 VAL A CB  1 
ATOM   349  C CG1 . VAL A 1 52  ? -0.441  -5.763  -3.180  1.00 31.15 ? 203 VAL A CG1 1 
ATOM   350  C CG2 . VAL A 1 52  ? -1.644  -6.619  -5.142  1.00 36.91 ? 203 VAL A CG2 1 
ATOM   351  N N   . GLU A 1 53  ? -0.057  -3.756  -6.462  1.00 20.41 ? 204 GLU A N   1 
ATOM   352  C CA  . GLU A 1 53  ? 0.026   -2.298  -6.598  1.00 23.48 ? 204 GLU A CA  1 
ATOM   353  C C   . GLU A 1 53  ? -1.225  -1.619  -7.142  1.00 22.58 ? 204 GLU A C   1 
ATOM   354  O O   . GLU A 1 53  ? -2.132  -2.260  -7.661  1.00 18.42 ? 204 GLU A O   1 
ATOM   355  C CB  . GLU A 1 53  ? 1.242   -1.929  -7.478  1.00 25.39 ? 204 GLU A CB  1 
ATOM   356  C CG  . GLU A 1 53  ? 1.279   -2.679  -8.801  1.00 31.44 ? 204 GLU A CG  1 
ATOM   357  C CD  . GLU A 1 53  ? 2.279   -2.091  -9.790  1.00 31.75 ? 204 GLU A CD  1 
ATOM   358  O OE1 . GLU A 1 53  ? 1.865   -1.336  -10.681 1.00 33.26 ? 204 GLU A OE1 1 
ATOM   359  O OE2 . GLU A 1 53  ? 3.468   -2.362  -9.642  1.00 31.46 ? 204 GLU A OE2 1 
ATOM   360  N N   . ILE A 1 54  ? -1.251  -0.301  -6.972  1.00 23.75 ? 205 ILE A N   1 
ATOM   361  C CA  . ILE A 1 54  ? -2.295  0.562   -7.510  1.00 22.89 ? 205 ILE A CA  1 
ATOM   362  C C   . ILE A 1 54  ? -1.590  1.809   -8.029  1.00 24.34 ? 205 ILE A C   1 
ATOM   363  O O   . ILE A 1 54  ? -0.644  2.283   -7.396  1.00 21.26 ? 205 ILE A O   1 
ATOM   364  C CB  . ILE A 1 54  ? -3.343  0.911   -6.449  1.00 30.43 ? 205 ILE A CB  1 
ATOM   365  C CG1 . ILE A 1 54  ? -2.774  1.849   -5.409  1.00 33.66 ? 205 ILE A CG1 1 
ATOM   366  C CG2 . ILE A 1 54  ? -3.878  -0.334  -5.747  1.00 29.24 ? 205 ILE A CG2 1 
ATOM   367  C CD1 . ILE A 1 54  ? -3.829  2.615   -4.737  1.00 38.58 ? 205 ILE A CD1 1 
ATOM   368  N N   . LYS A 1 55  ? -2.004  2.294   -9.208  1.00 21.37 ? 206 LYS A N   1 
ATOM   369  C CA  . LYS A 1 55  ? -1.391  3.457   -9.816  1.00 21.77 ? 206 LYS A CA  1 
ATOM   370  C C   . LYS A 1 55  ? -2.325  4.634   -9.890  1.00 21.83 ? 206 LYS A C   1 
ATOM   371  O O   . LYS A 1 55  ? -3.522  4.476   -10.069 1.00 23.10 ? 206 LYS A O   1 
ATOM   372  C CB  . LYS A 1 55  ? -0.830  3.116   -11.182 1.00 27.13 ? 206 LYS A CB  1 
ATOM   373  C CG  . LYS A 1 55  ? 0.187   1.968   -11.131 1.00 31.06 ? 206 LYS A CG  1 
ATOM   374  C CD  . LYS A 1 55  ? 0.545   1.426   -12.535 1.00 35.48 ? 206 LYS A CD  1 
ATOM   375  C CE  . LYS A 1 55  ? 1.361   2.463   -13.317 1.00 36.92 ? 206 LYS A CE  1 
ATOM   376  N NZ  . LYS A 1 55  ? 0.453   3.529   -13.850 1.00 38.91 ? 206 LYS A NZ  1 
ATOM   377  N N   . GLU A 1 56  ? -1.769  5.817   -9.721  1.00 18.49 ? 207 GLU A N   1 
ATOM   378  C CA  . GLU A 1 56  ? -2.506  7.083   -9.837  1.00 20.83 ? 207 GLU A CA  1 
ATOM   379  C C   . GLU A 1 56  ? -1.589  8.086   -10.511 1.00 18.16 ? 207 GLU A C   1 
ATOM   380  O O   . GLU A 1 56  ? -0.651  8.619   -9.871  1.00 16.30 ? 207 GLU A O   1 
ATOM   381  C CB  . GLU A 1 56  ? -2.910  7.597   -8.440  1.00 21.18 ? 207 GLU A CB  1 
ATOM   382  C CG  . GLU A 1 56  ? -3.489  8.998   -8.460  1.00 30.67 ? 207 GLU A CG  1 
ATOM   383  C CD  . GLU A 1 56  ? -4.885  9.019   -9.053  1.00 36.05 ? 207 GLU A CD  1 
ATOM   384  O OE1 . GLU A 1 56  ? -5.284  10.044  -9.603  1.00 45.00 ? 207 GLU A OE1 1 
ATOM   385  O OE2 . GLU A 1 56  ? -5.605  8.018   -8.942  1.00 42.98 ? 207 GLU A OE2 1 
ATOM   386  N N   . GLY A 1 57  ? -1.823  8.345   -11.799 1.00 17.21 ? 208 GLY A N   1 
ATOM   387  C CA  . GLY A 1 57  ? -0.979  9.309   -12.506 1.00 15.91 ? 208 GLY A CA  1 
ATOM   388  C C   . GLY A 1 57  ? 0.435   8.780   -12.617 1.00 19.19 ? 208 GLY A C   1 
ATOM   389  O O   . GLY A 1 57  ? 0.613   7.650   -13.115 1.00 20.27 ? 208 GLY A O   1 
ATOM   390  N N   . THR A 1 58  ? 1.421   9.542   -12.127 1.00 16.22 ? 209 THR A N   1 
ATOM   391  C CA  . THR A 1 58  ? 2.838   9.071   -12.121 1.00 18.38 ? 209 THR A CA  1 
ATOM   392  C C   . THR A 1 58  ? 3.245   8.328   -10.820 1.00 18.89 ? 209 THR A C   1 
ATOM   393  O O   . THR A 1 58  ? 4.395   7.884   -10.665 1.00 17.99 ? 209 THR A O   1 
ATOM   394  C CB  . THR A 1 58  ? 3.782   10.259  -12.348 1.00 19.11 ? 209 THR A CB  1 
ATOM   395  O OG1 . THR A 1 58  ? 3.590   11.205  -11.268 1.00 20.14 ? 209 THR A OG1 1 
ATOM   396  C CG2 . THR A 1 58  ? 3.354   11.027  -13.674 1.00 18.83 ? 209 THR A CG2 1 
ATOM   397  N N   . VAL A 1 59  ? 2.285   8.172   -9.905  1.00 15.52 ? 210 VAL A N   1 
ATOM   398  C CA  . VAL A 1 59  ? 2.563   7.542   -8.607  1.00 14.11 ? 210 VAL A CA  1 
ATOM   399  C C   . VAL A 1 59  ? 2.112   6.102   -8.608  1.00 15.82 ? 210 VAL A C   1 
ATOM   400  O O   . VAL A 1 59  ? 1.038   5.774   -9.149  1.00 14.76 ? 210 VAL A O   1 
ATOM   401  C CB  . VAL A 1 59  ? 1.874   8.312   -7.406  1.00 12.79 ? 210 VAL A CB  1 
ATOM   402  C CG1 . VAL A 1 59  ? 2.158   7.583   -6.064  1.00 18.78 ? 210 VAL A CG1 1 
ATOM   403  C CG2 . VAL A 1 59  ? 2.342   9.721   -7.353  1.00 17.90 ? 210 VAL A CG2 1 
ATOM   404  N N   . THR A 1 60  ? 2.966   5.228   -8.063  1.00 13.88 ? 211 THR A N   1 
ATOM   405  C CA  . THR A 1 60  ? 2.636   3.824   -7.896  1.00 18.18 ? 211 THR A CA  1 
ATOM   406  C C   . THR A 1 60  ? 2.805   3.453   -6.408  1.00 19.58 ? 211 THR A C   1 
ATOM   407  O O   . THR A 1 60  ? 3.869   3.659   -5.830  1.00 19.19 ? 211 THR A O   1 
ATOM   408  C CB  . THR A 1 60  ? 3.571   2.938   -8.738  1.00 20.15 ? 211 THR A CB  1 
ATOM   409  O OG1 . THR A 1 60  ? 3.361   3.201   -10.133 1.00 19.07 ? 211 THR A OG1 1 
ATOM   410  C CG2 . THR A 1 60  ? 3.202   1.446   -8.533  1.00 22.77 ? 211 THR A CG2 1 
ATOM   411  N N   . LEU A 1 61  ? 1.740   2.977   -5.782  1.00 19.14 ? 212 LEU A N   1 
ATOM   412  C CA  . LEU A 1 61  ? 1.817   2.430   -4.431  1.00 19.34 ? 212 LEU A CA  1 
ATOM   413  C C   . LEU A 1 61  ? 2.088   0.901   -4.550  1.00 22.08 ? 212 LEU A C   1 
ATOM   414  O O   . LEU A 1 61  ? 1.282   0.175   -5.109  1.00 21.40 ? 212 LEU A O   1 
ATOM   415  C CB  . LEU A 1 61  ? 0.516   2.745   -3.684  1.00 20.91 ? 212 LEU A CB  1 
ATOM   416  C CG  . LEU A 1 61  ? 0.409   2.313   -2.207  1.00 28.90 ? 212 LEU A CG  1 
ATOM   417  C CD1 . LEU A 1 61  ? -0.732  3.075   -1.482  1.00 34.86 ? 212 LEU A CD1 1 
ATOM   418  C CD2 . LEU A 1 61  ? 0.148   0.788   -2.120  1.00 32.00 ? 212 LEU A CD2 1 
ATOM   419  N N   . LYS A 1 62  ? 3.240   0.436   -4.056  1.00 22.12 ? 213 LYS A N   1 
ATOM   420  C CA  . LYS A 1 62  ? 3.592   -0.965  -4.110  1.00 21.05 ? 213 LYS A CA  1 
ATOM   421  C C   . LYS A 1 62  ? 3.575   -1.596  -2.727  1.00 22.71 ? 213 LYS A C   1 
ATOM   422  O O   . LYS A 1 62  ? 4.154   -1.064  -1.783  1.00 25.15 ? 213 LYS A O   1 
ATOM   423  C CB  . LYS A 1 62  ? 4.963   -1.154  -4.752  1.00 23.08 ? 213 LYS A CB  1 
ATOM   424  C CG  . LYS A 1 62  ? 4.973   -0.984  -6.258  1.00 28.63 ? 213 LYS A CG  1 
ATOM   425  C CD  . LYS A 1 62  ? 6.382   -1.077  -6.805  1.00 34.24 ? 213 LYS A CD  1 
ATOM   426  C CE  . LYS A 1 62  ? 6.396   -1.043  -8.312  1.00 36.35 ? 213 LYS A CE  1 
ATOM   427  N NZ  . LYS A 1 62  ? 5.854   -2.302  -8.915  1.00 40.61 ? 213 LYS A NZ  1 
ATOM   428  N N   . ARG A 1 63  ? 2.902   -2.733  -2.627  1.00 23.39 ? 214 ARG A N   1 
ATOM   429  C CA  . ARG A 1 63  ? 2.798   -3.471  -1.381  1.00 26.64 ? 214 ARG A CA  1 
ATOM   430  C C   . ARG A 1 63  ? 3.460   -4.814  -1.577  1.00 26.77 ? 214 ARG A C   1 
ATOM   431  O O   . ARG A 1 63  ? 2.983   -5.618  -2.364  1.00 25.66 ? 214 ARG A O   1 
ATOM   432  C CB  . ARG A 1 63  ? 1.325   -3.608  -1.040  1.00 26.74 ? 214 ARG A CB  1 
ATOM   433  C CG  . ARG A 1 63  ? 1.012   -4.059  0.347   1.00 29.23 ? 214 ARG A CG  1 
ATOM   434  C CD  . ARG A 1 63  ? -0.487  -4.020  0.604   1.00 26.84 ? 214 ARG A CD  1 
ATOM   435  N NE  . ARG A 1 63  ? -0.906  -5.082  1.504   1.00 26.18 ? 214 ARG A NE  1 
ATOM   436  C CZ  . ARG A 1 63  ? -0.697  -5.077  2.825   1.00 29.73 ? 214 ARG A CZ  1 
ATOM   437  N NH1 . ARG A 1 63  ? -1.128  -6.095  3.546   1.00 29.41 ? 214 ARG A NH1 1 
ATOM   438  N NH2 . ARG A 1 63  ? -0.048  -4.070  3.422   1.00 31.56 ? 214 ARG A NH2 1 
ATOM   439  N N   . GLU A 1 64  ? 4.581   -5.046  -0.903  1.00 27.20 ? 215 GLU A N   1 
ATOM   440  C CA  . GLU A 1 64  ? 5.299   -6.316  -1.094  1.00 34.10 ? 215 GLU A CA  1 
ATOM   441  C C   . GLU A 1 64  ? 5.120   -7.232  0.101   1.00 37.89 ? 215 GLU A C   1 
ATOM   442  O O   . GLU A 1 64  ? 5.315   -6.825  1.237   1.00 38.25 ? 215 GLU A O   1 
ATOM   443  C CB  . GLU A 1 64  ? 6.789   -6.098  -1.387  1.00 36.72 ? 215 GLU A CB  1 
ATOM   444  C CG  . GLU A 1 64  ? 7.087   -5.182  -2.580  1.00 41.99 ? 215 GLU A CG  1 
ATOM   445  C CD  . GLU A 1 64  ? 8.585   -5.106  -2.950  1.00 45.59 ? 215 GLU A CD  1 
ATOM   446  O OE1 . GLU A 1 64  ? 9.442   -4.903  -2.042  1.00 43.83 ? 215 GLU A OE1 1 
ATOM   447  O OE2 . GLU A 1 64  ? 8.904   -5.239  -4.164  1.00 46.63 ? 215 GLU A OE2 1 
ATOM   448  N N   . ILE A 1 65  ? 4.734   -8.471  -0.159  1.00 42.68 ? 216 ILE A N   1 
ATOM   449  C CA  . ILE A 1 65  ? 4.529   -9.427  0.927   1.00 47.56 ? 216 ILE A CA  1 
ATOM   450  C C   . ILE A 1 65  ? 5.571   -10.552 0.903   1.00 50.25 ? 216 ILE A C   1 
ATOM   451  O O   . ILE A 1 65  ? 5.927   -11.057 -0.165  1.00 46.91 ? 216 ILE A O   1 
ATOM   452  C CB  . ILE A 1 65  ? 3.081   -10.003 0.924   1.00 48.00 ? 216 ILE A CB  1 
ATOM   453  C CG1 . ILE A 1 65  ? 2.049   -8.863  0.999   1.00 48.44 ? 216 ILE A CG1 1 
ATOM   454  C CG2 . ILE A 1 65  ? 2.901   -10.998 2.088   1.00 48.40 ? 216 ILE A CG2 1 
ATOM   455  C CD1 . ILE A 1 65  ? 0.630   -9.294  0.900   1.00 46.69 ? 216 ILE A CD1 1 
ATOM   456  N N   . GLU A 1 66  ? 6.021   -10.921 2.110   1.00 55.95 ? 217 GLU A N   1 
ATOM   457  C CA  . GLU A 1 66  ? 7.034   -11.964 2.366   1.00 59.50 ? 217 GLU A CA  1 
ATOM   458  C C   . GLU A 1 66  ? 8.366   -11.591 1.722   1.00 62.21 ? 217 GLU A C   1 
ATOM   459  O O   . GLU A 1 66  ? 8.486   -11.587 0.497   1.00 64.40 ? 217 GLU A O   1 
ATOM   460  C CB  . GLU A 1 66  ? 6.549   -13.348 1.914   1.00 59.06 ? 217 GLU A CB  1 
ATOM   461  C CG  . GLU A 1 66  ? 7.599   -14.456 1.945   1.00 60.71 ? 217 GLU A CG  1 
ATOM   462  C CD  . GLU A 1 66  ? 7.550   -15.270 3.227   1.00 60.25 ? 217 GLU A CD  1 
ATOM   463  O OE1 . GLU A 1 66  ? 8.529   -15.204 3.980   1.00 60.19 ? 217 GLU A OE1 1 
ATOM   464  O OE2 . GLU A 1 66  ? 6.542   -15.960 3.495   1.00 60.32 ? 217 GLU A OE2 1 
ATOM   465  N N   . LYS A 1 67  ? 9.343   -11.245 2.563   1.00 64.28 ? 218 LYS A N   1 
ATOM   466  C CA  . LYS A 1 67  ? 10.716  -10.951 2.138   1.00 67.05 ? 218 LYS A CA  1 
ATOM   467  C C   . LYS A 1 67  ? 11.656  -10.925 3.341   1.00 68.79 ? 218 LYS A C   1 
ATOM   468  O O   . LYS A 1 67  ? 12.337  -9.900  3.593   1.00 69.82 ? 218 LYS A O   1 
ATOM   469  C CB  . LYS A 1 67  ? 10.824  -9.611  1.391   1.00 67.22 ? 218 LYS A CB  1 
ATOM   470  C CG  . LYS A 1 67  ? 12.067  -9.537  0.474   1.00 69.61 ? 218 LYS A CG  1 
ATOM   471  C CD  . LYS A 1 67  ? 12.737  -8.151  0.432   1.00 71.17 ? 218 LYS A CD  1 
ATOM   472  C CE  . LYS A 1 67  ? 13.525  -7.963  -0.880  1.00 71.64 ? 218 LYS A CE  1 
ATOM   473  N NZ  . LYS A 1 67  ? 12.710  -7.523  -2.086  1.00 72.74 ? 218 LYS A NZ  1 
ATOM   474  N N   . ASP A 1 68  ? 11.698  -12.046 4.128   1.00 70.16 ? 219 ASP A N   1 
ATOM   475  C CA  . ASP A 1 68  ? 12.457  -12.091 5.395   1.00 71.41 ? 219 ASP A CA  1 
ATOM   476  C C   . ASP A 1 68  ? 12.251  -10.779 6.188   1.00 70.68 ? 219 ASP A C   1 
ATOM   477  O O   . ASP A 1 68  ? 13.133  -10.333 6.950   1.00 71.08 ? 219 ASP A O   1 
ATOM   478  C CB  . ASP A 1 68  ? 13.963  -12.333 5.128   1.00 72.42 ? 219 ASP A CB  1 
ATOM   479  C CG  . ASP A 1 68  ? 14.209  -13.640 4.379   1.00 73.18 ? 219 ASP A CG  1 
ATOM   480  O OD1 . ASP A 1 68  ? 13.670  -14.726 4.846   1.00 74.48 ? 219 ASP A OD1 1 
ATOM   481  O OD2 . ASP A 1 68  ? 14.937  -13.673 3.333   1.00 72.21 ? 219 ASP A OD2 1 
ATOM   482  N N   . GLY A 1 69  ? 11.081  -10.170 5.975   1.00 68.35 ? 220 GLY A N   1 
ATOM   483  C CA  . GLY A 1 69  ? 10.709  -8.909  6.599   1.00 66.24 ? 220 GLY A CA  1 
ATOM   484  C C   . GLY A 1 69  ? 9.204   -8.672  6.603   1.00 62.79 ? 220 GLY A C   1 
ATOM   485  O O   . GLY A 1 69  ? 8.756   -7.578  6.951   1.00 64.04 ? 220 GLY A O   1 
ATOM   486  N N   . LYS A 1 70  ? 8.441   -9.701  6.218   1.00 59.02 ? 221 LYS A N   1 
ATOM   487  C CA  . LYS A 1 70  ? 6.972   -9.661  6.122   1.00 56.50 ? 221 LYS A CA  1 
ATOM   488  C C   . LYS A 1 70  ? 6.456   -8.688  5.014   1.00 51.14 ? 221 LYS A C   1 
ATOM   489  O O   . LYS A 1 70  ? 6.561   -8.958  3.812   1.00 45.85 ? 221 LYS A O   1 
ATOM   490  C CB  . LYS A 1 70  ? 6.329   -9.349  7.507   1.00 60.07 ? 221 LYS A CB  1 
ATOM   491  C CG  . LYS A 1 70  ? 6.758   -10.312 8.632   1.00 64.59 ? 221 LYS A CG  1 
ATOM   492  C CD  . LYS A 1 70  ? 6.212   -9.851  10.001  1.00 67.09 ? 221 LYS A CD  1 
ATOM   493  C CE  . LYS A 1 70  ? 6.357   -10.934 11.086  1.00 67.40 ? 221 LYS A CE  1 
ATOM   494  N NZ  . LYS A 1 70  ? 5.897   -10.417 12.414  1.00 68.18 ? 221 LYS A NZ  1 
ATOM   495  N N   . VAL A 1 71  ? 5.920   -7.552  5.439   1.00 46.28 ? 222 VAL A N   1 
ATOM   496  C CA  . VAL A 1 71  ? 5.309   -6.604  4.524   1.00 41.78 ? 222 VAL A CA  1 
ATOM   497  C C   . VAL A 1 71  ? 6.112   -5.308  4.451   1.00 41.19 ? 222 VAL A C   1 
ATOM   498  O O   . VAL A 1 71  ? 6.579   -4.768  5.463   1.00 40.44 ? 222 VAL A O   1 
ATOM   499  C CB  . VAL A 1 71  ? 3.854   -6.295  4.913   1.00 41.64 ? 222 VAL A CB  1 
ATOM   500  C CG1 . VAL A 1 71  ? 3.311   -5.133  4.062   1.00 41.36 ? 222 VAL A CG1 1 
ATOM   501  C CG2 . VAL A 1 71  ? 2.965   -7.552  4.778   1.00 39.07 ? 222 VAL A CG2 1 
ATOM   502  N N   . LYS A 1 72  ? 6.258   -4.832  3.223   1.00 39.04 ? 223 LYS A N   1 
ATOM   503  C CA  . LYS A 1 72  ? 6.944   -3.607  2.895   1.00 39.61 ? 223 LYS A CA  1 
ATOM   504  C C   . LYS A 1 72  ? 6.045   -2.855  1.916   1.00 36.94 ? 223 LYS A C   1 
ATOM   505  O O   . LYS A 1 72  ? 5.547   -3.442  0.958   1.00 34.94 ? 223 LYS A O   1 
ATOM   506  C CB  . LYS A 1 72  ? 8.224   -3.947  2.171   1.00 42.29 ? 223 LYS A CB  1 
ATOM   507  C CG  . LYS A 1 72  ? 9.397   -3.103  2.541   1.00 47.21 ? 223 LYS A CG  1 
ATOM   508  C CD  . LYS A 1 72  ? 10.661  -3.888  2.213   1.00 51.23 ? 223 LYS A CD  1 
ATOM   509  C CE  . LYS A 1 72  ? 11.267  -4.516  3.454   1.00 54.55 ? 223 LYS A CE  1 
ATOM   510  N NZ  . LYS A 1 72  ? 12.608  -3.874  3.743   1.00 58.30 ? 223 LYS A NZ  1 
ATOM   511  N N   . VAL A 1 73  ? 5.859   -1.560  2.159   1.00 33.93 ? 224 VAL A N   1 
ATOM   512  C CA  . VAL A 1 73  ? 5.049   -0.693  1.299   1.00 28.48 ? 224 VAL A CA  1 
ATOM   513  C C   . VAL A 1 73  ? 5.979   0.363   0.716   1.00 29.60 ? 224 VAL A C   1 
ATOM   514  O O   . VAL A 1 73  ? 6.713   1.019   1.462   1.00 29.25 ? 224 VAL A O   1 
ATOM   515  C CB  . VAL A 1 73  ? 3.890   -0.053  2.085   1.00 26.90 ? 224 VAL A CB  1 
ATOM   516  C CG1 . VAL A 1 73  ? 2.983   0.762   1.171   1.00 27.79 ? 224 VAL A CG1 1 
ATOM   517  C CG2 . VAL A 1 73  ? 3.050   -1.114  2.736   1.00 27.21 ? 224 VAL A CG2 1 
ATOM   518  N N   . PHE A 1 74  ? 5.967   0.506   -0.607  1.00 26.58 ? 225 PHE A N   1 
ATOM   519  C CA  . PHE A 1 74  ? 6.868   1.441   -1.284  1.00 30.14 ? 225 PHE A CA  1 
ATOM   520  C C   . PHE A 1 74  ? 6.043   2.417   -2.120  1.00 27.49 ? 225 PHE A C   1 
ATOM   521  O O   . PHE A 1 74  ? 4.931   2.110   -2.564  1.00 27.68 ? 225 PHE A O   1 
ATOM   522  C CB  . PHE A 1 74  ? 7.824   0.707   -2.253  1.00 38.04 ? 225 PHE A CB  1 
ATOM   523  C CG  . PHE A 1 74  ? 8.905   -0.076  -1.575  1.00 46.86 ? 225 PHE A CG  1 
ATOM   524  C CD1 . PHE A 1 74  ? 8.718   -1.441  -1.314  1.00 50.77 ? 225 PHE A CD1 1 
ATOM   525  C CD2 . PHE A 1 74  ? 10.124  0.541   -1.195  1.00 50.40 ? 225 PHE A CD2 1 
ATOM   526  C CE1 . PHE A 1 74  ? 9.739   -2.190  -0.674  1.00 54.23 ? 225 PHE A CE1 1 
ATOM   527  C CE2 . PHE A 1 74  ? 11.160  -0.196  -0.548  1.00 53.71 ? 225 PHE A CE2 1 
ATOM   528  C CZ  . PHE A 1 74  ? 10.967  -1.556  -0.286  1.00 55.01 ? 225 PHE A CZ  1 
ATOM   529  N N   . LEU A 1 75  ? 6.610   3.573   -2.359  1.00 24.26 ? 226 LEU A N   1 
ATOM   530  C CA  . LEU A 1 75  ? 5.936   4.530   -3.204  1.00 28.27 ? 226 LEU A CA  1 
ATOM   531  C C   . LEU A 1 75  ? 6.918   4.830   -4.295  1.00 29.56 ? 226 LEU A C   1 
ATOM   532  O O   . LEU A 1 75  ? 8.126   4.996   -4.033  1.00 24.57 ? 226 LEU A O   1 
ATOM   533  C CB  . LEU A 1 75  ? 5.557   5.779   -2.390  1.00 30.82 ? 226 LEU A CB  1 
ATOM   534  C CG  . LEU A 1 75  ? 4.381   6.593   -2.905  1.00 34.33 ? 226 LEU A CG  1 
ATOM   535  C CD1 . LEU A 1 75  ? 3.119   5.781   -2.797  1.00 33.42 ? 226 LEU A CD1 1 
ATOM   536  C CD2 . LEU A 1 75  ? 4.259   7.899   -2.126  1.00 36.04 ? 226 LEU A CD2 1 
ATOM   537  N N   . ASN A 1 76  ? 6.420   4.911   -5.526  1.00 26.10 ? 227 ASN A N   1 
ATOM   538  C CA  . ASN A 1 76  ? 7.308   5.262   -6.622  1.00 28.73 ? 227 ASN A CA  1 
ATOM   539  C C   . ASN A 1 76  ? 6.639   6.366   -7.431  1.00 27.49 ? 227 ASN A C   1 
ATOM   540  O O   . ASN A 1 76  ? 5.465   6.239   -7.801  1.00 27.32 ? 227 ASN A O   1 
ATOM   541  C CB  . ASN A 1 76  ? 7.588   3.996   -7.445  1.00 30.97 ? 227 ASN A CB  1 
ATOM   542  C CG  . ASN A 1 76  ? 8.599   4.238   -8.518  1.00 39.60 ? 227 ASN A CG  1 
ATOM   543  O OD1 . ASN A 1 76  ? 9.585   4.987   -8.321  1.00 41.09 ? 227 ASN A OD1 1 
ATOM   544  N ND2 . ASN A 1 76  ? 8.389   3.608   -9.683  1.00 40.40 ? 227 ASN A ND2 1 
ATOM   545  N N   . ASP A 1 77  ? 7.350   7.461   -7.680  1.00 21.61 ? 228 ASP A N   1 
ATOM   546  C CA  . ASP A 1 77  ? 6.786   8.558   -8.418  1.00 19.26 ? 228 ASP A CA  1 
ATOM   547  C C   . ASP A 1 77  ? 7.722   8.995   -9.555  1.00 24.75 ? 228 ASP A C   1 
ATOM   548  O O   . ASP A 1 77  ? 8.846   9.515   -9.295  1.00 23.40 ? 228 ASP A O   1 
ATOM   549  C CB  . ASP A 1 77  ? 6.524   9.713   -7.448  1.00 18.71 ? 228 ASP A CB  1 
ATOM   550  C CG  . ASP A 1 77  ? 5.779   10.842  -8.088  1.00 19.50 ? 228 ASP A CG  1 
ATOM   551  O OD1 . ASP A 1 77  ? 5.611   10.822  -9.353  1.00 18.76 ? 228 ASP A OD1 1 
ATOM   552  O OD2 . ASP A 1 77  ? 5.384   11.814  -7.400  1.00 19.87 ? 228 ASP A OD2 1 
ATOM   553  N N   . THR A 1 78  ? 7.249   8.841   -10.792 1.00 22.37 ? 229 THR A N   1 
ATOM   554  C CA  . THR A 1 78  ? 8.053   9.159   -11.982 1.00 22.93 ? 229 THR A CA  1 
ATOM   555  C C   . THR A 1 78  ? 8.019   10.630  -12.432 1.00 23.94 ? 229 THR A C   1 
ATOM   556  O O   . THR A 1 78  ? 8.622   10.960  -13.462 1.00 26.70 ? 229 THR A O   1 
ATOM   557  C CB  . THR A 1 78  ? 7.671   8.271   -13.184 1.00 23.51 ? 229 THR A CB  1 
ATOM   558  O OG1 . THR A 1 78  ? 6.304   8.510   -13.516 1.00 23.25 ? 229 THR A OG1 1 
ATOM   559  C CG2 . THR A 1 78  ? 7.752   6.754   -12.841 1.00 24.69 ? 229 THR A CG2 1 
ATOM   560  N N   . ALA A 1 79  ? 7.334   11.497  -11.689 1.00 23.64 ? 230 ALA A N   1 
ATOM   561  C CA  . ALA A 1 79  ? 7.265   12.924  -12.041 1.00 26.23 ? 230 ALA A CA  1 
ATOM   562  C C   . ALA A 1 79  ? 8.542   13.665  -11.629 1.00 29.93 ? 230 ALA A C   1 
ATOM   563  O O   . ALA A 1 79  ? 9.302   13.186  -10.788 1.00 28.86 ? 230 ALA A O   1 
ATOM   564  C CB  . ALA A 1 79  ? 6.089   13.581  -11.430 1.00 22.29 ? 230 ALA A CB  1 
ATOM   565  N N   . GLY A 1 80  ? 8.777   14.830  -12.232 1.00 31.43 ? 231 GLY A N   1 
ATOM   566  C CA  . GLY A 1 80  ? 10.007  15.555  -11.959 1.00 36.35 ? 231 GLY A CA  1 
ATOM   567  C C   . GLY A 1 80  ? 9.863   16.436  -10.744 1.00 37.60 ? 231 GLY A C   1 
ATOM   568  O O   . GLY A 1 80  ? 10.728  16.437  -9.848  1.00 38.24 ? 231 GLY A O   1 
ATOM   569  N N   . SER A 1 81  ? 8.756   17.176  -10.718 1.00 38.95 ? 232 SER A N   1 
ATOM   570  C CA  . SER A 1 81  ? 8.501   18.141  -9.665  1.00 41.60 ? 232 SER A CA  1 
ATOM   571  C C   . SER A 1 81  ? 7.352   17.699  -8.755  1.00 39.15 ? 232 SER A C   1 
ATOM   572  O O   . SER A 1 81  ? 6.421   17.018  -9.207  1.00 39.94 ? 232 SER A O   1 
ATOM   573  C CB  . SER A 1 81  ? 8.192   19.500  -10.278 1.00 44.69 ? 232 SER A CB  1 
ATOM   574  O OG  . SER A 1 81  ? 6.982   19.434  -11.016 1.00 45.97 ? 232 SER A OG  1 
ATOM   575  N N   . ASN A 1 82  ? 7.435   18.102  -7.484  1.00 34.74 ? 233 ASN A N   1 
ATOM   576  C CA  . ASN A 1 82  ? 6.444   17.766  -6.471  1.00 31.99 ? 233 ASN A CA  1 
ATOM   577  C C   . ASN A 1 82  ? 6.289   16.265  -6.374  1.00 28.11 ? 233 ASN A C   1 
ATOM   578  O O   . ASN A 1 82  ? 5.163   15.749  -6.291  1.00 28.27 ? 233 ASN A O   1 
ATOM   579  C CB  . ASN A 1 82  ? 5.096   18.421  -6.800  1.00 31.78 ? 233 ASN A CB  1 
ATOM   580  C CG  . ASN A 1 82  ? 4.122   18.389  -5.615  1.00 34.90 ? 233 ASN A CG  1 
ATOM   581  O OD1 . ASN A 1 82  ? 3.085   17.730  -5.672  1.00 36.27 ? 233 ASN A OD1 1 
ATOM   582  N ND2 . ASN A 1 82  ? 4.461   19.097  -4.547  1.00 33.76 ? 233 ASN A ND2 1 
ATOM   583  N N   . LYS A 1 83  ? 7.421   15.562  -6.432  1.00 30.00 ? 234 LYS A N   1 
ATOM   584  C CA  . LYS A 1 83  ? 7.405   14.109  -6.440  1.00 28.09 ? 234 LYS A CA  1 
ATOM   585  C C   . LYS A 1 83  ? 7.152   13.526  -5.079  1.00 24.95 ? 234 LYS A C   1 
ATOM   586  O O   . LYS A 1 83  ? 7.707   13.988  -4.092  1.00 22.40 ? 234 LYS A O   1 
ATOM   587  C CB  . LYS A 1 83  ? 8.643   13.510  -7.119  1.00 34.04 ? 234 LYS A CB  1 
ATOM   588  C CG  . LYS A 1 83  ? 9.912   13.580  -6.376  1.00 37.35 ? 234 LYS A CG  1 
ATOM   589  C CD  . LYS A 1 83  ? 11.083  13.157  -7.265  1.00 40.62 ? 234 LYS A CD  1 
ATOM   590  C CE  . LYS A 1 83  ? 11.019  11.697  -7.647  1.00 42.05 ? 234 LYS A CE  1 
ATOM   591  N NZ  . LYS A 1 83  ? 11.268  11.582  -9.166  1.00 43.31 ? 234 LYS A NZ  1 
ATOM   592  N N   . LYS A 1 84  ? 6.306   12.510  -5.023  1.00 20.04 ? 235 LYS A N   1 
ATOM   593  C CA  . LYS A 1 84  ? 5.992   11.892  -3.759  1.00 21.70 ? 235 LYS A CA  1 
ATOM   594  C C   . LYS A 1 84  ? 6.992   10.771  -3.497  1.00 17.97 ? 235 LYS A C   1 
ATOM   595  O O   . LYS A 1 84  ? 7.358   10.026  -4.399  1.00 16.69 ? 235 LYS A O   1 
ATOM   596  C CB  . LYS A 1 84  ? 4.565   11.307  -3.773  1.00 22.15 ? 235 LYS A CB  1 
ATOM   597  C CG  . LYS A 1 84  ? 3.423   12.347  -3.681  1.00 28.87 ? 235 LYS A CG  1 
ATOM   598  C CD  . LYS A 1 84  ? 3.227   13.044  -4.967  1.00 32.48 ? 235 LYS A CD  1 
ATOM   599  C CE  . LYS A 1 84  ? 2.118   14.060  -4.899  1.00 34.21 ? 235 LYS A CE  1 
ATOM   600  N NZ  . LYS A 1 84  ? 2.120   14.827  -6.194  1.00 33.13 ? 235 LYS A NZ  1 
ATOM   601  N N   . THR A 1 85  ? 7.383   10.648  -2.242  1.00 17.28 ? 236 THR A N   1 
ATOM   602  C CA  . THR A 1 85  ? 8.203   9.523   -1.811  1.00 15.94 ? 236 THR A CA  1 
ATOM   603  C C   . THR A 1 85  ? 7.583   8.973   -0.559  1.00 14.96 ? 236 THR A C   1 
ATOM   604  O O   . THR A 1 85  ? 6.819   9.679   0.118   1.00 15.89 ? 236 THR A O   1 
ATOM   605  C CB  . THR A 1 85  ? 9.611   10.023  -1.505  1.00 19.54 ? 236 THR A CB  1 
ATOM   606  O OG1 . THR A 1 85  ? 9.533   11.140  -0.603  1.00 21.79 ? 236 THR A OG1 1 
ATOM   607  C CG2 . THR A 1 85  ? 10.275  10.537  -2.781  1.00 20.73 ? 236 THR A CG2 1 
ATOM   608  N N   . GLY A 1 86  ? 7.902   7.720   -0.237  1.00 15.33 ? 237 GLY A N   1 
ATOM   609  C CA  . GLY A 1 86  ? 7.330   7.078   0.918   1.00 19.11 ? 237 GLY A CA  1 
ATOM   610  C C   . GLY A 1 86  ? 8.395   6.540   1.854   1.00 20.82 ? 237 GLY A C   1 
ATOM   611  O O   . GLY A 1 86  ? 9.528   6.230   1.437   1.00 21.05 ? 237 GLY A O   1 
ATOM   612  N N   . LYS A 1 87  ? 8.063   6.500   3.128   1.00 19.33 ? 238 LYS A N   1 
ATOM   613  C CA  . LYS A 1 87  ? 8.919   5.882   4.126   1.00 23.39 ? 238 LYS A CA  1 
ATOM   614  C C   . LYS A 1 87  ? 8.055   4.908   4.926   1.00 21.12 ? 238 LYS A C   1 
ATOM   615  O O   . LYS A 1 87  ? 7.080   5.327   5.546   1.00 23.70 ? 238 LYS A O   1 
ATOM   616  C CB  . LYS A 1 87  ? 9.491   6.974   5.044   1.00 28.12 ? 238 LYS A CB  1 
ATOM   617  C CG  . LYS A 1 87  ? 10.309  6.410   6.194   1.00 34.43 ? 238 LYS A CG  1 
ATOM   618  C CD  . LYS A 1 87  ? 11.131  7.497   6.884   1.00 41.30 ? 238 LYS A CD  1 
ATOM   619  C CE  . LYS A 1 87  ? 12.039  6.888   7.968   1.00 44.70 ? 238 LYS A CE  1 
ATOM   620  N NZ  . LYS A 1 87  ? 12.930  5.826   7.365   1.00 46.61 ? 238 LYS A NZ  1 
ATOM   621  N N   . TRP A 1 88  ? 8.419   3.631   4.937   1.00 23.40 ? 239 TRP A N   1 
ATOM   622  C CA  . TRP A 1 88  ? 7.630   2.599   5.610   1.00 24.77 ? 239 TRP A CA  1 
ATOM   623  C C   . TRP A 1 88  ? 8.194   2.286   7.031   1.00 30.30 ? 239 TRP A C   1 
ATOM   624  O O   . TRP A 1 88  ? 9.403   2.013   7.192   1.00 30.11 ? 239 TRP A O   1 
ATOM   625  C CB  . TRP A 1 88  ? 7.695   1.323   4.787   1.00 24.63 ? 239 TRP A CB  1 
ATOM   626  C CG  . TRP A 1 88  ? 6.974   0.133   5.390   1.00 29.19 ? 239 TRP A CG  1 
ATOM   627  C CD1 . TRP A 1 88  ? 7.526   -1.060  5.788   1.00 27.68 ? 239 TRP A CD1 1 
ATOM   628  C CD2 . TRP A 1 88  ? 5.564   0.021   5.637   1.00 24.43 ? 239 TRP A CD2 1 
ATOM   629  N NE1 . TRP A 1 88  ? 6.541   -1.891  6.259   1.00 25.97 ? 239 TRP A NE1 1 
ATOM   630  C CE2 . TRP A 1 88  ? 5.334   -1.246  6.191   1.00 26.04 ? 239 TRP A CE2 1 
ATOM   631  C CE3 . TRP A 1 88  ? 4.471   0.880   5.444   1.00 23.72 ? 239 TRP A CE3 1 
ATOM   632  C CZ2 . TRP A 1 88  ? 4.058   -1.694  6.544   1.00 25.51 ? 239 TRP A CZ2 1 
ATOM   633  C CZ3 . TRP A 1 88  ? 3.204   0.441   5.818   1.00 23.69 ? 239 TRP A CZ3 1 
ATOM   634  C CH2 . TRP A 1 88  ? 3.007   -0.826  6.351   1.00 23.73 ? 239 TRP A CH2 1 
ATOM   635  N N   . GLU A 1 89  ? 7.306   2.279   8.019   1.00 25.03 ? 240 GLU A N   1 
ATOM   636  C CA  . GLU A 1 89  ? 7.647   1.965   9.389   1.00 28.29 ? 240 GLU A CA  1 
ATOM   637  C C   . GLU A 1 89  ? 6.964   0.660   9.735   1.00 26.68 ? 240 GLU A C   1 
ATOM   638  O O   . GLU A 1 89  ? 5.777   0.603   10.032  1.00 22.11 ? 240 GLU A O   1 
ATOM   639  C CB  . GLU A 1 89  ? 7.195   3.095   10.313  1.00 36.23 ? 240 GLU A CB  1 
ATOM   640  C CG  . GLU A 1 89  ? 7.645   2.977   11.761  1.00 43.97 ? 240 GLU A CG  1 
ATOM   641  C CD  . GLU A 1 89  ? 9.028   2.332   11.906  1.00 49.91 ? 240 GLU A CD  1 
ATOM   642  O OE1 . GLU A 1 89  ? 9.108   1.131   12.275  1.00 52.88 ? 240 GLU A OE1 1 
ATOM   643  O OE2 . GLU A 1 89  ? 10.047  3.023   11.653  1.00 52.30 ? 240 GLU A OE2 1 
ATOM   644  N N   . ASP A 1 90  ? 7.749   -0.405  9.685   1.00 24.54 ? 241 ASP A N   1 
ATOM   645  C CA  . ASP A 1 90  ? 7.278   -1.748  9.952   1.00 29.66 ? 241 ASP A CA  1 
ATOM   646  C C   . ASP A 1 90  ? 6.579   -1.931  11.297  1.00 27.39 ? 241 ASP A C   1 
ATOM   647  O O   . ASP A 1 90  ? 5.513   -2.528  11.368  1.00 24.92 ? 241 ASP A O   1 
ATOM   648  C CB  . ASP A 1 90  ? 8.452   -2.736  9.850   1.00 38.27 ? 241 ASP A CB  1 
ATOM   649  C CG  . ASP A 1 90  ? 8.854   -3.024  8.407   1.00 43.81 ? 241 ASP A CG  1 
ATOM   650  O OD1 . ASP A 1 90  ? 8.390   -4.055  7.850   1.00 46.74 ? 241 ASP A OD1 1 
ATOM   651  O OD2 . ASP A 1 90  ? 9.641   -2.268  7.764   1.00 48.53 ? 241 ASP A OD2 1 
ATOM   652  N N   . SER A 1 91  ? 7.194   -1.412  12.355  1.00 28.89 ? 242 SER A N   1 
ATOM   653  C CA  . SER A 1 91  ? 6.722   -1.659  13.722  1.00 30.85 ? 242 SER A CA  1 
ATOM   654  C C   . SER A 1 91  ? 5.373   -0.998  13.937  1.00 30.13 ? 242 SER A C   1 
ATOM   655  O O   . SER A 1 91  ? 4.640   -1.365  14.875  1.00 29.71 ? 242 SER A O   1 
ATOM   656  C CB  . SER A 1 91  ? 7.736   -1.133  14.770  1.00 31.59 ? 242 SER A CB  1 
ATOM   657  O OG  . SER A 1 91  ? 8.097   0.217   14.519  1.00 32.85 ? 242 SER A OG  1 
ATOM   658  N N   . THR A 1 92  ? 5.041   -0.026  13.078  1.00 27.42 ? 243 THR A N   1 
ATOM   659  C CA  . THR A 1 92  ? 3.733   0.653   13.184  1.00 26.58 ? 243 THR A CA  1 
ATOM   660  C C   . THR A 1 92  ? 2.830   0.457   11.956  1.00 23.52 ? 243 THR A C   1 
ATOM   661  O O   . THR A 1 92  ? 1.759   1.033   11.902  1.00 22.41 ? 243 THR A O   1 
ATOM   662  C CB  . THR A 1 92  ? 3.914   2.171   13.415  1.00 27.13 ? 243 THR A CB  1 
ATOM   663  O OG1 . THR A 1 92  ? 4.634   2.695   12.307  1.00 24.21 ? 243 THR A OG1 1 
ATOM   664  C CG2 . THR A 1 92  ? 4.833   2.468   14.637  1.00 26.63 ? 243 THR A CG2 1 
ATOM   665  N N   . SER A 1 93  ? 3.269   -0.320  10.978  1.00 21.66 ? 244 SER A N   1 
ATOM   666  C CA  . SER A 1 93  ? 2.515   -0.476  9.748   1.00 25.29 ? 244 SER A CA  1 
ATOM   667  C C   . SER A 1 93  ? 2.068   0.891   9.179   1.00 22.27 ? 244 SER A C   1 
ATOM   668  O O   . SER A 1 93  ? 0.919   1.057   8.799   1.00 19.91 ? 244 SER A O   1 
ATOM   669  C CB  . SER A 1 93  ? 1.292   -1.402  9.964   1.00 26.13 ? 244 SER A CB  1 
ATOM   670  O OG  . SER A 1 93  ? 1.690   -2.773  10.079  1.00 33.89 ? 244 SER A OG  1 
ATOM   671  N N   . THR A 1 94  ? 2.987   1.845   9.121   1.00 18.70 ? 245 THR A N   1 
ATOM   672  C CA  . THR A 1 94  ? 2.673   3.208   8.681   1.00 17.78 ? 245 THR A CA  1 
ATOM   673  C C   . THR A 1 94  ? 3.534   3.618   7.499   1.00 18.95 ? 245 THR A C   1 
ATOM   674  O O   . THR A 1 94  ? 4.781   3.531   7.551   1.00 17.73 ? 245 THR A O   1 
ATOM   675  C CB  . THR A 1 94  ? 2.907   4.191   9.813   1.00 19.65 ? 245 THR A CB  1 
ATOM   676  O OG1 . THR A 1 94  ? 2.011   3.919   10.884  1.00 24.29 ? 245 THR A OG1 1 
ATOM   677  C CG2 . THR A 1 94  ? 2.634   5.632   9.395   1.00 20.28 ? 245 THR A CG2 1 
ATOM   678  N N   . LEU A 1 95  ? 2.865   4.105   6.439   1.00 17.34 ? 246 LEU A N   1 
ATOM   679  C CA  . LEU A 1 95  ? 3.535   4.671   5.268   1.00 15.52 ? 246 LEU A CA  1 
ATOM   680  C C   . LEU A 1 95  ? 3.431   6.180   5.375   1.00 17.58 ? 246 LEU A C   1 
ATOM   681  O O   . LEU A 1 95  ? 2.341   6.745   5.395   1.00 15.62 ? 246 LEU A O   1 
ATOM   682  C CB  . LEU A 1 95  ? 2.875   4.200   3.956   1.00 18.68 ? 246 LEU A CB  1 
ATOM   683  C CG  . LEU A 1 95  ? 3.460   4.821   2.682   1.00 22.80 ? 246 LEU A CG  1 
ATOM   684  C CD1 . LEU A 1 95  ? 4.888   4.273   2.500   1.00 22.14 ? 246 LEU A CD1 1 
ATOM   685  C CD2 . LEU A 1 95  ? 2.571   4.555   1.403   1.00 22.17 ? 246 LEU A CD2 1 
ATOM   686  N N   . THR A 1 96  ? 4.570   6.846   5.474   1.00 18.13 ? 247 THR A N   1 
ATOM   687  C CA  . THR A 1 96  ? 4.589   8.311   5.522   1.00 16.59 ? 247 THR A CA  1 
ATOM   688  C C   . THR A 1 96  ? 4.879   8.794   4.146   1.00 14.31 ? 247 THR A C   1 
ATOM   689  O O   . THR A 1 96  ? 5.917   8.482   3.583   1.00 16.60 ? 247 THR A O   1 
ATOM   690  C CB  . THR A 1 96  ? 5.679   8.851   6.510   1.00 17.52 ? 247 THR A CB  1 
ATOM   691  O OG1 . THR A 1 96  ? 5.437   8.356   7.835   1.00 16.15 ? 247 THR A OG1 1 
ATOM   692  C CG2 . THR A 1 96  ? 5.565   10.351  6.624   1.00 17.81 ? 247 THR A CG2 1 
ATOM   693  N N   . ILE A 1 97  ? 3.967   9.586   3.603   1.00 11.06 ? 248 ILE A N   1 
ATOM   694  C CA  . ILE A 1 97  ? 4.127   10.133  2.264   1.00 13.16 ? 248 ILE A CA  1 
ATOM   695  C C   . ILE A 1 97  ? 4.609   11.555  2.375   1.00 16.06 ? 248 ILE A C   1 
ATOM   696  O O   . ILE A 1 97  ? 4.128   12.327  3.247   1.00 16.84 ? 248 ILE A O   1 
ATOM   697  C CB  . ILE A 1 97  ? 2.774   10.080  1.480   1.00 15.82 ? 248 ILE A CB  1 
ATOM   698  C CG1 . ILE A 1 97  ? 2.291   8.627   1.343   1.00 14.83 ? 248 ILE A CG1 1 
ATOM   699  C CG2 . ILE A 1 97  ? 2.871   10.825  0.124   1.00 12.11 ? 248 ILE A CG2 1 
ATOM   700  C CD1 . ILE A 1 97  ? 0.943   8.550   0.784   1.00 14.48 ? 248 ILE A CD1 1 
ATOM   701  N N   . SER A 1 98  ? 5.584   11.898  1.524   1.00 14.47 ? 249 SER A N   1 
ATOM   702  C CA  . SER A 1 98  ? 6.109   13.240  1.448   1.00 16.15 ? 249 SER A CA  1 
ATOM   703  C C   . SER A 1 98  ? 5.991   13.725  0.026   1.00 17.83 ? 249 SER A C   1 
ATOM   704  O O   . SER A 1 98  ? 6.037   12.943  -0.913  1.00 18.08 ? 249 SER A O   1 
ATOM   705  C CB  . SER A 1 98  ? 7.603   13.321  1.876   1.00 15.45 ? 249 SER A CB  1 
ATOM   706  O OG  . SER A 1 98  ? 7.762   12.970  3.227   1.00 17.72 ? 249 SER A OG  1 
ATOM   707  N N   . ALA A 1 99  ? 5.821   15.032  -0.106  1.00 19.76 ? 250 ALA A N   1 
ATOM   708  C CA  . ALA A 1 99  ? 5.839   15.708  -1.401  1.00 22.28 ? 250 ALA A CA  1 
ATOM   709  C C   . ALA A 1 99  ? 7.088   16.580  -1.323  1.00 23.46 ? 250 ALA A C   1 
ATOM   710  O O   . ALA A 1 99  ? 7.162   17.470  -0.451  1.00 23.92 ? 250 ALA A O   1 
ATOM   711  C CB  . ALA A 1 99  ? 4.640   16.560  -1.552  1.00 18.62 ? 250 ALA A CB  1 
ATOM   712  N N   . ASP A 1 100 ? 8.091   16.300  -2.166  1.00 26.17 ? 251 ASP A N   1 
ATOM   713  C CA  . ASP A 1 100 ? 9.394   17.002  -2.025  1.00 27.12 ? 251 ASP A CA  1 
ATOM   714  C C   . ASP A 1 100 ? 9.959   16.861  -0.617  1.00 24.57 ? 251 ASP A C   1 
ATOM   715  O O   . ASP A 1 100 ? 10.034  15.751  -0.070  1.00 25.03 ? 251 ASP A O   1 
ATOM   716  C CB  . ASP A 1 100 ? 9.236   18.485  -2.386  1.00 31.39 ? 251 ASP A CB  1 
ATOM   717  C CG  . ASP A 1 100 ? 9.007   18.690  -3.881  1.00 36.43 ? 251 ASP A CG  1 
ATOM   718  O OD1 . ASP A 1 100 ? 8.365   19.707  -4.295  1.00 40.40 ? 251 ASP A OD1 1 
ATOM   719  O OD2 . ASP A 1 100 ? 9.426   17.847  -4.720  1.00 42.21 ? 251 ASP A OD2 1 
ATOM   720  N N   . SER A 1 101 ? 10.308  17.973  0.028   1.00 25.23 ? 252 SER A N   1 
ATOM   721  C CA  . SER A 1 101 ? 10.949  17.824  1.346   1.00 28.66 ? 252 SER A CA  1 
ATOM   722  C C   . SER A 1 101 ? 10.020  17.809  2.577   1.00 29.99 ? 252 SER A C   1 
ATOM   723  O O   . SER A 1 101 ? 10.506  17.797  3.749   1.00 28.14 ? 252 SER A O   1 
ATOM   724  C CB  . SER A 1 101 ? 12.076  18.872  1.537   1.00 31.07 ? 252 SER A CB  1 
ATOM   725  O OG  . SER A 1 101 ? 11.544  20.117  1.972   1.00 32.97 ? 252 SER A OG  1 
ATOM   726  N N   . LYS A 1 102 ? 8.703   17.825  2.335   1.00 23.55 ? 253 LYS A N   1 
ATOM   727  C CA  . LYS A 1 102 ? 7.744   17.899  3.432   1.00 21.91 ? 253 LYS A CA  1 
ATOM   728  C C   . LYS A 1 102 ? 6.855   16.656  3.527   1.00 18.00 ? 253 LYS A C   1 
ATOM   729  O O   . LYS A 1 102 ? 6.306   16.199  2.520   1.00 19.14 ? 253 LYS A O   1 
ATOM   730  C CB  . LYS A 1 102 ? 6.848   19.128  3.283   1.00 23.57 ? 253 LYS A CB  1 
ATOM   731  C CG  . LYS A 1 102 ? 7.605   20.454  3.350   1.00 33.11 ? 253 LYS A CG  1 
ATOM   732  C CD  . LYS A 1 102 ? 6.629   21.606  3.457   1.00 39.97 ? 253 LYS A CD  1 
ATOM   733  C CE  . LYS A 1 102 ? 7.311   22.919  3.147   1.00 46.63 ? 253 LYS A CE  1 
ATOM   734  N NZ  . LYS A 1 102 ? 6.300   24.014  3.061   1.00 51.55 ? 253 LYS A NZ  1 
ATOM   735  N N   . LYS A 1 103 ? 6.745   16.114  4.733   1.00 16.06 ? 254 LYS A N   1 
ATOM   736  C CA  . LYS A 1 103 ? 5.780   15.038  5.008   1.00 16.23 ? 254 LYS A CA  1 
ATOM   737  C C   . LYS A 1 103 ? 4.395   15.661  4.827   1.00 14.39 ? 254 LYS A C   1 
ATOM   738  O O   . LYS A 1 103 ? 4.181   16.827  5.248   1.00 13.68 ? 254 LYS A O   1 
ATOM   739  C CB  . LYS A 1 103 ? 5.938   14.561  6.444   1.00 16.99 ? 254 LYS A CB  1 
ATOM   740  C CG  . LYS A 1 103 ? 7.284   13.860  6.721   1.00 18.96 ? 254 LYS A CG  1 
ATOM   741  C CD  . LYS A 1 103 ? 7.339   13.457  8.165   1.00 22.41 ? 254 LYS A CD  1 
ATOM   742  C CE  . LYS A 1 103 ? 8.708   12.909  8.546   1.00 27.51 ? 254 LYS A CE  1 
ATOM   743  N NZ  . LYS A 1 103 ? 8.730   12.510  9.980   1.00 29.45 ? 254 LYS A NZ  1 
ATOM   744  N N   . THR A 1 104 ? 3.455   14.897  4.250   1.00 13.58 ? 255 THR A N   1 
ATOM   745  C CA  . THR A 1 104 ? 2.113   15.409  3.984   1.00 12.44 ? 255 THR A CA  1 
ATOM   746  C C   . THR A 1 104 ? 1.028   14.521  4.598   1.00 13.47 ? 255 THR A C   1 
ATOM   747  O O   . THR A 1 104 ? 0.021   15.041  5.047   1.00 10.57 ? 255 THR A O   1 
ATOM   748  C CB  . THR A 1 104 ? 1.815   15.513  2.459   1.00 14.47 ? 255 THR A CB  1 
ATOM   749  O OG1 . THR A 1 104 ? 2.097   14.253  1.832   1.00 16.11 ? 255 THR A OG1 1 
ATOM   750  C CG2 . THR A 1 104 ? 2.765   16.478  1.801   1.00 16.13 ? 255 THR A CG2 1 
ATOM   751  N N   . LYS A 1 105 ? 1.228   13.197  4.642   1.00 12.93 ? 256 LYS A N   1 
ATOM   752  C CA  . LYS A 1 105 ? 0.280   12.323  5.329   1.00 14.92 ? 256 LYS A CA  1 
ATOM   753  C C   . LYS A 1 105 ? 0.802   10.975  5.718   1.00 13.77 ? 256 LYS A C   1 
ATOM   754  O O   . LYS A 1 105 ? 1.737   10.484  5.141   1.00 16.18 ? 256 LYS A O   1 
ATOM   755  C CB  . LYS A 1 105 ? -0.975  12.128  4.477   1.00 18.83 ? 256 LYS A CB  1 
ATOM   756  C CG  . LYS A 1 105 ? -0.714  11.459  3.212   1.00 20.35 ? 256 LYS A CG  1 
ATOM   757  C CD  . LYS A 1 105 ? -1.836  11.822  2.197   1.00 26.39 ? 256 LYS A CD  1 
ATOM   758  C CE  . LYS A 1 105 ? -1.661  13.246  1.692   1.00 25.97 ? 256 LYS A CE  1 
ATOM   759  N NZ  . LYS A 1 105 ? -2.601  13.515  0.546   1.00 23.55 ? 256 LYS A NZ  1 
ATOM   760  N N   . ASP A 1 106 ? 0.188   10.393  6.737   1.00 11.76 ? 257 ASP A N   1 
ATOM   761  C CA  . ASP A 1 106 ? 0.466   9.017   7.105   1.00 14.09 ? 257 ASP A CA  1 
ATOM   762  C C   . ASP A 1 106 ? -0.699  8.129   6.622   1.00 14.77 ? 257 ASP A C   1 
ATOM   763  O O   . ASP A 1 106 ? -1.876  8.454   6.838   1.00 17.56 ? 257 ASP A O   1 
ATOM   764  C CB  . ASP A 1 106 ? 0.560   8.887   8.608   1.00 15.03 ? 257 ASP A CB  1 
ATOM   765  C CG  . ASP A 1 106 ? 1.945   9.227   9.151   1.00 14.34 ? 257 ASP A CG  1 
ATOM   766  O OD1 . ASP A 1 106 ? 2.805   9.686   8.398   1.00 16.23 ? 257 ASP A OD1 1 
ATOM   767  O OD2 . ASP A 1 106 ? 2.179   9.005   10.342  1.00 16.48 ? 257 ASP A OD2 1 
ATOM   768  N N   . LEU A 1 107 ? -0.361  7.005   6.022   1.00 12.77 ? 258 LEU A N   1 
ATOM   769  C CA  . LEU A 1 107 ? -1.330  5.958   5.769   1.00 13.90 ? 258 LEU A CA  1 
ATOM   770  C C   . LEU A 1 107 ? -1.004  4.803   6.728   1.00 16.75 ? 258 LEU A C   1 
ATOM   771  O O   . LEU A 1 107 ? 0.126   4.294   6.731   1.00 16.27 ? 258 LEU A O   1 
ATOM   772  C CB  . LEU A 1 107 ? -1.219  5.486   4.315   1.00 16.77 ? 258 LEU A CB  1 
ATOM   773  C CG  . LEU A 1 107 ? -1.943  6.237   3.202   1.00 21.87 ? 258 LEU A CG  1 
ATOM   774  C CD1 . LEU A 1 107 ? -1.646  5.524   1.849   1.00 19.77 ? 258 LEU A CD1 1 
ATOM   775  C CD2 . LEU A 1 107 ? -3.427  6.252   3.460   1.00 24.53 ? 258 LEU A CD2 1 
ATOM   776  N N   . VAL A 1 108 ? -1.992  4.393   7.524   1.00 12.24 ? 259 VAL A N   1 
ATOM   777  C CA  . VAL A 1 108 ? -1.818  3.326   8.472   1.00 14.64 ? 259 VAL A CA  1 
ATOM   778  C C   . VAL A 1 108 ? -2.624  2.142   7.993   1.00 19.82 ? 259 VAL A C   1 
ATOM   779  O O   . VAL A 1 108 ? -3.834  2.260   7.743   1.00 18.78 ? 259 VAL A O   1 
ATOM   780  C CB  . VAL A 1 108 ? -2.322  3.739   9.876   1.00 15.88 ? 259 VAL A CB  1 
ATOM   781  C CG1 . VAL A 1 108 ? -2.036  2.644   10.862  1.00 19.19 ? 259 VAL A CG1 1 
ATOM   782  C CG2 . VAL A 1 108 ? -1.626  5.027   10.335  1.00 16.65 ? 259 VAL A CG2 1 
ATOM   783  N N   . PHE A 1 109 ? -1.970  0.989   7.913   1.00 18.80 ? 260 PHE A N   1 
ATOM   784  C CA  . PHE A 1 109 ? -2.638  -0.244  7.533   1.00 22.71 ? 260 PHE A CA  1 
ATOM   785  C C   . PHE A 1 109 ? -2.930  -1.001  8.809   1.00 22.53 ? 260 PHE A C   1 
ATOM   786  O O   . PHE A 1 109 ? -2.023  -1.574  9.410   1.00 20.78 ? 260 PHE A O   1 
ATOM   787  C CB  . PHE A 1 109 ? -1.764  -1.079  6.577   1.00 19.53 ? 260 PHE A CB  1 
ATOM   788  C CG  . PHE A 1 109 ? -1.509  -0.413  5.278   1.00 24.29 ? 260 PHE A CG  1 
ATOM   789  C CD1 . PHE A 1 109 ? -0.696  0.737   5.199   1.00 21.91 ? 260 PHE A CD1 1 
ATOM   790  C CD2 . PHE A 1 109 ? -2.076  -0.924  4.115   1.00 23.74 ? 260 PHE A CD2 1 
ATOM   791  C CE1 . PHE A 1 109 ? -0.481  1.360   4.002   1.00 21.09 ? 260 PHE A CE1 1 
ATOM   792  C CE2 . PHE A 1 109 ? -1.846  -0.306  2.892   1.00 24.55 ? 260 PHE A CE2 1 
ATOM   793  C CZ  . PHE A 1 109 ? -1.051  0.821   2.829   1.00 23.40 ? 260 PHE A CZ  1 
ATOM   794  N N   . LEU A 1 110 ? -4.199  -0.963  9.210   1.00 23.49 ? 261 LEU A N   1 
ATOM   795  C CA  . LEU A 1 110 ? -4.642  -1.521  10.481  1.00 24.26 ? 261 LEU A CA  1 
ATOM   796  C C   . LEU A 1 110 ? -4.713  -3.031  10.432  1.00 24.12 ? 261 LEU A C   1 
ATOM   797  O O   . LEU A 1 110 ? -4.976  -3.625  9.370   1.00 23.99 ? 261 LEU A O   1 
ATOM   798  C CB  . LEU A 1 110 ? -6.020  -0.946  10.886  1.00 23.72 ? 261 LEU A CB  1 
ATOM   799  C CG  . LEU A 1 110 ? -6.108  0.554   11.199  1.00 26.41 ? 261 LEU A CG  1 
ATOM   800  C CD1 . LEU A 1 110 ? -7.513  0.963   11.594  1.00 25.59 ? 261 LEU A CD1 1 
ATOM   801  C CD2 . LEU A 1 110 ? -5.149  0.929   12.308  1.00 29.92 ? 261 LEU A CD2 1 
ATOM   802  N N   . THR A 1 111 ? -4.514  -3.672  11.584  1.00 25.20 ? 262 THR A N   1 
ATOM   803  C CA  . THR A 1 111 ? -4.483  -5.134  11.597  1.00 26.01 ? 262 THR A CA  1 
ATOM   804  C C   . THR A 1 111 ? -5.819  -5.712  11.111  1.00 26.71 ? 262 THR A C   1 
ATOM   805  O O   . THR A 1 111 ? -5.888  -6.859  10.670  1.00 26.02 ? 262 THR A O   1 
ATOM   806  C CB  . THR A 1 111 ? -4.156  -5.669  13.007  1.00 31.62 ? 262 THR A CB  1 
ATOM   807  O OG1 . THR A 1 111 ? -5.152  -5.184  13.924  1.00 33.63 ? 262 THR A OG1 1 
ATOM   808  C CG2 . THR A 1 111 ? -2.790  -5.094  13.546  1.00 31.36 ? 262 THR A CG2 1 
ATOM   809  N N   . ASP A 1 112 ? -6.890  -4.933  11.205  1.00 24.41 ? 263 ASP A N   1 
ATOM   810  C CA  . ASP A 1 112 ? -8.186  -5.441  10.831  1.00 26.25 ? 263 ASP A CA  1 
ATOM   811  C C   . ASP A 1 112 ? -8.391  -5.381  9.302   1.00 27.09 ? 263 ASP A C   1 
ATOM   812  O O   . ASP A 1 112 ? -9.425  -5.775  8.779   1.00 27.69 ? 263 ASP A O   1 
ATOM   813  C CB  . ASP A 1 112 ? -9.271  -4.665  11.620  1.00 29.56 ? 263 ASP A CB  1 
ATOM   814  C CG  . ASP A 1 112 ? -9.509  -3.261  11.059  1.00 29.01 ? 263 ASP A CG  1 
ATOM   815  O OD1 . ASP A 1 112 ? -10.586 -2.653  11.345  1.00 26.76 ? 263 ASP A OD1 1 
ATOM   816  O OD2 . ASP A 1 112 ? -8.661  -2.711  10.304  1.00 23.96 ? 263 ASP A OD2 1 
ATOM   817  N N   . GLY A 1 113 ? -7.408  -4.849  8.575   1.00 26.24 ? 264 GLY A N   1 
ATOM   818  C CA  . GLY A 1 113 ? -7.516  -4.804  7.121   1.00 24.02 ? 264 GLY A CA  1 
ATOM   819  C C   . GLY A 1 113 ? -7.982  -3.488  6.534   1.00 23.49 ? 264 GLY A C   1 
ATOM   820  O O   . GLY A 1 113 ? -8.118  -3.396  5.312   1.00 25.45 ? 264 GLY A O   1 
ATOM   821  N N   . THR A 1 114 ? -8.231  -2.470  7.378   1.00 22.70 ? 265 THR A N   1 
ATOM   822  C CA  . THR A 1 114 ? -8.669  -1.161  6.893   1.00 17.97 ? 265 THR A CA  1 
ATOM   823  C C   . THR A 1 114 ? -7.431  -0.257  6.789   1.00 17.47 ? 265 THR A C   1 
ATOM   824  O O   . THR A 1 114 ? -6.348  -0.640  7.202   1.00 18.78 ? 265 THR A O   1 
ATOM   825  C CB  . THR A 1 114 ? -9.676  -0.482  7.827   1.00 19.45 ? 265 THR A CB  1 
ATOM   826  O OG1 . THR A 1 114 ? -9.111  -0.380  9.133   1.00 19.43 ? 265 THR A OG1 1 
ATOM   827  C CG2 . THR A 1 114 ? -10.983 -1.349  7.968   1.00 21.11 ? 265 THR A CG2 1 
ATOM   828  N N   . ILE A 1 115 ? -7.622  0.905   6.185   1.00 15.55 ? 266 ILE A N   1 
ATOM   829  C CA  . ILE A 1 115 ? -6.578  1.894   5.982   1.00 18.37 ? 266 ILE A CA  1 
ATOM   830  C C   . ILE A 1 115 ? -7.067  3.255   6.457   1.00 15.85 ? 266 ILE A C   1 
ATOM   831  O O   . ILE A 1 115 ? -8.195  3.676   6.140   1.00 20.26 ? 266 ILE A O   1 
ATOM   832  C CB  . ILE A 1 115 ? -6.187  1.986   4.483   1.00 18.08 ? 266 ILE A CB  1 
ATOM   833  C CG1 . ILE A 1 115 ? -5.678  0.646   3.959   1.00 18.62 ? 266 ILE A CG1 1 
ATOM   834  C CG2 . ILE A 1 115 ? -5.101  3.041   4.312   1.00 20.12 ? 266 ILE A CG2 1 
ATOM   835  C CD1 . ILE A 1 115 ? -5.589  0.571   2.472   1.00 16.52 ? 266 ILE A CD1 1 
ATOM   836  N N   . THR A 1 116 ? -6.236  3.957   7.213   1.00 17.21 ? 267 THR A N   1 
ATOM   837  C CA  . THR A 1 116 ? -6.569  5.318   7.621   1.00 15.29 ? 267 THR A CA  1 
ATOM   838  C C   . THR A 1 116 ? -5.549  6.305   7.049   1.00 17.04 ? 267 THR A C   1 
ATOM   839  O O   . THR A 1 116 ? -4.407  5.939   6.791   1.00 15.77 ? 267 THR A O   1 
ATOM   840  C CB  . THR A 1 116 ? -6.587  5.488   9.141   1.00 16.18 ? 267 THR A CB  1 
ATOM   841  O OG1 . THR A 1 116 ? -5.245  5.376   9.647   1.00 14.03 ? 267 THR A OG1 1 
ATOM   842  C CG2 . THR A 1 116 ? -7.433  4.391   9.818   1.00 17.49 ? 267 THR A CG2 1 
ATOM   843  N N   . VAL A 1 117 ? -5.982  7.555   6.886   1.00 16.75 ? 268 VAL A N   1 
ATOM   844  C CA  . VAL A 1 117 ? -5.119  8.638   6.444   1.00 14.96 ? 268 VAL A CA  1 
ATOM   845  C C   . VAL A 1 117 ? -5.210  9.769   7.477   1.00 16.89 ? 268 VAL A C   1 
ATOM   846  O O   . VAL A 1 117 ? -6.265  10.024  8.053   1.00 14.32 ? 268 VAL A O   1 
ATOM   847  C CB  . VAL A 1 117 ? -5.482  9.138   5.059   1.00 17.12 ? 268 VAL A CB  1 
ATOM   848  C CG1 . VAL A 1 117 ? -6.950  9.678   5.017   1.00 18.46 ? 268 VAL A CG1 1 
ATOM   849  C CG2 . VAL A 1 117 ? -4.535  10.261  4.627   1.00 16.15 ? 268 VAL A CG2 1 
ATOM   850  N N   . GLN A 1 118 ? -4.079  10.442  7.707   1.00 14.30 ? 269 GLN A N   1 
ATOM   851  C CA  . GLN A 1 118 ? -4.051  11.567  8.619   1.00 14.57 ? 269 GLN A CA  1 
ATOM   852  C C   . GLN A 1 118 ? -2.976  12.539  8.110   1.00 14.66 ? 269 GLN A C   1 
ATOM   853  O O   . GLN A 1 118 ? -1.880  12.131  7.775   1.00 13.75 ? 269 GLN A O   1 
ATOM   854  C CB  . GLN A 1 118 ? -3.784  11.079  10.050  1.00 17.47 ? 269 GLN A CB  1 
ATOM   855  C CG  . GLN A 1 118 ? -3.688  12.228  11.103  1.00 17.76 ? 269 GLN A CG  1 
ATOM   856  C CD  . GLN A 1 118 ? -3.818  11.765  12.516  1.00 19.35 ? 269 GLN A CD  1 
ATOM   857  O OE1 . GLN A 1 118 ? -3.411  10.644  12.855  1.00 21.02 ? 269 GLN A OE1 1 
ATOM   858  N NE2 . GLN A 1 118 ? -4.385  12.620  13.374  1.00 21.70 ? 269 GLN A NE2 1 
ATOM   859  N N   . GLN A 1 119 ? -3.336  13.813  7.988   1.00 13.21 ? 270 GLN A N   1 
ATOM   860  C CA  . GLN A 1 119 ? -2.450  14.835  7.456   1.00 13.10 ? 270 GLN A CA  1 
ATOM   861  C C   . GLN A 1 119 ? -1.484  15.464  8.481   1.00 13.15 ? 270 GLN A C   1 
ATOM   862  O O   . GLN A 1 119 ? -1.779  15.574  9.680   1.00 13.17 ? 270 GLN A O   1 
ATOM   863  C CB  . GLN A 1 119 ? -3.313  15.999  6.938   1.00 17.19 ? 270 GLN A CB  1 
ATOM   864  C CG  . GLN A 1 119 ? -3.985  15.671  5.682   1.00 27.54 ? 270 GLN A CG  1 
ATOM   865  C CD  . GLN A 1 119 ? -4.537  16.927  5.005   1.00 26.25 ? 270 GLN A CD  1 
ATOM   866  O OE1 . GLN A 1 119 ? -4.827  17.900  5.669   1.00 31.03 ? 270 GLN A OE1 1 
ATOM   867  N NE2 . GLN A 1 119 ? -4.711  16.866  3.702   1.00 32.75 ? 270 GLN A NE2 1 
ATOM   868  N N   . TYR A 1 120 ? -0.372  15.978  7.942   1.00 9.48  ? 271 TYR A N   1 
ATOM   869  C CA  . TYR A 1 120 ? 0.633   16.678  8.694   1.00 12.94 ? 271 TYR A CA  1 
ATOM   870  C C   . TYR A 1 120 ? 0.287   18.127  8.619   1.00 16.25 ? 271 TYR A C   1 
ATOM   871  O O   . TYR A 1 120 ? -0.512  18.517  7.777   1.00 17.76 ? 271 TYR A O   1 
ATOM   872  C CB  . TYR A 1 120 ? 2.031   16.450  8.027   1.00 10.77 ? 271 TYR A CB  1 
ATOM   873  C CG  . TYR A 1 120 ? 2.653   15.122  8.475   1.00 13.50 ? 271 TYR A CG  1 
ATOM   874  C CD1 . TYR A 1 120 ? 3.513   15.075  9.536   1.00 11.88 ? 271 TYR A CD1 1 
ATOM   875  C CD2 . TYR A 1 120 ? 2.317   13.926  7.844   1.00 12.01 ? 271 TYR A CD2 1 
ATOM   876  C CE1 . TYR A 1 120 ? 4.052   13.870  9.960   1.00 15.47 ? 271 TYR A CE1 1 
ATOM   877  C CE2 . TYR A 1 120 ? 2.826   12.733  8.262   1.00 14.32 ? 271 TYR A CE2 1 
ATOM   878  C CZ  . TYR A 1 120 ? 3.674   12.702  9.327   1.00 11.98 ? 271 TYR A CZ  1 
ATOM   879  O OH  . TYR A 1 120 ? 4.145   11.493  9.742   1.00 14.71 ? 271 TYR A OH  1 
ATOM   880  N N   . ASN A 1 121 ? 0.893   18.924  9.497   1.00 14.93 ? 272 ASN A N   1 
ATOM   881  C CA  . ASN A 1 121 ? 0.739   20.357  9.477   1.00 12.26 ? 272 ASN A CA  1 
ATOM   882  C C   . ASN A 1 121 ? 1.454   20.918  8.239   1.00 15.40 ? 272 ASN A C   1 
ATOM   883  O O   . ASN A 1 121 ? 2.115   20.186  7.482   1.00 13.54 ? 272 ASN A O   1 
ATOM   884  C CB  . ASN A 1 121 ? 1.295   20.967  10.809  1.00 14.22 ? 272 ASN A CB  1 
ATOM   885  C CG  . ASN A 1 121 ? 2.829   20.724  11.012  1.00 16.57 ? 272 ASN A CG  1 
ATOM   886  O OD1 . ASN A 1 121 ? 3.470   19.897  10.338  1.00 18.63 ? 272 ASN A OD1 1 
ATOM   887  N ND2 . ASN A 1 121 ? 3.398   21.447  11.948  1.00 18.29 ? 272 ASN A ND2 1 
ATOM   888  N N   . THR A 1 122 ? 1.316   22.209  8.001   1.00 14.74 ? 273 THR A N   1 
ATOM   889  C CA  . THR A 1 122 ? 1.956   22.872  6.861   1.00 19.54 ? 273 THR A CA  1 
ATOM   890  C C   . THR A 1 122 ? 3.489   22.717  6.833   1.00 21.69 ? 273 THR A C   1 
ATOM   891  O O   . THR A 1 122 ? 4.106   22.644  5.759   1.00 20.69 ? 273 THR A O   1 
ATOM   892  C CB  . THR A 1 122 ? 1.607   24.381  6.914   1.00 23.37 ? 273 THR A CB  1 
ATOM   893  O OG1 . THR A 1 122 ? 0.184   24.526  6.832   1.00 24.87 ? 273 THR A OG1 1 
ATOM   894  C CG2 . THR A 1 122 ? 2.140   25.090  5.635   1.00 30.02 ? 273 THR A CG2 1 
ATOM   895  N N   . ALA A 1 123 ? 4.110   22.651  8.006   1.00 22.24 ? 274 ALA A N   1 
ATOM   896  C CA  . ALA A 1 123 ? 5.565   22.603  8.073   1.00 24.13 ? 274 ALA A CA  1 
ATOM   897  C C   . ALA A 1 123 ? 6.061   21.209  7.709   1.00 26.21 ? 274 ALA A C   1 
ATOM   898  O O   . ALA A 1 123 ? 7.230   21.015  7.372   1.00 24.06 ? 274 ALA A O   1 
ATOM   899  C CB  . ALA A 1 123 ? 6.031   22.982  9.499   1.00 26.42 ? 274 ALA A CB  1 
ATOM   900  N N   . GLY A 1 124 ? 5.172   20.225  7.793   1.00 22.71 ? 275 GLY A N   1 
ATOM   901  C CA  . GLY A 1 124 ? 5.541   18.868  7.463   1.00 20.02 ? 275 GLY A CA  1 
ATOM   902  C C   . GLY A 1 124 ? 6.282   18.240  8.618   1.00 19.76 ? 275 GLY A C   1 
ATOM   903  O O   . GLY A 1 124 ? 7.181   17.459  8.392   1.00 21.44 ? 275 GLY A O   1 
ATOM   904  N N   . THR A 1 125 ? 5.928   18.599  9.843   1.00 20.78 ? 276 THR A N   1 
ATOM   905  C CA  . THR A 1 125 ? 6.653   18.075  11.010  1.00 24.88 ? 276 THR A CA  1 
ATOM   906  C C   . THR A 1 125 ? 5.824   17.303  12.018  1.00 25.06 ? 276 THR A C   1 
ATOM   907  O O   . THR A 1 125 ? 6.373   16.477  12.742  1.00 26.38 ? 276 THR A O   1 
ATOM   908  C CB  . THR A 1 125 ? 7.351   19.199  11.781  1.00 24.80 ? 276 THR A CB  1 
ATOM   909  O OG1 . THR A 1 125 ? 6.376   20.210  12.101  1.00 23.62 ? 276 THR A OG1 1 
ATOM   910  C CG2 . THR A 1 125 ? 8.438   19.869  10.889  1.00 23.01 ? 276 THR A CG2 1 
ATOM   911  N N   . SER A 1 126 ? 4.530   17.610  12.113  1.00 20.87 ? 277 SER A N   1 
ATOM   912  C CA  . SER A 1 126 ? 3.670   16.897  13.051  1.00 20.26 ? 277 SER A CA  1 
ATOM   913  C C   . SER A 1 126 ? 2.275   16.662  12.470  1.00 18.04 ? 277 SER A C   1 
ATOM   914  O O   . SER A 1 126 ? 1.813   17.404  11.617  1.00 16.56 ? 277 SER A O   1 
ATOM   915  C CB  . SER A 1 126 ? 3.580   17.602  14.404  1.00 20.12 ? 277 SER A CB  1 
ATOM   916  O OG  . SER A 1 126 ? 3.216   18.954  14.270  1.00 27.70 ? 277 SER A OG  1 
ATOM   917  N N   . LEU A 1 127 ? 1.631   15.628  12.966  1.00 17.54 ? 278 LEU A N   1 
ATOM   918  C CA  . LEU A 1 127 ? 0.284   15.254  12.551  1.00 17.15 ? 278 LEU A CA  1 
ATOM   919  C C   . LEU A 1 127 ? -0.714  16.257  13.096  1.00 18.63 ? 278 LEU A C   1 
ATOM   920  O O   . LEU A 1 127 ? -0.439  16.934  14.092  1.00 19.17 ? 278 LEU A O   1 
ATOM   921  C CB  . LEU A 1 127 ? -0.003  13.850  13.084  1.00 15.91 ? 278 LEU A CB  1 
ATOM   922  C CG  . LEU A 1 127 ? 0.812   12.705  12.497  1.00 17.03 ? 278 LEU A CG  1 
ATOM   923  C CD1 . LEU A 1 127 ? 0.395   11.372  13.150  1.00 16.80 ? 278 LEU A CD1 1 
ATOM   924  C CD2 . LEU A 1 127 ? 0.603   12.594  10.982  1.00 18.08 ? 278 LEU A CD2 1 
ATOM   925  N N   . GLU A 1 128 ? -1.886  16.351  12.472  1.00 18.73 ? 279 GLU A N   1 
ATOM   926  C CA  . GLU A 1 128 ? -2.917  17.289  12.932  1.00 16.48 ? 279 GLU A CA  1 
ATOM   927  C C   . GLU A 1 128 ? -4.297  16.643  12.719  1.00 16.13 ? 279 GLU A C   1 
ATOM   928  O O   . GLU A 1 128 ? -4.433  15.705  11.932  1.00 19.21 ? 279 GLU A O   1 
ATOM   929  C CB  . GLU A 1 128 ? -2.791  18.612  12.130  1.00 24.70 ? 279 GLU A CB  1 
ATOM   930  C CG  . GLU A 1 128 ? -2.779  19.853  13.027  1.00 30.61 ? 279 GLU A CG  1 
ATOM   931  C CD  . GLU A 1 128 ? -1.833  20.940  12.576  1.00 36.84 ? 279 GLU A CD  1 
ATOM   932  O OE1 . GLU A 1 128 ? -1.878  21.287  11.366  1.00 39.06 ? 279 GLU A OE1 1 
ATOM   933  O OE2 . GLU A 1 128 ? -1.075  21.470  13.436  1.00 37.81 ? 279 GLU A OE2 1 
ATOM   934  N N   . GLY A 1 129 ? -5.313  17.106  13.448  1.00 17.28 ? 280 GLY A N   1 
ATOM   935  C CA  . GLY A 1 129 ? -6.667  16.587  13.264  1.00 18.16 ? 280 GLY A CA  1 
ATOM   936  C C   . GLY A 1 129 ? -6.800  15.120  13.688  1.00 19.96 ? 280 GLY A C   1 
ATOM   937  O O   . GLY A 1 129 ? -6.196  14.678  14.677  1.00 20.96 ? 280 GLY A O   1 
ATOM   938  N N   . SER A 1 130 ? -7.598  14.365  12.946  1.00 17.40 ? 281 SER A N   1 
ATOM   939  C CA  . SER A 1 130 ? -7.826  12.988  13.248  1.00 20.45 ? 281 SER A CA  1 
ATOM   940  C C   . SER A 1 130 ? -7.583  12.068  12.049  1.00 18.91 ? 281 SER A C   1 
ATOM   941  O O   . SER A 1 130 ? -7.637  12.512  10.923  1.00 20.24 ? 281 SER A O   1 
ATOM   942  C CB  . SER A 1 130 ? -9.239  12.816  13.803  1.00 26.01 ? 281 SER A CB  1 
ATOM   943  O OG  . SER A 1 130 ? -10.164 12.917  12.725  1.00 33.64 ? 281 SER A OG  1 
ATOM   944  N N   . ALA A 1 131 ? -7.330  10.784  12.308  1.00 16.76 ? 282 ALA A N   1 
ATOM   945  C CA  . ALA A 1 131 ? -7.156  9.803   11.266  1.00 21.78 ? 282 ALA A CA  1 
ATOM   946  C C   . ALA A 1 131 ? -8.542  9.429   10.751  1.00 24.54 ? 282 ALA A C   1 
ATOM   947  O O   . ALA A 1 131 ? -9.449  9.284   11.551  1.00 24.36 ? 282 ALA A O   1 
ATOM   948  C CB  . ALA A 1 131 ? -6.445  8.554   11.807  1.00 17.90 ? 282 ALA A CB  1 
ATOM   949  N N   . SER A 1 132 ? -8.704  9.307   9.432   1.00 24.06 ? 283 SER A N   1 
ATOM   950  C CA  . SER A 1 132 ? -10.011 8.886   8.895   1.00 25.13 ? 283 SER A CA  1 
ATOM   951  C C   . SER A 1 132 ? -9.891  7.678   7.974   1.00 23.59 ? 283 SER A C   1 
ATOM   952  O O   . SER A 1 132 ? -8.922  7.544   7.234   1.00 17.93 ? 283 SER A O   1 
ATOM   953  C CB  . SER A 1 132 ? -10.710 10.052  8.190   1.00 28.45 ? 283 SER A CB  1 
ATOM   954  O OG  . SER A 1 132 ? -10.003 10.442  7.039   1.00 31.62 ? 283 SER A OG  1 
ATOM   955  N N   . GLU A 1 133 ? -10.874 6.777   8.042   1.00 21.48 ? 284 GLU A N   1 
ATOM   956  C CA  . GLU A 1 133 ? -10.827 5.536   7.287   1.00 20.57 ? 284 GLU A CA  1 
ATOM   957  C C   . GLU A 1 133 ? -11.023 5.785   5.792   1.00 21.22 ? 284 GLU A C   1 
ATOM   958  O O   . GLU A 1 133 ? -11.845 6.579   5.393   1.00 21.92 ? 284 GLU A O   1 
ATOM   959  C CB  . GLU A 1 133 ? -11.868 4.546   7.814   1.00 23.32 ? 284 GLU A CB  1 
ATOM   960  C CG  . GLU A 1 133 ? -11.919 3.203   7.101   1.00 23.65 ? 284 GLU A CG  1 
ATOM   961  C CD  . GLU A 1 133 ? -13.029 2.313   7.700   1.00 28.22 ? 284 GLU A CD  1 
ATOM   962  O OE1 . GLU A 1 133 ? -12.968 2.043   8.916   1.00 27.04 ? 284 GLU A OE1 1 
ATOM   963  O OE2 . GLU A 1 133 ? -13.955 1.906   6.956   1.00 26.21 ? 284 GLU A OE2 1 
ATOM   964  N N   . ILE A 1 134 ? -10.191 5.126   4.982   1.00 18.99 ? 285 ILE A N   1 
ATOM   965  C CA  . ILE A 1 134 ? -10.289 5.178   3.550   1.00 21.20 ? 285 ILE A CA  1 
ATOM   966  C C   . ILE A 1 134 ? -11.413 4.203   3.160   1.00 21.32 ? 285 ILE A C   1 
ATOM   967  O O   . ILE A 1 134 ? -11.333 3.000   3.484   1.00 16.97 ? 285 ILE A O   1 
ATOM   968  C CB  . ILE A 1 134 ? -8.953  4.672   2.909   1.00 21.35 ? 285 ILE A CB  1 
ATOM   969  C CG1 . ILE A 1 134 ? -7.788  5.604   3.256   1.00 21.22 ? 285 ILE A CG1 1 
ATOM   970  C CG2 . ILE A 1 134 ? -9.124  4.484   1.386   1.00 23.16 ? 285 ILE A CG2 1 
ATOM   971  C CD1 . ILE A 1 134 ? -8.014  6.983   2.863   1.00 21.56 ? 285 ILE A CD1 1 
ATOM   972  N N   . LYS A 1 135 ? -12.437 4.733   2.489   1.00 24.64 ? 286 LYS A N   1 
ATOM   973  C CA  . LYS A 1 135 ? -13.687 3.966   2.235   1.00 29.77 ? 286 LYS A CA  1 
ATOM   974  C C   . LYS A 1 135 ? -13.680 3.155   0.959   1.00 31.33 ? 286 LYS A C   1 
ATOM   975  O O   . LYS A 1 135 ? -14.455 2.201   0.824   1.00 30.90 ? 286 LYS A O   1 
ATOM   976  C CB  . LYS A 1 135 ? -14.925 4.884   2.225   1.00 30.24 ? 286 LYS A CB  1 
ATOM   977  C CG  . LYS A 1 135 ? -15.141 5.680   3.529   1.00 35.29 ? 286 LYS A CG  1 
ATOM   978  C CD  . LYS A 1 135 ? -15.033 4.833   4.803   1.00 35.70 ? 286 LYS A CD  1 
ATOM   979  C CE  . LYS A 1 135 ? -16.260 3.956   5.001   1.00 40.77 ? 286 LYS A CE  1 
ATOM   980  N NZ  . LYS A 1 135 ? -16.042 2.972   6.125   1.00 42.00 ? 286 LYS A NZ  1 
ATOM   981  N N   . ASN A 1 136 ? -12.839 3.521   -0.002  1.00 30.61 ? 287 ASN A N   1 
ATOM   982  C CA  . ASN A 1 136 ? -12.766 2.721   -1.220  1.00 28.82 ? 287 ASN A CA  1 
ATOM   983  C C   . ASN A 1 136 ? -11.512 3.067   -1.984  1.00 28.14 ? 287 ASN A C   1 
ATOM   984  O O   . ASN A 1 136 ? -10.770 3.987   -1.594  1.00 24.98 ? 287 ASN A O   1 
ATOM   985  C CB  . ASN A 1 136 ? -14.005 3.008   -2.086  1.00 34.47 ? 287 ASN A CB  1 
ATOM   986  C CG  . ASN A 1 136 ? -14.174 4.496   -2.380  1.00 37.16 ? 287 ASN A CG  1 
ATOM   987  O OD1 . ASN A 1 136 ? -13.342 5.313   -2.025  1.00 42.38 ? 287 ASN A OD1 1 
ATOM   988  N ND2 . ASN A 1 136 ? -15.255 4.840   -3.030  1.00 41.75 ? 287 ASN A ND2 1 
ATOM   989  N N   . LEU A 1 137 ? -11.299 2.367   -3.095  1.00 29.44 ? 288 LEU A N   1 
ATOM   990  C CA  . LEU A 1 137 ? -10.116 2.583   -3.946  1.00 32.39 ? 288 LEU A CA  1 
ATOM   991  C C   . LEU A 1 137 ? -9.953  4.024   -4.437  1.00 28.66 ? 288 LEU A C   1 
ATOM   992  O O   . LEU A 1 137 ? -8.854  4.586   -4.425  1.00 32.72 ? 288 LEU A O   1 
ATOM   993  C CB  . LEU A 1 137 ? -10.146 1.604   -5.121  1.00 34.25 ? 288 LEU A CB  1 
ATOM   994  C CG  . LEU A 1 137 ? -8.908  1.584   -6.009  1.00 39.83 ? 288 LEU A CG  1 
ATOM   995  C CD1 . LEU A 1 137 ? -7.647  1.214   -5.186  1.00 40.13 ? 288 LEU A CD1 1 
ATOM   996  C CD2 . LEU A 1 137 ? -9.108  0.619   -7.184  1.00 40.38 ? 288 LEU A CD2 1 
ATOM   997  N N   . SER A 1 138 ? -11.051 4.634   -4.853  1.00 29.37 ? 289 SER A N   1 
ATOM   998  C CA  . SER A 1 138 ? -11.051 6.020   -5.314  1.00 24.89 ? 289 SER A CA  1 
ATOM   999  C C   . SER A 1 138 ? -10.455 6.999   -4.278  1.00 25.77 ? 289 SER A C   1 
ATOM   1000 O O   . SER A 1 138 ? -9.690  7.901   -4.635  1.00 23.97 ? 289 SER A O   1 
ATOM   1001 C CB  . SER A 1 138 ? -12.478 6.449   -5.695  1.00 29.12 ? 289 SER A CB  1 
ATOM   1002 O OG  . SER A 1 138 ? -12.498 7.794   -6.151  1.00 31.01 ? 289 SER A OG  1 
ATOM   1003 N N   . GLU A 1 139 ? -10.828 6.827   -3.010  1.00 24.35 ? 290 GLU A N   1 
ATOM   1004 C CA  . GLU A 1 139 ? -10.271 7.635   -1.912  1.00 26.26 ? 290 GLU A CA  1 
ATOM   1005 C C   . GLU A 1 139 ? -8.790  7.345   -1.666  1.00 20.53 ? 290 GLU A C   1 
ATOM   1006 O O   . GLU A 1 139 ? -8.049  8.233   -1.282  1.00 22.48 ? 290 GLU A O   1 
ATOM   1007 C CB  . GLU A 1 139 ? -11.023 7.379   -0.601  1.00 26.61 ? 290 GLU A CB  1 
ATOM   1008 C CG  . GLU A 1 139 ? -12.357 8.056   -0.534  1.00 35.57 ? 290 GLU A CG  1 
ATOM   1009 C CD  . GLU A 1 139 ? -13.076 7.755   0.755   1.00 41.18 ? 290 GLU A CD  1 
ATOM   1010 O OE1 . GLU A 1 139 ? -14.199 8.250   0.892   1.00 45.82 ? 290 GLU A OE1 1 
ATOM   1011 O OE2 . GLU A 1 139 ? -12.533 7.029   1.629   1.00 44.19 ? 290 GLU A OE2 1 
ATOM   1012 N N   . LEU A 1 140 ? -8.364  6.107   -1.887  1.00 21.92 ? 291 LEU A N   1 
ATOM   1013 C CA  . LEU A 1 140 ? -6.944  5.772   -1.720  1.00 19.02 ? 291 LEU A CA  1 
ATOM   1014 C C   . LEU A 1 140 ? -6.154  6.526   -2.792  1.00 19.31 ? 291 LEU A C   1 
ATOM   1015 O O   . LEU A 1 140 ? -5.171  7.231   -2.497  1.00 17.73 ? 291 LEU A O   1 
ATOM   1016 C CB  . LEU A 1 140 ? -6.738  4.273   -1.827  1.00 16.84 ? 291 LEU A CB  1 
ATOM   1017 C CG  . LEU A 1 140 ? -5.387  3.744   -1.404  1.00 22.75 ? 291 LEU A CG  1 
ATOM   1018 C CD1 . LEU A 1 140 ? -5.138  4.141   0.044   1.00 26.55 ? 291 LEU A CD1 1 
ATOM   1019 C CD2 . LEU A 1 140 ? -5.364  2.225   -1.529  1.00 23.16 ? 291 LEU A CD2 1 
ATOM   1020 N N   . LYS A 1 141 ? -6.625  6.407   -4.030  1.00 20.98 ? 292 LYS A N   1 
ATOM   1021 C CA  . LYS A 1 141 ? -6.015  7.094   -5.143  1.00 22.14 ? 292 LYS A CA  1 
ATOM   1022 C C   . LYS A 1 141 ? -5.923  8.608   -4.956  1.00 21.93 ? 292 LYS A C   1 
ATOM   1023 O O   . LYS A 1 141 ? -4.899  9.222   -5.296  1.00 20.20 ? 292 LYS A O   1 
ATOM   1024 C CB  . LYS A 1 141 ? -6.711  6.703   -6.452  1.00 23.48 ? 292 LYS A CB  1 
ATOM   1025 C CG  . LYS A 1 141 ? -6.438  5.243   -6.810  1.00 27.53 ? 292 LYS A CG  1 
ATOM   1026 C CD  . LYS A 1 141 ? -6.718  4.943   -8.265  1.00 28.65 ? 292 LYS A CD  1 
ATOM   1027 C CE  . LYS A 1 141 ? -8.194  5.034   -8.571  1.00 28.94 ? 292 LYS A CE  1 
ATOM   1028 N NZ  . LYS A 1 141 ? -8.518  4.190   -9.744  1.00 29.37 ? 292 LYS A NZ  1 
ATOM   1029 N N   . ASN A 1 142 ? -6.976  9.217   -4.411  1.00 22.02 ? 293 ASN A N   1 
ATOM   1030 C CA  . ASN A 1 142 ? -6.915  10.656  -4.100  1.00 24.47 ? 293 ASN A CA  1 
ATOM   1031 C C   . ASN A 1 142 ? -5.816  11.022  -3.124  1.00 23.11 ? 293 ASN A C   1 
ATOM   1032 O O   . ASN A 1 142 ? -5.199  12.057  -3.259  1.00 20.66 ? 293 ASN A O   1 
ATOM   1033 C CB  . ASN A 1 142 ? -8.236  11.192  -3.593  1.00 31.29 ? 293 ASN A CB  1 
ATOM   1034 C CG  . ASN A 1 142 ? -9.304  11.189  -4.663  1.00 37.98 ? 293 ASN A CG  1 
ATOM   1035 O OD1 . ASN A 1 142 ? -9.014  11.345  -5.873  1.00 43.21 ? 293 ASN A OD1 1 
ATOM   1036 N ND2 . ASN A 1 142 ? -10.553 11.001  -4.237  1.00 42.53 ? 293 ASN A ND2 1 
ATOM   1037 N N   . ALA A 1 143 ? -5.539  10.148  -2.159  1.00 23.37 ? 294 ALA A N   1 
ATOM   1038 C CA  . ALA A 1 143 ? -4.463  10.401  -1.205  1.00 20.91 ? 294 ALA A CA  1 
ATOM   1039 C C   . ALA A 1 143 ? -3.109  10.340  -1.871  1.00 21.86 ? 294 ALA A C   1 
ATOM   1040 O O   . ALA A 1 143 ? -2.121  10.767  -1.299  1.00 24.68 ? 294 ALA A O   1 
ATOM   1041 C CB  . ALA A 1 143 ? -4.538  9.426   -0.084  1.00 21.58 ? 294 ALA A CB  1 
ATOM   1042 N N   . LEU A 1 144 ? -3.050  9.816   -3.098  1.00 20.27 ? 295 LEU A N   1 
ATOM   1043 C CA  . LEU A 1 144 ? -1.802  9.752   -3.864  1.00 18.45 ? 295 LEU A CA  1 
ATOM   1044 C C   . LEU A 1 144 ? -1.612  10.960  -4.806  1.00 20.94 ? 295 LEU A C   1 
ATOM   1045 O O   . LEU A 1 144 ? -0.584  11.084  -5.472  1.00 20.03 ? 295 LEU A O   1 
ATOM   1046 C CB  . LEU A 1 144 ? -1.753  8.458   -4.676  1.00 17.42 ? 295 LEU A CB  1 
ATOM   1047 C CG  . LEU A 1 144 ? -1.958  7.186   -3.845  1.00 19.74 ? 295 LEU A CG  1 
ATOM   1048 C CD1 . LEU A 1 144 ? -2.025  5.978   -4.727  1.00 20.65 ? 295 LEU A CD1 1 
ATOM   1049 C CD2 . LEU A 1 144 ? -0.831  7.050   -2.837  1.00 18.06 ? 295 LEU A CD2 1 
ATOM   1050 N N   . LYS A 1 145 ? -2.611  11.836  -4.863  1.00 21.95 ? 296 LYS A N   1 
ATOM   1051 C CA  . LYS A 1 145 ? -2.566  13.021  -5.712  1.00 26.76 ? 296 LYS A CA  1 
ATOM   1052 C C   . LYS A 1 145 ? -1.680  14.140  -5.138  1.00 29.22 ? 296 LYS A C   1 
ATOM   1053 O O   . LYS A 1 145 ? -0.954  14.784  -5.893  1.00 32.80 ? 296 LYS A O   1 
ATOM   1054 C CB  . LYS A 1 145 ? -3.985  13.548  -5.953  1.00 27.96 ? 296 LYS A CB  1 
ATOM   1055 C CG  . LYS A 1 145 ? -4.831  12.670  -6.857  1.00 27.88 ? 296 LYS A CG  1 
ATOM   1056 C CD  . LYS A 1 145 ? -6.140  13.381  -7.232  1.00 32.88 ? 296 LYS A CD  1 
ATOM   1057 C CE  . LYS A 1 145 ? -6.804  12.794  -8.494  1.00 33.11 ? 296 LYS A CE  1 
ATOM   1058 N NZ  . LYS A 1 145 ? -7.314  11.423  -8.288  1.00 36.80 ? 296 LYS A NZ  1 
ATOM   1059 O OXT . LYS A 1 145 ? -1.753  14.364  -3.914  1.00 32.34 ? 296 LYS A OXT 1 
HETATM 1060 O O   . HOH B 2 .   ? -2.528  8.285   11.669  1.00 15.48 ? 1   HOH A O   1 
HETATM 1061 O O   . HOH B 2 .   ? -3.770  7.563   9.456   1.00 17.31 ? 2   HOH A O   1 
HETATM 1062 O O   . HOH B 2 .   ? 5.139   5.218   -10.782 1.00 19.17 ? 3   HOH A O   1 
HETATM 1063 O O   . HOH B 2 .   ? 9.456   6.521   -2.244  1.00 26.05 ? 4   HOH A O   1 
HETATM 1064 O O   . HOH B 2 .   ? -7.511  10.176  15.066  1.00 22.50 ? 5   HOH A O   1 
HETATM 1065 O O   . HOH B 2 .   ? 0.362   7.834   12.119  1.00 16.47 ? 6   HOH A O   1 
HETATM 1066 O O   . HOH B 2 .   ? 4.345   8.820   11.820  1.00 27.53 ? 7   HOH A O   1 
HETATM 1067 O O   . HOH B 2 .   ? -0.351  12.625  -1.833  1.00 27.57 ? 8   HOH A O   1 
HETATM 1068 O O   . HOH B 2 .   ? -8.784  -1.342  3.227   1.00 22.22 ? 9   HOH A O   1 
HETATM 1069 O O   . HOH B 2 .   ? -5.653  14.642  9.645   1.00 15.25 ? 10  HOH A O   1 
HETATM 1070 O O   . HOH B 2 .   ? 2.904   24.197  10.348  1.00 28.77 ? 11  HOH A O   1 
HETATM 1071 O O   . HOH B 2 .   ? 1.245   5.353   13.023  1.00 24.03 ? 12  HOH A O   1 
HETATM 1072 O O   . HOH B 2 .   ? 10.743  2.809   3.524   1.00 32.51 ? 13  HOH A O   1 
HETATM 1073 O O   . HOH B 2 .   ? -9.886  0.876   4.529   1.00 24.07 ? 14  HOH A O   1 
HETATM 1074 O O   . HOH B 2 .   ? 8.052   10.283  3.724   1.00 27.17 ? 15  HOH A O   1 
HETATM 1075 O O   . HOH B 2 .   ? 8.941   13.445  -1.290  1.00 23.41 ? 16  HOH A O   1 
HETATM 1076 O O   . HOH B 2 .   ? -4.431  -2.451  -8.931  1.00 35.54 ? 17  HOH A O   1 
HETATM 1077 O O   . HOH B 2 .   ? 0.229   19.384  14.943  1.00 34.92 ? 18  HOH A O   1 
HETATM 1078 O O   . HOH B 2 .   ? 11.610  16.954  -6.100  1.00 39.61 ? 19  HOH A O   1 
HETATM 1079 O O   . HOH B 2 .   ? 10.170  9.998   1.949   1.00 22.02 ? 20  HOH A O   1 
HETATM 1080 O O   . HOH B 2 .   ? 2.859   2.695   -16.283 1.00 34.73 ? 21  HOH A O   1 
HETATM 1081 O O   . HOH B 2 .   ? 9.318   17.095  6.266   1.00 36.94 ? 22  HOH A O   1 
HETATM 1082 O O   . HOH B 2 .   ? -9.006  15.637  10.911  1.00 35.46 ? 23  HOH A O   1 
HETATM 1083 O O   . HOH B 2 .   ? 4.975   6.524   -14.238 1.00 36.60 ? 24  HOH A O   1 
HETATM 1084 O O   . HOH B 2 .   ? 3.573   13.405  -8.438  1.00 25.45 ? 25  HOH A O   1 
HETATM 1085 O O   . HOH B 2 .   ? -0.915  23.256  9.799   1.00 23.80 ? 26  HOH A O   1 
HETATM 1086 O O   . HOH B 2 .   ? 10.286  9.609   -15.367 1.00 34.03 ? 27  HOH A O   1 
HETATM 1087 O O   . HOH B 2 .   ? -4.538  -2.970  6.692   1.00 20.13 ? 28  HOH A O   1 
HETATM 1088 O O   . HOH B 2 .   ? 2.899   19.101  4.959   1.00 20.52 ? 29  HOH A O   1 
HETATM 1089 O O   . HOH B 2 .   ? -5.230  4.977   12.590  1.00 30.38 ? 30  HOH A O   1 
HETATM 1090 O O   . HOH B 2 .   ? 1.093   14.380  -0.776  1.00 25.65 ? 31  HOH A O   1 
HETATM 1091 O O   . HOH B 2 .   ? 0.915   13.103  -7.660  1.00 43.09 ? 32  HOH A O   1 
HETATM 1092 O O   . HOH B 2 .   ? -8.010  12.331  8.240   1.00 28.32 ? 33  HOH A O   1 
HETATM 1093 O O   . HOH B 2 .   ? -0.423  18.551  4.889   1.00 36.03 ? 34  HOH A O   1 
HETATM 1094 O O   . HOH B 2 .   ? 6.910   10.752  10.309  1.00 44.92 ? 35  HOH A O   1 
HETATM 1095 O O   . HOH B 2 .   ? -7.925  -11.197 -3.428  1.00 24.19 ? 36  HOH A O   1 
HETATM 1096 O O   . HOH B 2 .   ? -7.571  4.530   13.913  1.00 33.11 ? 37  HOH A O   1 
HETATM 1097 O O   . HOH B 2 .   ? 8.580   8.774   8.426   1.00 28.22 ? 38  HOH A O   1 
HETATM 1098 O O   . HOH B 2 .   ? -10.592 1.951   10.334  1.00 27.14 ? 39  HOH A O   1 
HETATM 1099 O O   . HOH B 2 .   ? 0.170   -4.699  6.122   1.00 32.63 ? 40  HOH A O   1 
HETATM 1100 O O   . HOH B 2 .   ? -9.030  -19.378 1.306   1.00 36.34 ? 41  HOH A O   1 
HETATM 1101 O O   . HOH B 2 .   ? 9.484   10.510  6.250   1.00 35.92 ? 42  HOH A O   1 
HETATM 1102 O O   . HOH B 2 .   ? 7.392   12.903  12.484  1.00 55.10 ? 43  HOH A O   1 
HETATM 1103 O O   . HOH B 2 .   ? 1.961   -19.238 -2.786  1.00 42.03 ? 44  HOH A O   1 
HETATM 1104 O O   . HOH B 2 .   ? -5.577  19.594  14.512  1.00 38.51 ? 45  HOH A O   1 
HETATM 1105 O O   . HOH B 2 .   ? -10.288 10.619  16.205  1.00 39.91 ? 46  HOH A O   1 
HETATM 1106 O O   . HOH B 2 .   ? -13.031 -0.315  -3.441  1.00 24.20 ? 47  HOH A O   1 
HETATM 1107 O O   . HOH B 2 .   ? -4.134  -24.203 -11.132 1.00 35.29 ? 48  HOH A O   1 
HETATM 1108 O O   . HOH B 2 .   ? -4.899  -17.867 8.307   1.00 42.02 ? 49  HOH A O   1 
HETATM 1109 O O   . HOH B 2 .   ? -5.774  13.064  1.593   1.00 69.57 ? 50  HOH A O   1 
HETATM 1110 O O   . HOH B 2 .   ? 2.132   -23.765 -3.723  1.00 48.01 ? 51  HOH A O   1 
HETATM 1111 O O   . HOH B 2 .   ? -4.485  -7.513  6.324   1.00 37.05 ? 52  HOH A O   1 
HETATM 1112 O O   . HOH B 2 .   ? -15.242 -4.347  3.900   1.00 43.62 ? 53  HOH A O   1 
HETATM 1113 O O   . HOH B 2 .   ? -1.321  18.458  1.826   1.00 72.01 ? 54  HOH A O   1 
HETATM 1114 O O   . HOH B 2 .   ? -13.804 8.860   9.265   1.00 47.07 ? 55  HOH A O   1 
HETATM 1115 O O   . HOH B 2 .   ? -11.674 -14.868 -7.968  1.00 50.05 ? 56  HOH A O   1 
HETATM 1116 O O   . HOH B 2 .   ? 12.427  10.335  3.798   1.00 80.33 ? 57  HOH A O   1 
HETATM 1117 O O   . HOH B 2 .   ? -9.800  8.056   16.033  1.00 51.81 ? 58  HOH A O   1 
HETATM 1118 O O   . HOH B 2 .   ? 1.456   -23.250 -0.777  1.00 49.71 ? 59  HOH A O   1 
HETATM 1119 O O   . HOH B 2 .   ? 6.408   5.878   8.513   1.00 35.41 ? 60  HOH A O   1 
HETATM 1120 O O   . HOH B 2 .   ? -3.036  -18.273 6.261   1.00 40.90 ? 61  HOH A O   1 
HETATM 1121 O O   . HOH B 2 .   ? -2.858  20.560  9.150   1.00 42.76 ? 62  HOH A O   1 
HETATM 1122 O O   . HOH B 2 .   ? 5.819   25.401  4.921   1.00 65.63 ? 63  HOH A O   1 
HETATM 1123 O O   . HOH B 2 .   ? 3.499   1.006   -12.033 1.00 46.98 ? 64  HOH A O   1 
HETATM 1124 O O   . HOH B 2 .   ? -8.092  -13.536 -9.320  1.00 45.88 ? 65  HOH A O   1 
HETATM 1125 O O   . HOH B 2 .   ? -0.415  15.535  -8.129  1.00 49.19 ? 66  HOH A O   1 
HETATM 1126 O O   . HOH B 2 .   ? 9.075   7.572   -4.848  1.00 56.13 ? 67  HOH A O   1 
HETATM 1127 O O   . HOH B 2 .   ? 11.275  -12.086 -0.496  1.00 47.10 ? 68  HOH A O   1 
HETATM 1128 O O   . HOH B 2 .   ? 7.387   -9.451  -6.122  1.00 40.51 ? 69  HOH A O   1 
HETATM 1129 O O   . HOH B 2 .   ? 4.477   1.267   -15.184 1.00 43.56 ? 70  HOH A O   1 
HETATM 1130 O O   . HOH B 2 .   ? -2.778  11.963  -10.202 1.00 40.25 ? 71  HOH A O   1 
HETATM 1131 O O   . HOH B 2 .   ? -17.791 -3.309  -3.683  1.00 60.06 ? 72  HOH A O   1 
HETATM 1132 O O   . HOH B 2 .   ? 2.116   5.333   -12.140 1.00 53.62 ? 73  HOH A O   1 
HETATM 1133 O O   . HOH B 2 .   ? 12.825  -18.520 -3.768  1.00 72.78 ? 74  HOH A O   1 
HETATM 1134 O O   . HOH B 2 .   ? 6.538   -18.112 0.797   1.00 55.36 ? 75  HOH A O   1 
HETATM 1135 O O   . HOH B 2 .   ? -2.282  -14.002 3.668   1.00 68.30 ? 76  HOH A O   1 
HETATM 1136 O O   . HOH B 2 .   ? 5.957   6.152   11.667  1.00 54.99 ? 77  HOH A O   1 
HETATM 1137 O O   . HOH B 2 .   ? -17.477 0.529   2.603   1.00 79.05 ? 78  HOH A O   1 
HETATM 1138 O O   . HOH B 2 .   ? -1.801  -3.609  -10.751 1.00 57.24 ? 79  HOH A O   1 
HETATM 1139 O O   . HOH B 2 .   ? -5.601  -22.952 -13.005 1.00 42.26 ? 80  HOH A O   1 
HETATM 1140 O O   . HOH B 2 .   ? -12.867 12.014  -1.895  1.00 63.16 ? 81  HOH A O   1 
HETATM 1141 O O   . HOH B 2 .   ? -12.069 -15.046 8.268   1.00 59.49 ? 82  HOH A O   1 
HETATM 1142 O O   . HOH B 2 .   ? -13.402 7.921   15.000  1.00 67.51 ? 83  HOH A O   1 
HETATM 1143 O O   . HOH B 2 .   ? -16.183 -0.561  -2.344  1.00 49.37 ? 84  HOH A O   1 
HETATM 1144 O O   . HOH B 2 .   ? 3.011   -15.152 -17.304 1.00 74.03 ? 85  HOH A O   1 
HETATM 1145 O O   . HOH B 2 .   ? 12.189  7.419   -3.287  1.00 53.09 ? 86  HOH A O   1 
HETATM 1146 O O   . HOH B 2 .   ? -0.457  0.333   14.294  1.00 53.13 ? 87  HOH A O   1 
HETATM 1147 O O   . HOH B 2 .   ? 8.831   4.212   -0.896  1.00 38.41 ? 88  HOH A O   1 
HETATM 1148 O O   . HOH B 2 .   ? -3.029  16.638  -0.769  1.00 66.60 ? 89  HOH A O   1 
HETATM 1149 O O   . HOH B 2 .   ? -3.463  0.558   -10.783 1.00 44.29 ? 90  HOH A O   1 
HETATM 1150 O O   . HOH B 2 .   ? 0.024   16.880  -1.106  1.00 40.31 ? 91  HOH A O   1 
HETATM 1151 O O   . HOH B 2 .   ? -9.017  -0.691  14.588  1.00 51.69 ? 92  HOH A O   1 
HETATM 1152 O O   . HOH B 2 .   ? -14.362 7.497   7.008   1.00 41.57 ? 93  HOH A O   1 
HETATM 1153 O O   . HOH B 2 .   ? -5.861  16.522  17.199  1.00 37.26 ? 94  HOH A O   1 
HETATM 1154 O O   . HOH B 2 .   ? -9.574  9.157   -7.329  1.00 36.02 ? 95  HOH A O   1 
HETATM 1155 O O   . HOH B 2 .   ? 5.376   -14.132 -12.398 1.00 55.61 ? 96  HOH A O   1 
HETATM 1156 O O   . HOH B 2 .   ? -18.602 -2.215  -6.469  1.00 53.98 ? 97  HOH A O   1 
HETATM 1157 O O   . HOH B 2 .   ? 1.436   23.323  13.520  1.00 50.01 ? 98  HOH A O   1 
HETATM 1158 O O   . HOH B 2 .   ? -6.928  -2.814  14.075  1.00 44.08 ? 99  HOH A O   1 
HETATM 1159 O O   . HOH B 2 .   ? -5.166  -14.247 -8.793  1.00 41.55 ? 100 HOH A O   1 
HETATM 1160 O O   . HOH B 2 .   ? -5.293  -11.337 10.058  1.00 41.48 ? 101 HOH A O   1 
HETATM 1161 O O   . HOH B 2 .   ? 3.918   -15.245 2.540   1.00 57.00 ? 102 HOH A O   1 
HETATM 1162 O O   . HOH B 2 .   ? 6.085   -26.316 -12.483 1.00 46.33 ? 103 HOH A O   1 
HETATM 1163 O O   . HOH B 2 .   ? 0.623   -14.684 3.214   1.00 50.53 ? 104 HOH A O   1 
HETATM 1164 O O   . HOH B 2 .   ? -5.975  -15.531 -14.245 1.00 50.23 ? 105 HOH A O   1 
HETATM 1165 O O   . HOH B 2 .   ? 4.481   -24.129 0.275   1.00 66.00 ? 106 HOH A O   1 
HETATM 1166 O O   . HOH B 2 .   ? 4.246   -1.841  -12.171 1.00 52.68 ? 108 HOH A O   1 
HETATM 1167 O O   . HOH B 2 .   ? 4.384   -8.134  -13.272 1.00 51.33 ? 109 HOH A O   1 
HETATM 1168 O O   . HOH B 2 .   ? -10.714 7.086   13.013  1.00 53.30 ? 110 HOH A O   1 
HETATM 1169 O O   . HOH B 2 .   ? -8.346  8.731   -9.492  1.00 54.08 ? 111 HOH A O   1 
HETATM 1170 O O   . HOH B 2 .   ? 4.802   -4.278  9.368   1.00 60.87 ? 112 HOH A O   1 
HETATM 1171 O O   . HOH B 2 .   ? 14.900  4.069   8.902   1.00 43.28 ? 113 HOH A O   1 
HETATM 1172 O O   . HOH B 2 .   ? -3.521  14.309  -2.152  1.00 38.34 ? 114 HOH A O   1 
HETATM 1173 O O   . HOH B 2 .   ? 0.743   0.164   17.163  1.00 67.51 ? 115 HOH A O   1 
HETATM 1174 O O   . HOH B 2 .   ? -12.655 11.243  13.384  1.00 59.32 ? 116 HOH A O   1 
HETATM 1175 O O   . HOH B 2 .   ? 14.802  8.120   4.682   1.00 53.38 ? 117 HOH A O   1 
HETATM 1176 O O   . HOH B 2 .   ? -1.955  22.159  15.735  1.00 55.71 ? 118 HOH A O   1 
HETATM 1177 O O   . HOH B 2 .   ? -12.060 0.069   14.859  1.00 64.20 ? 119 HOH A O   1 
# 
loop_
_pdbx_poly_seq_scheme.asym_id 
_pdbx_poly_seq_scheme.entity_id 
_pdbx_poly_seq_scheme.seq_id 
_pdbx_poly_seq_scheme.mon_id 
_pdbx_poly_seq_scheme.ndb_seq_num 
_pdbx_poly_seq_scheme.pdb_seq_num 
_pdbx_poly_seq_scheme.auth_seq_num 
_pdbx_poly_seq_scheme.pdb_mon_id 
_pdbx_poly_seq_scheme.auth_mon_id 
_pdbx_poly_seq_scheme.pdb_strand_id 
_pdbx_poly_seq_scheme.pdb_ins_code 
_pdbx_poly_seq_scheme.hetero 
A 1 1   ALA 1   152 ?   ?   ?   A . n 
A 1 2   ASN 2   153 ?   ?   ?   A . n 
A 1 3   LYS 3   154 ?   ?   ?   A . n 
A 1 4   LEU 4   155 ?   ?   ?   A . n 
A 1 5   ASP 5   156 ?   ?   ?   A . n 
A 1 6   SER 6   157 157 SER SER A . n 
A 1 7   LYS 7   158 158 LYS LYS A . n 
A 1 8   LYS 8   159 159 LYS LYS A . n 
A 1 9   LEU 9   160 160 LEU LEU A . n 
A 1 10  THR 10  161 161 THR THR A . n 
A 1 11  ARG 11  162 162 ARG ARG A . n 
A 1 12  SER 12  163 163 SER SER A . n 
A 1 13  ASN 13  164 164 ASN ASN A . n 
A 1 14  GLY 14  165 165 GLY GLY A . n 
A 1 15  THR 15  166 166 THR THR A . n 
A 1 16  THR 16  167 167 THR THR A . n 
A 1 17  LEU 17  168 168 LEU LEU A . n 
A 1 18  GLU 18  169 169 GLU GLU A . n 
A 1 19  TYR 19  170 170 TYR TYR A . n 
A 1 20  SER 20  171 171 SER SER A . n 
A 1 21  GLN 21  172 172 GLN GLN A . n 
A 1 22  ILE 22  173 173 ILE ILE A . n 
A 1 23  THR 23  174 174 THR THR A . n 
A 1 24  ASP 24  175 175 ASP ASP A . n 
A 1 25  ALA 25  176 176 ALA ALA A . n 
A 1 26  ASP 26  177 177 ASP ASP A . n 
A 1 27  ASN 27  178 178 ASN ASN A . n 
A 1 28  ALA 28  179 179 ALA ALA A . n 
A 1 29  THR 29  180 180 THR THR A . n 
A 1 30  LYS 30  181 181 LYS LYS A . n 
A 1 31  ALA 31  182 182 ALA ALA A . n 
A 1 32  VAL 32  183 183 VAL VAL A . n 
A 1 33  GLU 33  184 184 GLU GLU A . n 
A 1 34  THR 34  185 185 THR THR A . n 
A 1 35  LEU 35  186 186 LEU LEU A . n 
A 1 36  LYS 36  187 187 LYS LYS A . n 
A 1 37  ASN 37  188 188 ASN ASN A . n 
A 1 38  SER 38  189 189 SER SER A . n 
A 1 39  ILE 39  190 190 ILE ILE A . n 
A 1 40  LYS 40  191 191 LYS LYS A . n 
A 1 41  LEU 41  192 192 LEU LEU A . n 
A 1 42  GLU 42  193 193 GLU GLU A . n 
A 1 43  GLY 43  194 194 GLY GLY A . n 
A 1 44  SER 44  195 195 SER SER A . n 
A 1 45  LEU 45  196 196 LEU LEU A . n 
A 1 46  VAL 46  197 197 VAL VAL A . n 
A 1 47  VAL 47  198 198 VAL VAL A . n 
A 1 48  GLY 48  199 199 GLY GLY A . n 
A 1 49  LYS 49  200 200 LYS LYS A . n 
A 1 50  THR 50  201 201 THR THR A . n 
A 1 51  THR 51  202 202 THR THR A . n 
A 1 52  VAL 52  203 203 VAL VAL A . n 
A 1 53  GLU 53  204 204 GLU GLU A . n 
A 1 54  ILE 54  205 205 ILE ILE A . n 
A 1 55  LYS 55  206 206 LYS LYS A . n 
A 1 56  GLU 56  207 207 GLU GLU A . n 
A 1 57  GLY 57  208 208 GLY GLY A . n 
A 1 58  THR 58  209 209 THR THR A . n 
A 1 59  VAL 59  210 210 VAL VAL A . n 
A 1 60  THR 60  211 211 THR THR A . n 
A 1 61  LEU 61  212 212 LEU LEU A . n 
A 1 62  LYS 62  213 213 LYS LYS A . n 
A 1 63  ARG 63  214 214 ARG ARG A . n 
A 1 64  GLU 64  215 215 GLU GLU A . n 
A 1 65  ILE 65  216 216 ILE ILE A . n 
A 1 66  GLU 66  217 217 GLU GLU A . n 
A 1 67  LYS 67  218 218 LYS LYS A . n 
A 1 68  ASP 68  219 219 ASP ASP A . n 
A 1 69  GLY 69  220 220 GLY GLY A . n 
A 1 70  LYS 70  221 221 LYS LYS A . n 
A 1 71  VAL 71  222 222 VAL VAL A . n 
A 1 72  LYS 72  223 223 LYS LYS A . n 
A 1 73  VAL 73  224 224 VAL VAL A . n 
A 1 74  PHE 74  225 225 PHE PHE A . n 
A 1 75  LEU 75  226 226 LEU LEU A . n 
A 1 76  ASN 76  227 227 ASN ASN A . n 
A 1 77  ASP 77  228 228 ASP ASP A . n 
A 1 78  THR 78  229 229 THR THR A . n 
A 1 79  ALA 79  230 230 ALA ALA A . n 
A 1 80  GLY 80  231 231 GLY GLY A . n 
A 1 81  SER 81  232 232 SER SER A . n 
A 1 82  ASN 82  233 233 ASN ASN A . n 
A 1 83  LYS 83  234 234 LYS LYS A . n 
A 1 84  LYS 84  235 235 LYS LYS A . n 
A 1 85  THR 85  236 236 THR THR A . n 
A 1 86  GLY 86  237 237 GLY GLY A . n 
A 1 87  LYS 87  238 238 LYS LYS A . n 
A 1 88  TRP 88  239 239 TRP TRP A . n 
A 1 89  GLU 89  240 240 GLU GLU A . n 
A 1 90  ASP 90  241 241 ASP ASP A . n 
A 1 91  SER 91  242 242 SER SER A . n 
A 1 92  THR 92  243 243 THR THR A . n 
A 1 93  SER 93  244 244 SER SER A . n 
A 1 94  THR 94  245 245 THR THR A . n 
A 1 95  LEU 95  246 246 LEU LEU A . n 
A 1 96  THR 96  247 247 THR THR A . n 
A 1 97  ILE 97  248 248 ILE ILE A . n 
A 1 98  SER 98  249 249 SER SER A . n 
A 1 99  ALA 99  250 250 ALA ALA A . n 
A 1 100 ASP 100 251 251 ASP ASP A . n 
A 1 101 SER 101 252 252 SER SER A . n 
A 1 102 LYS 102 253 253 LYS LYS A . n 
A 1 103 LYS 103 254 254 LYS LYS A . n 
A 1 104 THR 104 255 255 THR THR A . n 
A 1 105 LYS 105 256 256 LYS LYS A . n 
A 1 106 ASP 106 257 257 ASP ASP A . n 
A 1 107 LEU 107 258 258 LEU LEU A . n 
A 1 108 VAL 108 259 259 VAL VAL A . n 
A 1 109 PHE 109 260 260 PHE PHE A . n 
A 1 110 LEU 110 261 261 LEU LEU A . n 
A 1 111 THR 111 262 262 THR THR A . n 
A 1 112 ASP 112 263 263 ASP ASP A . n 
A 1 113 GLY 113 264 264 GLY GLY A . n 
A 1 114 THR 114 265 265 THR THR A . n 
A 1 115 ILE 115 266 266 ILE ILE A . n 
A 1 116 THR 116 267 267 THR THR A . n 
A 1 117 VAL 117 268 268 VAL VAL A . n 
A 1 118 GLN 118 269 269 GLN GLN A . n 
A 1 119 GLN 119 270 270 GLN GLN A . n 
A 1 120 TYR 120 271 271 TYR TYR A . n 
A 1 121 ASN 121 272 272 ASN ASN A . n 
A 1 122 THR 122 273 273 THR THR A . n 
A 1 123 ALA 123 274 274 ALA ALA A . n 
A 1 124 GLY 124 275 275 GLY GLY A . n 
A 1 125 THR 125 276 276 THR THR A . n 
A 1 126 SER 126 277 277 SER SER A . n 
A 1 127 LEU 127 278 278 LEU LEU A . n 
A 1 128 GLU 128 279 279 GLU GLU A . n 
A 1 129 GLY 129 280 280 GLY GLY A . n 
A 1 130 SER 130 281 281 SER SER A . n 
A 1 131 ALA 131 282 282 ALA ALA A . n 
A 1 132 SER 132 283 283 SER SER A . n 
A 1 133 GLU 133 284 284 GLU GLU A . n 
A 1 134 ILE 134 285 285 ILE ILE A . n 
A 1 135 LYS 135 286 286 LYS LYS A . n 
A 1 136 ASN 136 287 287 ASN ASN A . n 
A 1 137 LEU 137 288 288 LEU LEU A . n 
A 1 138 SER 138 289 289 SER SER A . n 
A 1 139 GLU 139 290 290 GLU GLU A . n 
A 1 140 LEU 140 291 291 LEU LEU A . n 
A 1 141 LYS 141 292 292 LYS LYS A . n 
A 1 142 ASN 142 293 293 ASN ASN A . n 
A 1 143 ALA 143 294 294 ALA ALA A . n 
A 1 144 LEU 144 295 295 LEU LEU A . n 
A 1 145 LYS 145 296 296 LYS LYS A . n 
# 
loop_
_pdbx_nonpoly_scheme.asym_id 
_pdbx_nonpoly_scheme.entity_id 
_pdbx_nonpoly_scheme.mon_id 
_pdbx_nonpoly_scheme.ndb_seq_num 
_pdbx_nonpoly_scheme.pdb_seq_num 
_pdbx_nonpoly_scheme.auth_seq_num 
_pdbx_nonpoly_scheme.pdb_mon_id 
_pdbx_nonpoly_scheme.auth_mon_id 
_pdbx_nonpoly_scheme.pdb_strand_id 
_pdbx_nonpoly_scheme.pdb_ins_code 
B 2 HOH 1   1   1   HOH HOH A . 
B 2 HOH 2   2   2   HOH HOH A . 
B 2 HOH 3   3   3   HOH HOH A . 
B 2 HOH 4   4   4   HOH HOH A . 
B 2 HOH 5   5   5   HOH HOH A . 
B 2 HOH 6   6   6   HOH HOH A . 
B 2 HOH 7   7   7   HOH HOH A . 
B 2 HOH 8   8   8   HOH HOH A . 
B 2 HOH 9   9   9   HOH HOH A . 
B 2 HOH 10  10  10  HOH HOH A . 
B 2 HOH 11  11  11  HOH HOH A . 
B 2 HOH 12  12  12  HOH HOH A . 
B 2 HOH 13  13  13  HOH HOH A . 
B 2 HOH 14  14  14  HOH HOH A . 
B 2 HOH 15  15  15  HOH HOH A . 
B 2 HOH 16  16  16  HOH HOH A . 
B 2 HOH 17  17  17  HOH HOH A . 
B 2 HOH 18  18  18  HOH HOH A . 
B 2 HOH 19  19  19  HOH HOH A . 
B 2 HOH 20  20  20  HOH HOH A . 
B 2 HOH 21  21  21  HOH HOH A . 
B 2 HOH 22  22  22  HOH HOH A . 
B 2 HOH 23  23  23  HOH HOH A . 
B 2 HOH 24  24  24  HOH HOH A . 
B 2 HOH 25  25  25  HOH HOH A . 
B 2 HOH 26  26  26  HOH HOH A . 
B 2 HOH 27  27  27  HOH HOH A . 
B 2 HOH 28  28  28  HOH HOH A . 
B 2 HOH 29  29  29  HOH HOH A . 
B 2 HOH 30  30  30  HOH HOH A . 
B 2 HOH 31  31  31  HOH HOH A . 
B 2 HOH 32  32  32  HOH HOH A . 
B 2 HOH 33  33  33  HOH HOH A . 
B 2 HOH 34  34  34  HOH HOH A . 
B 2 HOH 35  35  35  HOH HOH A . 
B 2 HOH 36  36  36  HOH HOH A . 
B 2 HOH 37  37  37  HOH HOH A . 
B 2 HOH 38  38  38  HOH HOH A . 
B 2 HOH 39  39  39  HOH HOH A . 
B 2 HOH 40  40  40  HOH HOH A . 
B 2 HOH 41  41  41  HOH HOH A . 
B 2 HOH 42  42  42  HOH HOH A . 
B 2 HOH 43  43  43  HOH HOH A . 
B 2 HOH 44  44  44  HOH HOH A . 
B 2 HOH 45  45  45  HOH HOH A . 
B 2 HOH 46  46  46  HOH HOH A . 
B 2 HOH 47  47  47  HOH HOH A . 
B 2 HOH 48  48  48  HOH HOH A . 
B 2 HOH 49  49  49  HOH HOH A . 
B 2 HOH 50  50  50  HOH HOH A . 
B 2 HOH 51  51  51  HOH HOH A . 
B 2 HOH 52  52  52  HOH HOH A . 
B 2 HOH 53  53  53  HOH HOH A . 
B 2 HOH 54  54  54  HOH HOH A . 
B 2 HOH 55  55  55  HOH HOH A . 
B 2 HOH 56  56  56  HOH HOH A . 
B 2 HOH 57  57  57  HOH HOH A . 
B 2 HOH 58  58  58  HOH HOH A . 
B 2 HOH 59  59  59  HOH HOH A . 
B 2 HOH 60  60  60  HOH HOH A . 
B 2 HOH 61  61  61  HOH HOH A . 
B 2 HOH 62  62  62  HOH HOH A . 
B 2 HOH 63  63  63  HOH HOH A . 
B 2 HOH 64  64  64  HOH HOH A . 
B 2 HOH 65  65  65  HOH HOH A . 
B 2 HOH 66  66  66  HOH HOH A . 
B 2 HOH 67  67  67  HOH HOH A . 
B 2 HOH 68  68  68  HOH HOH A . 
B 2 HOH 69  69  69  HOH HOH A . 
B 2 HOH 70  70  70  HOH HOH A . 
B 2 HOH 71  71  71  HOH HOH A . 
B 2 HOH 72  72  72  HOH HOH A . 
B 2 HOH 73  73  73  HOH HOH A . 
B 2 HOH 74  74  74  HOH HOH A . 
B 2 HOH 75  75  75  HOH HOH A . 
B 2 HOH 76  76  76  HOH HOH A . 
B 2 HOH 77  77  77  HOH HOH A . 
B 2 HOH 78  78  78  HOH HOH A . 
B 2 HOH 79  79  79  HOH HOH A . 
B 2 HOH 80  80  80  HOH HOH A . 
B 2 HOH 81  81  81  HOH HOH A . 
B 2 HOH 82  82  82  HOH HOH A . 
B 2 HOH 83  83  83  HOH HOH A . 
B 2 HOH 84  84  84  HOH HOH A . 
B 2 HOH 85  85  85  HOH HOH A . 
B 2 HOH 86  86  86  HOH HOH A . 
B 2 HOH 87  87  87  HOH HOH A . 
B 2 HOH 88  88  88  HOH HOH A . 
B 2 HOH 89  89  89  HOH HOH A . 
B 2 HOH 90  90  90  HOH HOH A . 
B 2 HOH 91  91  91  HOH HOH A . 
B 2 HOH 92  92  92  HOH HOH A . 
B 2 HOH 93  93  93  HOH HOH A . 
B 2 HOH 94  94  94  HOH HOH A . 
B 2 HOH 95  95  95  HOH HOH A . 
B 2 HOH 96  96  96  HOH HOH A . 
B 2 HOH 97  97  97  HOH HOH A . 
B 2 HOH 98  98  98  HOH HOH A . 
B 2 HOH 99  99  99  HOH HOH A . 
B 2 HOH 100 100 100 HOH HOH A . 
B 2 HOH 101 101 101 HOH HOH A . 
B 2 HOH 102 102 102 HOH HOH A . 
B 2 HOH 103 103 103 HOH HOH A . 
B 2 HOH 104 104 104 HOH HOH A . 
B 2 HOH 105 105 105 HOH HOH A . 
B 2 HOH 106 106 106 HOH HOH A . 
B 2 HOH 107 108 108 HOH HOH A . 
B 2 HOH 108 109 109 HOH HOH A . 
B 2 HOH 109 110 110 HOH HOH A . 
B 2 HOH 110 111 111 HOH HOH A . 
B 2 HOH 111 112 112 HOH HOH A . 
B 2 HOH 112 113 113 HOH HOH A . 
B 2 HOH 113 114 114 HOH HOH A . 
B 2 HOH 114 115 115 HOH HOH A . 
B 2 HOH 115 116 116 HOH HOH A . 
B 2 HOH 116 117 117 HOH HOH A . 
B 2 HOH 117 118 118 HOH HOH A . 
B 2 HOH 118 119 119 HOH HOH A . 
# 
_pdbx_struct_assembly.id                   1 
_pdbx_struct_assembly.details              author_defined_assembly 
_pdbx_struct_assembly.method_details       ? 
_pdbx_struct_assembly.oligomeric_details   monomeric 
_pdbx_struct_assembly.oligomeric_count     1 
# 
_pdbx_struct_assembly_gen.assembly_id       1 
_pdbx_struct_assembly_gen.oper_expression   1 
_pdbx_struct_assembly_gen.asym_id_list      A,B 
# 
_pdbx_struct_oper_list.id                   1 
_pdbx_struct_oper_list.type                 'identity operation' 
_pdbx_struct_oper_list.name                 1_555 
_pdbx_struct_oper_list.symmetry_operation   x,y,z 
_pdbx_struct_oper_list.matrix[1][1]         1.0000000000 
_pdbx_struct_oper_list.matrix[1][2]         0.0000000000 
_pdbx_struct_oper_list.matrix[1][3]         0.0000000000 
_pdbx_struct_oper_list.vector[1]            0.0000000000 
_pdbx_struct_oper_list.matrix[2][1]         0.0000000000 
_pdbx_struct_oper_list.matrix[2][2]         1.0000000000 
_pdbx_struct_oper_list.matrix[2][3]         0.0000000000 
_pdbx_struct_oper_list.vector[2]            0.0000000000 
_pdbx_struct_oper_list.matrix[3][1]         0.0000000000 
_pdbx_struct_oper_list.matrix[3][2]         0.0000000000 
_pdbx_struct_oper_list.matrix[3][3]         1.0000000000 
_pdbx_struct_oper_list.vector[3]            0.0000000000 
# 
loop_
_pdbx_audit_revision_history.ordinal 
_pdbx_audit_revision_history.data_content_type 
_pdbx_audit_revision_history.major_revision 
_pdbx_audit_revision_history.minor_revision 
_pdbx_audit_revision_history.revision_date 
1 'Structure model' 1 0 2004-05-04 
2 'Structure model' 1 1 2008-04-29 
3 'Structure model' 1 2 2011-07-13 
4 'Structure model' 1 3 2023-08-16 
# 
_pdbx_audit_revision_details.ordinal             1 
_pdbx_audit_revision_details.revision_ordinal    1 
_pdbx_audit_revision_details.data_content_type   'Structure model' 
_pdbx_audit_revision_details.provider            repository 
_pdbx_audit_revision_details.type                'Initial release' 
_pdbx_audit_revision_details.description         ? 
_pdbx_audit_revision_details.details             ? 
# 
loop_
_pdbx_audit_revision_group.ordinal 
_pdbx_audit_revision_group.revision_ordinal 
_pdbx_audit_revision_group.data_content_type 
_pdbx_audit_revision_group.group 
1 2 'Structure model' 'Version format compliance' 
2 3 'Structure model' 'Version format compliance' 
3 4 'Structure model' 'Data collection'           
4 4 'Structure model' 'Database references'       
5 4 'Structure model' 'Refinement description'    
# 
loop_
_pdbx_audit_revision_category.ordinal 
_pdbx_audit_revision_category.revision_ordinal 
_pdbx_audit_revision_category.data_content_type 
_pdbx_audit_revision_category.category 
1 4 'Structure model' chem_comp_atom                
2 4 'Structure model' chem_comp_bond                
3 4 'Structure model' database_2                    
4 4 'Structure model' pdbx_initial_refinement_model 
# 
loop_
_pdbx_audit_revision_item.ordinal 
_pdbx_audit_revision_item.revision_ordinal 
_pdbx_audit_revision_item.data_content_type 
_pdbx_audit_revision_item.item 
1 4 'Structure model' '_database_2.pdbx_DOI'                
2 4 'Structure model' '_database_2.pdbx_database_accession' 
# 
loop_
_software.name 
_software.classification 
_software.version 
_software.citation_id 
_software.pdbx_ordinal 
DENZO     'data reduction' . ? 1 
SCALEPACK 'data scaling'   . ? 2 
AMoRE     phasing          . ? 3 
CNS       refinement       . ? 4 
# 
_pdbx_database_remark.id     650 
_pdbx_database_remark.text   
;HELIX
DETERMINATION METHOD: AUTHOR
;
# 
loop_
_pdbx_validate_torsion.id 
_pdbx_validate_torsion.PDB_model_num 
_pdbx_validate_torsion.auth_comp_id 
_pdbx_validate_torsion.auth_asym_id 
_pdbx_validate_torsion.auth_seq_id 
_pdbx_validate_torsion.PDB_ins_code 
_pdbx_validate_torsion.label_alt_id 
_pdbx_validate_torsion.phi 
_pdbx_validate_torsion.psi 
1 1 GLU A 217 ? ? 61.79   109.00  
2 1 LYS A 218 ? ? -166.22 56.27   
3 1 ASP A 219 ? ? 42.31   28.75   
4 1 LYS A 221 ? ? 65.90   -106.39 
5 1 ASP A 251 ? ? 54.52   -127.28 
# 
loop_
_pdbx_unobs_or_zero_occ_residues.id 
_pdbx_unobs_or_zero_occ_residues.PDB_model_num 
_pdbx_unobs_or_zero_occ_residues.polymer_flag 
_pdbx_unobs_or_zero_occ_residues.occupancy_flag 
_pdbx_unobs_or_zero_occ_residues.auth_asym_id 
_pdbx_unobs_or_zero_occ_residues.auth_comp_id 
_pdbx_unobs_or_zero_occ_residues.auth_seq_id 
_pdbx_unobs_or_zero_occ_residues.PDB_ins_code 
_pdbx_unobs_or_zero_occ_residues.label_asym_id 
_pdbx_unobs_or_zero_occ_residues.label_comp_id 
_pdbx_unobs_or_zero_occ_residues.label_seq_id 
1 1 Y 1 A ALA 152 ? A ALA 1 
2 1 Y 1 A ASN 153 ? A ASN 2 
3 1 Y 1 A LYS 154 ? A LYS 3 
4 1 Y 1 A LEU 155 ? A LEU 4 
5 1 Y 1 A ASP 156 ? A ASP 5 
# 
loop_
_chem_comp_atom.comp_id 
_chem_comp_atom.atom_id 
_chem_comp_atom.type_symbol 
_chem_comp_atom.pdbx_aromatic_flag 
_chem_comp_atom.pdbx_stereo_config 
_chem_comp_atom.pdbx_ordinal 
ALA N    N N N 1   
ALA CA   C N S 2   
ALA C    C N N 3   
ALA O    O N N 4   
ALA CB   C N N 5   
ALA OXT  O N N 6   
ALA H    H N N 7   
ALA H2   H N N 8   
ALA HA   H N N 9   
ALA HB1  H N N 10  
ALA HB2  H N N 11  
ALA HB3  H N N 12  
ALA HXT  H N N 13  
ARG N    N N N 14  
ARG CA   C N S 15  
ARG C    C N N 16  
ARG O    O N N 17  
ARG CB   C N N 18  
ARG CG   C N N 19  
ARG CD   C N N 20  
ARG NE   N N N 21  
ARG CZ   C N N 22  
ARG NH1  N N N 23  
ARG NH2  N N N 24  
ARG OXT  O N N 25  
ARG H    H N N 26  
ARG H2   H N N 27  
ARG HA   H N N 28  
ARG HB2  H N N 29  
ARG HB3  H N N 30  
ARG HG2  H N N 31  
ARG HG3  H N N 32  
ARG HD2  H N N 33  
ARG HD3  H N N 34  
ARG HE   H N N 35  
ARG HH11 H N N 36  
ARG HH12 H N N 37  
ARG HH21 H N N 38  
ARG HH22 H N N 39  
ARG HXT  H N N 40  
ASN N    N N N 41  
ASN CA   C N S 42  
ASN C    C N N 43  
ASN O    O N N 44  
ASN CB   C N N 45  
ASN CG   C N N 46  
ASN OD1  O N N 47  
ASN ND2  N N N 48  
ASN OXT  O N N 49  
ASN H    H N N 50  
ASN H2   H N N 51  
ASN HA   H N N 52  
ASN HB2  H N N 53  
ASN HB3  H N N 54  
ASN HD21 H N N 55  
ASN HD22 H N N 56  
ASN HXT  H N N 57  
ASP N    N N N 58  
ASP CA   C N S 59  
ASP C    C N N 60  
ASP O    O N N 61  
ASP CB   C N N 62  
ASP CG   C N N 63  
ASP OD1  O N N 64  
ASP OD2  O N N 65  
ASP OXT  O N N 66  
ASP H    H N N 67  
ASP H2   H N N 68  
ASP HA   H N N 69  
ASP HB2  H N N 70  
ASP HB3  H N N 71  
ASP HD2  H N N 72  
ASP HXT  H N N 73  
GLN N    N N N 74  
GLN CA   C N S 75  
GLN C    C N N 76  
GLN O    O N N 77  
GLN CB   C N N 78  
GLN CG   C N N 79  
GLN CD   C N N 80  
GLN OE1  O N N 81  
GLN NE2  N N N 82  
GLN OXT  O N N 83  
GLN H    H N N 84  
GLN H2   H N N 85  
GLN HA   H N N 86  
GLN HB2  H N N 87  
GLN HB3  H N N 88  
GLN HG2  H N N 89  
GLN HG3  H N N 90  
GLN HE21 H N N 91  
GLN HE22 H N N 92  
GLN HXT  H N N 93  
GLU N    N N N 94  
GLU CA   C N S 95  
GLU C    C N N 96  
GLU O    O N N 97  
GLU CB   C N N 98  
GLU CG   C N N 99  
GLU CD   C N N 100 
GLU OE1  O N N 101 
GLU OE2  O N N 102 
GLU OXT  O N N 103 
GLU H    H N N 104 
GLU H2   H N N 105 
GLU HA   H N N 106 
GLU HB2  H N N 107 
GLU HB3  H N N 108 
GLU HG2  H N N 109 
GLU HG3  H N N 110 
GLU HE2  H N N 111 
GLU HXT  H N N 112 
GLY N    N N N 113 
GLY CA   C N N 114 
GLY C    C N N 115 
GLY O    O N N 116 
GLY OXT  O N N 117 
GLY H    H N N 118 
GLY H2   H N N 119 
GLY HA2  H N N 120 
GLY HA3  H N N 121 
GLY HXT  H N N 122 
HOH O    O N N 123 
HOH H1   H N N 124 
HOH H2   H N N 125 
ILE N    N N N 126 
ILE CA   C N S 127 
ILE C    C N N 128 
ILE O    O N N 129 
ILE CB   C N S 130 
ILE CG1  C N N 131 
ILE CG2  C N N 132 
ILE CD1  C N N 133 
ILE OXT  O N N 134 
ILE H    H N N 135 
ILE H2   H N N 136 
ILE HA   H N N 137 
ILE HB   H N N 138 
ILE HG12 H N N 139 
ILE HG13 H N N 140 
ILE HG21 H N N 141 
ILE HG22 H N N 142 
ILE HG23 H N N 143 
ILE HD11 H N N 144 
ILE HD12 H N N 145 
ILE HD13 H N N 146 
ILE HXT  H N N 147 
LEU N    N N N 148 
LEU CA   C N S 149 
LEU C    C N N 150 
LEU O    O N N 151 
LEU CB   C N N 152 
LEU CG   C N N 153 
LEU CD1  C N N 154 
LEU CD2  C N N 155 
LEU OXT  O N N 156 
LEU H    H N N 157 
LEU H2   H N N 158 
LEU HA   H N N 159 
LEU HB2  H N N 160 
LEU HB3  H N N 161 
LEU HG   H N N 162 
LEU HD11 H N N 163 
LEU HD12 H N N 164 
LEU HD13 H N N 165 
LEU HD21 H N N 166 
LEU HD22 H N N 167 
LEU HD23 H N N 168 
LEU HXT  H N N 169 
LYS N    N N N 170 
LYS CA   C N S 171 
LYS C    C N N 172 
LYS O    O N N 173 
LYS CB   C N N 174 
LYS CG   C N N 175 
LYS CD   C N N 176 
LYS CE   C N N 177 
LYS NZ   N N N 178 
LYS OXT  O N N 179 
LYS H    H N N 180 
LYS H2   H N N 181 
LYS HA   H N N 182 
LYS HB2  H N N 183 
LYS HB3  H N N 184 
LYS HG2  H N N 185 
LYS HG3  H N N 186 
LYS HD2  H N N 187 
LYS HD3  H N N 188 
LYS HE2  H N N 189 
LYS HE3  H N N 190 
LYS HZ1  H N N 191 
LYS HZ2  H N N 192 
LYS HZ3  H N N 193 
LYS HXT  H N N 194 
PHE N    N N N 195 
PHE CA   C N S 196 
PHE C    C N N 197 
PHE O    O N N 198 
PHE CB   C N N 199 
PHE CG   C Y N 200 
PHE CD1  C Y N 201 
PHE CD2  C Y N 202 
PHE CE1  C Y N 203 
PHE CE2  C Y N 204 
PHE CZ   C Y N 205 
PHE OXT  O N N 206 
PHE H    H N N 207 
PHE H2   H N N 208 
PHE HA   H N N 209 
PHE HB2  H N N 210 
PHE HB3  H N N 211 
PHE HD1  H N N 212 
PHE HD2  H N N 213 
PHE HE1  H N N 214 
PHE HE2  H N N 215 
PHE HZ   H N N 216 
PHE HXT  H N N 217 
SER N    N N N 218 
SER CA   C N S 219 
SER C    C N N 220 
SER O    O N N 221 
SER CB   C N N 222 
SER OG   O N N 223 
SER OXT  O N N 224 
SER H    H N N 225 
SER H2   H N N 226 
SER HA   H N N 227 
SER HB2  H N N 228 
SER HB3  H N N 229 
SER HG   H N N 230 
SER HXT  H N N 231 
THR N    N N N 232 
THR CA   C N S 233 
THR C    C N N 234 
THR O    O N N 235 
THR CB   C N R 236 
THR OG1  O N N 237 
THR CG2  C N N 238 
THR OXT  O N N 239 
THR H    H N N 240 
THR H2   H N N 241 
THR HA   H N N 242 
THR HB   H N N 243 
THR HG1  H N N 244 
THR HG21 H N N 245 
THR HG22 H N N 246 
THR HG23 H N N 247 
THR HXT  H N N 248 
TRP N    N N N 249 
TRP CA   C N S 250 
TRP C    C N N 251 
TRP O    O N N 252 
TRP CB   C N N 253 
TRP CG   C Y N 254 
TRP CD1  C Y N 255 
TRP CD2  C Y N 256 
TRP NE1  N Y N 257 
TRP CE2  C Y N 258 
TRP CE3  C Y N 259 
TRP CZ2  C Y N 260 
TRP CZ3  C Y N 261 
TRP CH2  C Y N 262 
TRP OXT  O N N 263 
TRP H    H N N 264 
TRP H2   H N N 265 
TRP HA   H N N 266 
TRP HB2  H N N 267 
TRP HB3  H N N 268 
TRP HD1  H N N 269 
TRP HE1  H N N 270 
TRP HE3  H N N 271 
TRP HZ2  H N N 272 
TRP HZ3  H N N 273 
TRP HH2  H N N 274 
TRP HXT  H N N 275 
TYR N    N N N 276 
TYR CA   C N S 277 
TYR C    C N N 278 
TYR O    O N N 279 
TYR CB   C N N 280 
TYR CG   C Y N 281 
TYR CD1  C Y N 282 
TYR CD2  C Y N 283 
TYR CE1  C Y N 284 
TYR CE2  C Y N 285 
TYR CZ   C Y N 286 
TYR OH   O N N 287 
TYR OXT  O N N 288 
TYR H    H N N 289 
TYR H2   H N N 290 
TYR HA   H N N 291 
TYR HB2  H N N 292 
TYR HB3  H N N 293 
TYR HD1  H N N 294 
TYR HD2  H N N 295 
TYR HE1  H N N 296 
TYR HE2  H N N 297 
TYR HH   H N N 298 
TYR HXT  H N N 299 
VAL N    N N N 300 
VAL CA   C N S 301 
VAL C    C N N 302 
VAL O    O N N 303 
VAL CB   C N N 304 
VAL CG1  C N N 305 
VAL CG2  C N N 306 
VAL OXT  O N N 307 
VAL H    H N N 308 
VAL H2   H N N 309 
VAL HA   H N N 310 
VAL HB   H N N 311 
VAL HG11 H N N 312 
VAL HG12 H N N 313 
VAL HG13 H N N 314 
VAL HG21 H N N 315 
VAL HG22 H N N 316 
VAL HG23 H N N 317 
VAL HXT  H N N 318 
# 
loop_
_chem_comp_bond.comp_id 
_chem_comp_bond.atom_id_1 
_chem_comp_bond.atom_id_2 
_chem_comp_bond.value_order 
_chem_comp_bond.pdbx_aromatic_flag 
_chem_comp_bond.pdbx_stereo_config 
_chem_comp_bond.pdbx_ordinal 
ALA N   CA   sing N N 1   
ALA N   H    sing N N 2   
ALA N   H2   sing N N 3   
ALA CA  C    sing N N 4   
ALA CA  CB   sing N N 5   
ALA CA  HA   sing N N 6   
ALA C   O    doub N N 7   
ALA C   OXT  sing N N 8   
ALA CB  HB1  sing N N 9   
ALA CB  HB2  sing N N 10  
ALA CB  HB3  sing N N 11  
ALA OXT HXT  sing N N 12  
ARG N   CA   sing N N 13  
ARG N   H    sing N N 14  
ARG N   H2   sing N N 15  
ARG CA  C    sing N N 16  
ARG CA  CB   sing N N 17  
ARG CA  HA   sing N N 18  
ARG C   O    doub N N 19  
ARG C   OXT  sing N N 20  
ARG CB  CG   sing N N 21  
ARG CB  HB2  sing N N 22  
ARG CB  HB3  sing N N 23  
ARG CG  CD   sing N N 24  
ARG CG  HG2  sing N N 25  
ARG CG  HG3  sing N N 26  
ARG CD  NE   sing N N 27  
ARG CD  HD2  sing N N 28  
ARG CD  HD3  sing N N 29  
ARG NE  CZ   sing N N 30  
ARG NE  HE   sing N N 31  
ARG CZ  NH1  sing N N 32  
ARG CZ  NH2  doub N N 33  
ARG NH1 HH11 sing N N 34  
ARG NH1 HH12 sing N N 35  
ARG NH2 HH21 sing N N 36  
ARG NH2 HH22 sing N N 37  
ARG OXT HXT  sing N N 38  
ASN N   CA   sing N N 39  
ASN N   H    sing N N 40  
ASN N   H2   sing N N 41  
ASN CA  C    sing N N 42  
ASN CA  CB   sing N N 43  
ASN CA  HA   sing N N 44  
ASN C   O    doub N N 45  
ASN C   OXT  sing N N 46  
ASN CB  CG   sing N N 47  
ASN CB  HB2  sing N N 48  
ASN CB  HB3  sing N N 49  
ASN CG  OD1  doub N N 50  
ASN CG  ND2  sing N N 51  
ASN ND2 HD21 sing N N 52  
ASN ND2 HD22 sing N N 53  
ASN OXT HXT  sing N N 54  
ASP N   CA   sing N N 55  
ASP N   H    sing N N 56  
ASP N   H2   sing N N 57  
ASP CA  C    sing N N 58  
ASP CA  CB   sing N N 59  
ASP CA  HA   sing N N 60  
ASP C   O    doub N N 61  
ASP C   OXT  sing N N 62  
ASP CB  CG   sing N N 63  
ASP CB  HB2  sing N N 64  
ASP CB  HB3  sing N N 65  
ASP CG  OD1  doub N N 66  
ASP CG  OD2  sing N N 67  
ASP OD2 HD2  sing N N 68  
ASP OXT HXT  sing N N 69  
GLN N   CA   sing N N 70  
GLN N   H    sing N N 71  
GLN N   H2   sing N N 72  
GLN CA  C    sing N N 73  
GLN CA  CB   sing N N 74  
GLN CA  HA   sing N N 75  
GLN C   O    doub N N 76  
GLN C   OXT  sing N N 77  
GLN CB  CG   sing N N 78  
GLN CB  HB2  sing N N 79  
GLN CB  HB3  sing N N 80  
GLN CG  CD   sing N N 81  
GLN CG  HG2  sing N N 82  
GLN CG  HG3  sing N N 83  
GLN CD  OE1  doub N N 84  
GLN CD  NE2  sing N N 85  
GLN NE2 HE21 sing N N 86  
GLN NE2 HE22 sing N N 87  
GLN OXT HXT  sing N N 88  
GLU N   CA   sing N N 89  
GLU N   H    sing N N 90  
GLU N   H2   sing N N 91  
GLU CA  C    sing N N 92  
GLU CA  CB   sing N N 93  
GLU CA  HA   sing N N 94  
GLU C   O    doub N N 95  
GLU C   OXT  sing N N 96  
GLU CB  CG   sing N N 97  
GLU CB  HB2  sing N N 98  
GLU CB  HB3  sing N N 99  
GLU CG  CD   sing N N 100 
GLU CG  HG2  sing N N 101 
GLU CG  HG3  sing N N 102 
GLU CD  OE1  doub N N 103 
GLU CD  OE2  sing N N 104 
GLU OE2 HE2  sing N N 105 
GLU OXT HXT  sing N N 106 
GLY N   CA   sing N N 107 
GLY N   H    sing N N 108 
GLY N   H2   sing N N 109 
GLY CA  C    sing N N 110 
GLY CA  HA2  sing N N 111 
GLY CA  HA3  sing N N 112 
GLY C   O    doub N N 113 
GLY C   OXT  sing N N 114 
GLY OXT HXT  sing N N 115 
HOH O   H1   sing N N 116 
HOH O   H2   sing N N 117 
ILE N   CA   sing N N 118 
ILE N   H    sing N N 119 
ILE N   H2   sing N N 120 
ILE CA  C    sing N N 121 
ILE CA  CB   sing N N 122 
ILE CA  HA   sing N N 123 
ILE C   O    doub N N 124 
ILE C   OXT  sing N N 125 
ILE CB  CG1  sing N N 126 
ILE CB  CG2  sing N N 127 
ILE CB  HB   sing N N 128 
ILE CG1 CD1  sing N N 129 
ILE CG1 HG12 sing N N 130 
ILE CG1 HG13 sing N N 131 
ILE CG2 HG21 sing N N 132 
ILE CG2 HG22 sing N N 133 
ILE CG2 HG23 sing N N 134 
ILE CD1 HD11 sing N N 135 
ILE CD1 HD12 sing N N 136 
ILE CD1 HD13 sing N N 137 
ILE OXT HXT  sing N N 138 
LEU N   CA   sing N N 139 
LEU N   H    sing N N 140 
LEU N   H2   sing N N 141 
LEU CA  C    sing N N 142 
LEU CA  CB   sing N N 143 
LEU CA  HA   sing N N 144 
LEU C   O    doub N N 145 
LEU C   OXT  sing N N 146 
LEU CB  CG   sing N N 147 
LEU CB  HB2  sing N N 148 
LEU CB  HB3  sing N N 149 
LEU CG  CD1  sing N N 150 
LEU CG  CD2  sing N N 151 
LEU CG  HG   sing N N 152 
LEU CD1 HD11 sing N N 153 
LEU CD1 HD12 sing N N 154 
LEU CD1 HD13 sing N N 155 
LEU CD2 HD21 sing N N 156 
LEU CD2 HD22 sing N N 157 
LEU CD2 HD23 sing N N 158 
LEU OXT HXT  sing N N 159 
LYS N   CA   sing N N 160 
LYS N   H    sing N N 161 
LYS N   H2   sing N N 162 
LYS CA  C    sing N N 163 
LYS CA  CB   sing N N 164 
LYS CA  HA   sing N N 165 
LYS C   O    doub N N 166 
LYS C   OXT  sing N N 167 
LYS CB  CG   sing N N 168 
LYS CB  HB2  sing N N 169 
LYS CB  HB3  sing N N 170 
LYS CG  CD   sing N N 171 
LYS CG  HG2  sing N N 172 
LYS CG  HG3  sing N N 173 
LYS CD  CE   sing N N 174 
LYS CD  HD2  sing N N 175 
LYS CD  HD3  sing N N 176 
LYS CE  NZ   sing N N 177 
LYS CE  HE2  sing N N 178 
LYS CE  HE3  sing N N 179 
LYS NZ  HZ1  sing N N 180 
LYS NZ  HZ2  sing N N 181 
LYS NZ  HZ3  sing N N 182 
LYS OXT HXT  sing N N 183 
PHE N   CA   sing N N 184 
PHE N   H    sing N N 185 
PHE N   H2   sing N N 186 
PHE CA  C    sing N N 187 
PHE CA  CB   sing N N 188 
PHE CA  HA   sing N N 189 
PHE C   O    doub N N 190 
PHE C   OXT  sing N N 191 
PHE CB  CG   sing N N 192 
PHE CB  HB2  sing N N 193 
PHE CB  HB3  sing N N 194 
PHE CG  CD1  doub Y N 195 
PHE CG  CD2  sing Y N 196 
PHE CD1 CE1  sing Y N 197 
PHE CD1 HD1  sing N N 198 
PHE CD2 CE2  doub Y N 199 
PHE CD2 HD2  sing N N 200 
PHE CE1 CZ   doub Y N 201 
PHE CE1 HE1  sing N N 202 
PHE CE2 CZ   sing Y N 203 
PHE CE2 HE2  sing N N 204 
PHE CZ  HZ   sing N N 205 
PHE OXT HXT  sing N N 206 
SER N   CA   sing N N 207 
SER N   H    sing N N 208 
SER N   H2   sing N N 209 
SER CA  C    sing N N 210 
SER CA  CB   sing N N 211 
SER CA  HA   sing N N 212 
SER C   O    doub N N 213 
SER C   OXT  sing N N 214 
SER CB  OG   sing N N 215 
SER CB  HB2  sing N N 216 
SER CB  HB3  sing N N 217 
SER OG  HG   sing N N 218 
SER OXT HXT  sing N N 219 
THR N   CA   sing N N 220 
THR N   H    sing N N 221 
THR N   H2   sing N N 222 
THR CA  C    sing N N 223 
THR CA  CB   sing N N 224 
THR CA  HA   sing N N 225 
THR C   O    doub N N 226 
THR C   OXT  sing N N 227 
THR CB  OG1  sing N N 228 
THR CB  CG2  sing N N 229 
THR CB  HB   sing N N 230 
THR OG1 HG1  sing N N 231 
THR CG2 HG21 sing N N 232 
THR CG2 HG22 sing N N 233 
THR CG2 HG23 sing N N 234 
THR OXT HXT  sing N N 235 
TRP N   CA   sing N N 236 
TRP N   H    sing N N 237 
TRP N   H2   sing N N 238 
TRP CA  C    sing N N 239 
TRP CA  CB   sing N N 240 
TRP CA  HA   sing N N 241 
TRP C   O    doub N N 242 
TRP C   OXT  sing N N 243 
TRP CB  CG   sing N N 244 
TRP CB  HB2  sing N N 245 
TRP CB  HB3  sing N N 246 
TRP CG  CD1  doub Y N 247 
TRP CG  CD2  sing Y N 248 
TRP CD1 NE1  sing Y N 249 
TRP CD1 HD1  sing N N 250 
TRP CD2 CE2  doub Y N 251 
TRP CD2 CE3  sing Y N 252 
TRP NE1 CE2  sing Y N 253 
TRP NE1 HE1  sing N N 254 
TRP CE2 CZ2  sing Y N 255 
TRP CE3 CZ3  doub Y N 256 
TRP CE3 HE3  sing N N 257 
TRP CZ2 CH2  doub Y N 258 
TRP CZ2 HZ2  sing N N 259 
TRP CZ3 CH2  sing Y N 260 
TRP CZ3 HZ3  sing N N 261 
TRP CH2 HH2  sing N N 262 
TRP OXT HXT  sing N N 263 
TYR N   CA   sing N N 264 
TYR N   H    sing N N 265 
TYR N   H2   sing N N 266 
TYR CA  C    sing N N 267 
TYR CA  CB   sing N N 268 
TYR CA  HA   sing N N 269 
TYR C   O    doub N N 270 
TYR C   OXT  sing N N 271 
TYR CB  CG   sing N N 272 
TYR CB  HB2  sing N N 273 
TYR CB  HB3  sing N N 274 
TYR CG  CD1  doub Y N 275 
TYR CG  CD2  sing Y N 276 
TYR CD1 CE1  sing Y N 277 
TYR CD1 HD1  sing N N 278 
TYR CD2 CE2  doub Y N 279 
TYR CD2 HD2  sing N N 280 
TYR CE1 CZ   doub Y N 281 
TYR CE1 HE1  sing N N 282 
TYR CE2 CZ   sing Y N 283 
TYR CE2 HE2  sing N N 284 
TYR CZ  OH   sing N N 285 
TYR OH  HH   sing N N 286 
TYR OXT HXT  sing N N 287 
VAL N   CA   sing N N 288 
VAL N   H    sing N N 289 
VAL N   H2   sing N N 290 
VAL CA  C    sing N N 291 
VAL CA  CB   sing N N 292 
VAL CA  HA   sing N N 293 
VAL C   O    doub N N 294 
VAL C   OXT  sing N N 295 
VAL CB  CG1  sing N N 296 
VAL CB  CG2  sing N N 297 
VAL CB  HB   sing N N 298 
VAL CG1 HG11 sing N N 299 
VAL CG1 HG12 sing N N 300 
VAL CG1 HG13 sing N N 301 
VAL CG2 HG21 sing N N 302 
VAL CG2 HG22 sing N N 303 
VAL CG2 HG23 sing N N 304 
VAL OXT HXT  sing N N 305 
# 
_pdbx_entity_nonpoly.entity_id   2 
_pdbx_entity_nonpoly.name        water 
_pdbx_entity_nonpoly.comp_id     HOH 
# 
_pdbx_initial_refinement_model.id               1 
_pdbx_initial_refinement_model.entity_id_list   ? 
_pdbx_initial_refinement_model.type             'experimental model' 
_pdbx_initial_refinement_model.source_name      PDB 
_pdbx_initial_refinement_model.accession_code   1OSP 
_pdbx_initial_refinement_model.details          'PDB ENTRY 1OSP' 
# 
